data_5FG6
# 
_entry.id   5FG6 
# 
_audit_conform.dict_name       mmcif_pdbx.dic 
_audit_conform.dict_version    5.383 
_audit_conform.dict_location   http://mmcif.pdb.org/dictionaries/ascii/mmcif_pdbx.dic 
# 
loop_
_database_2.database_id 
_database_2.database_code 
_database_2.pdbx_database_accession 
_database_2.pdbx_DOI 
PDB   5FG6         pdb_00005fg6 10.2210/pdb5fg6/pdb 
WWPDB D_1000216537 ?            ?                   
# 
loop_
_pdbx_audit_revision_history.ordinal 
_pdbx_audit_revision_history.data_content_type 
_pdbx_audit_revision_history.major_revision 
_pdbx_audit_revision_history.minor_revision 
_pdbx_audit_revision_history.revision_date 
1 'Structure model' 1 0 2016-02-03 
2 'Structure model' 2 0 2024-01-10 
# 
_pdbx_audit_revision_details.ordinal             1 
_pdbx_audit_revision_details.revision_ordinal    1 
_pdbx_audit_revision_details.data_content_type   'Structure model' 
_pdbx_audit_revision_details.provider            repository 
_pdbx_audit_revision_details.type                'Initial release' 
_pdbx_audit_revision_details.description         ? 
_pdbx_audit_revision_details.details             ? 
# 
loop_
_pdbx_audit_revision_group.ordinal 
_pdbx_audit_revision_group.revision_ordinal 
_pdbx_audit_revision_group.data_content_type 
_pdbx_audit_revision_group.group 
1 2 'Structure model' 'Atomic model'           
2 2 'Structure model' 'Data collection'        
3 2 'Structure model' 'Database references'    
4 2 'Structure model' 'Refinement description' 
# 
loop_
_pdbx_audit_revision_category.ordinal 
_pdbx_audit_revision_category.revision_ordinal 
_pdbx_audit_revision_category.data_content_type 
_pdbx_audit_revision_category.category 
1 2 'Structure model' atom_site                     
2 2 'Structure model' chem_comp_atom                
3 2 'Structure model' chem_comp_bond                
4 2 'Structure model' database_2                    
5 2 'Structure model' pdbx_initial_refinement_model 
# 
loop_
_pdbx_audit_revision_item.ordinal 
_pdbx_audit_revision_item.revision_ordinal 
_pdbx_audit_revision_item.data_content_type 
_pdbx_audit_revision_item.item 
1 2 'Structure model' '_atom_site.occupancy'                
2 2 'Structure model' '_database_2.pdbx_DOI'                
3 2 'Structure model' '_database_2.pdbx_database_accession' 
# 
_pdbx_database_status.status_code                     REL 
_pdbx_database_status.status_code_sf                  REL 
_pdbx_database_status.status_code_mr                  ? 
_pdbx_database_status.entry_id                        5FG6 
_pdbx_database_status.recvd_initial_deposition_date   2015-12-20 
_pdbx_database_status.SG_entry                        Y 
_pdbx_database_status.deposit_site                    RCSB 
_pdbx_database_status.process_site                    PDBE 
_pdbx_database_status.status_code_cs                  ? 
_pdbx_database_status.methods_development_category    ? 
_pdbx_database_status.pdb_format_compatible           Y 
_pdbx_database_status.status_code_nmr_data            ? 
# 
loop_
_audit_author.name 
_audit_author.pdbx_ordinal 
'Tallant, C.'         1  
'Owen, D.R.'          2  
'Gerstenberger, B.S.' 3  
'Savitsky, P.'        4  
'Chaikuad, A.'        5  
'Fedorov, O.'         6  
'Nunez-Alonso, G.'    7  
'Filippakopoulos, P.' 8  
'von Delft, F.'       9  
'Arrowsmith, C.H.'    10 
'Edwards, A.M.'       11 
'Bountra, C.'         12 
'Muller, S.'          13 
'Knapp, S.'           14 
# 
_citation.abstract                  ? 
_citation.abstract_id_CAS           ? 
_citation.book_id_ISBN              ? 
_citation.book_publisher            ? 
_citation.book_publisher_city       ? 
_citation.book_title                ? 
_citation.coordinate_linkage        ? 
_citation.country                   ? 
_citation.database_id_Medline       ? 
_citation.details                   ? 
_citation.id                        primary 
_citation.journal_abbrev            'To Be Published' 
_citation.journal_id_ASTM           ? 
_citation.journal_id_CSD            0353 
_citation.journal_id_ISSN           ? 
_citation.journal_full              ? 
_citation.journal_issue             ? 
_citation.journal_volume            ? 
_citation.language                  ? 
_citation.page_first                ? 
_citation.page_last                 ? 
_citation.title                     
'Crystal structure of the bromodomain of human BRD1 (BRPF2) in complex with OF-1 chemical probe' 
_citation.year                      ? 
_citation.database_id_CSD           ? 
_citation.pdbx_database_id_DOI      ? 
_citation.pdbx_database_id_PubMed   ? 
_citation.unpublished_flag          ? 
# 
loop_
_citation_author.citation_id 
_citation_author.name 
_citation_author.ordinal 
_citation_author.identifier_ORCID 
primary 'Tallant, C.'         1  ? 
primary 'Owen, D.R.'          2  ? 
primary 'Gerstenberger, B.S.' 3  ? 
primary 'Savitsky, P.'        4  ? 
primary 'Chaikuad, A.'        5  ? 
primary 'Fedorov, O.'         6  ? 
primary 'Nunez-Alonso, G.'    7  ? 
primary 'Filippakopoulos, P.' 8  ? 
primary 'von Delft, F.'       9  ? 
primary 'Arrowsmith, C.H.'    10 ? 
primary 'Edwards, A.M.'       11 ? 
primary 'Bountra, C.'         12 ? 
primary 'Muller, S.'          13 ? 
primary 'Knapp, S.'           14 ? 
# 
loop_
_entity.id 
_entity.type 
_entity.src_method 
_entity.pdbx_description 
_entity.formula_weight 
_entity.pdbx_number_of_molecules 
_entity.pdbx_ec 
_entity.pdbx_mutation 
_entity.pdbx_fragment 
_entity.details 
1 polymer     man 'Bromodomain-containing protein 1'                                                                       
14862.024 1   ? ? ? ? 
2 non-polymer syn 1,2-ETHANEDIOL                                                                                           62.068 
4   ? ? ? ? 
3 non-polymer syn '4-bromanyl-~{N}-(6-methoxy-1,3-dimethyl-2-oxidanylidene-benzimidazol-5-yl)-2-methyl-benzenesulfonamide' 440.312 
1   ? ? ? ? 
4 non-polymer syn 'NICKEL (II) ION'                                                                                        58.693 
1   ? ? ? ? 
5 non-polymer syn 'PHOSPHATE ION'                                                                                          94.971 
1   ? ? ? ? 
6 water       nat water                                                                                                    18.015 
190 ? ? ? ? 
# 
_entity_name_com.entity_id   1 
_entity_name_com.name        'BR140-like protein,Bromodomain and PHD finger-containing protein 2' 
# 
_entity_poly.entity_id                      1 
_entity_poly.type                           'polypeptide(L)' 
_entity_poly.nstd_linkage                   no 
_entity_poly.nstd_monomer                   no 
_entity_poly.pdbx_seq_one_letter_code       
;SMRLTPLTVLLRSVLDQLQDKDPARIFAQPVSLKEVPDYLDHIKHPMDFATMRKRLEAQGYKNLHEFEEDFDLIIDNCMK
YNARDTVFYRAAVRLRDQGGVVLRQARREVDSIGLEEASGMHLPERPA
;
_entity_poly.pdbx_seq_one_letter_code_can   
;SMRLTPLTVLLRSVLDQLQDKDPARIFAQPVSLKEVPDYLDHIKHPMDFATMRKRLEAQGYKNLHEFEEDFDLIIDNCMK
YNARDTVFYRAAVRLRDQGGVVLRQARREVDSIGLEEASGMHLPERPA
;
_entity_poly.pdbx_strand_id                 A 
_entity_poly.pdbx_target_identifier         ? 
# 
loop_
_pdbx_entity_nonpoly.entity_id 
_pdbx_entity_nonpoly.name 
_pdbx_entity_nonpoly.comp_id 
2 1,2-ETHANEDIOL                                                                                           EDO 
3 '4-bromanyl-~{N}-(6-methoxy-1,3-dimethyl-2-oxidanylidene-benzimidazol-5-yl)-2-methyl-benzenesulfonamide' 5XE 
4 'NICKEL (II) ION'                                                                                        NI  
5 'PHOSPHATE ION'                                                                                          PO4 
6 water                                                                                                    HOH 
# 
loop_
_entity_poly_seq.entity_id 
_entity_poly_seq.num 
_entity_poly_seq.mon_id 
_entity_poly_seq.hetero 
1 1   SER n 
1 2   MET n 
1 3   ARG n 
1 4   LEU n 
1 5   THR n 
1 6   PRO n 
1 7   LEU n 
1 8   THR n 
1 9   VAL n 
1 10  LEU n 
1 11  LEU n 
1 12  ARG n 
1 13  SER n 
1 14  VAL n 
1 15  LEU n 
1 16  ASP n 
1 17  GLN n 
1 18  LEU n 
1 19  GLN n 
1 20  ASP n 
1 21  LYS n 
1 22  ASP n 
1 23  PRO n 
1 24  ALA n 
1 25  ARG n 
1 26  ILE n 
1 27  PHE n 
1 28  ALA n 
1 29  GLN n 
1 30  PRO n 
1 31  VAL n 
1 32  SER n 
1 33  LEU n 
1 34  LYS n 
1 35  GLU n 
1 36  VAL n 
1 37  PRO n 
1 38  ASP n 
1 39  TYR n 
1 40  LEU n 
1 41  ASP n 
1 42  HIS n 
1 43  ILE n 
1 44  LYS n 
1 45  HIS n 
1 46  PRO n 
1 47  MET n 
1 48  ASP n 
1 49  PHE n 
1 50  ALA n 
1 51  THR n 
1 52  MET n 
1 53  ARG n 
1 54  LYS n 
1 55  ARG n 
1 56  LEU n 
1 57  GLU n 
1 58  ALA n 
1 59  GLN n 
1 60  GLY n 
1 61  TYR n 
1 62  LYS n 
1 63  ASN n 
1 64  LEU n 
1 65  HIS n 
1 66  GLU n 
1 67  PHE n 
1 68  GLU n 
1 69  GLU n 
1 70  ASP n 
1 71  PHE n 
1 72  ASP n 
1 73  LEU n 
1 74  ILE n 
1 75  ILE n 
1 76  ASP n 
1 77  ASN n 
1 78  CYS n 
1 79  MET n 
1 80  LYS n 
1 81  TYR n 
1 82  ASN n 
1 83  ALA n 
1 84  ARG n 
1 85  ASP n 
1 86  THR n 
1 87  VAL n 
1 88  PHE n 
1 89  TYR n 
1 90  ARG n 
1 91  ALA n 
1 92  ALA n 
1 93  VAL n 
1 94  ARG n 
1 95  LEU n 
1 96  ARG n 
1 97  ASP n 
1 98  GLN n 
1 99  GLY n 
1 100 GLY n 
1 101 VAL n 
1 102 VAL n 
1 103 LEU n 
1 104 ARG n 
1 105 GLN n 
1 106 ALA n 
1 107 ARG n 
1 108 ARG n 
1 109 GLU n 
1 110 VAL n 
1 111 ASP n 
1 112 SER n 
1 113 ILE n 
1 114 GLY n 
1 115 LEU n 
1 116 GLU n 
1 117 GLU n 
1 118 ALA n 
1 119 SER n 
1 120 GLY n 
1 121 MET n 
1 122 HIS n 
1 123 LEU n 
1 124 PRO n 
1 125 GLU n 
1 126 ARG n 
1 127 PRO n 
1 128 ALA n 
# 
_entity_src_gen.entity_id                          1 
_entity_src_gen.pdbx_src_id                        1 
_entity_src_gen.pdbx_alt_source_flag               sample 
_entity_src_gen.pdbx_seq_type                      'Biological sequence' 
_entity_src_gen.pdbx_beg_seq_num                   1 
_entity_src_gen.pdbx_end_seq_num                   128 
_entity_src_gen.gene_src_common_name               Human 
_entity_src_gen.gene_src_genus                     ? 
_entity_src_gen.pdbx_gene_src_gene                 'BRD1, BRL, BRPF2' 
_entity_src_gen.gene_src_species                   ? 
_entity_src_gen.gene_src_strain                    ? 
_entity_src_gen.gene_src_tissue                    ? 
_entity_src_gen.gene_src_tissue_fraction           ? 
_entity_src_gen.gene_src_details                   ? 
_entity_src_gen.pdbx_gene_src_fragment             ? 
_entity_src_gen.pdbx_gene_src_scientific_name      'Homo sapiens' 
_entity_src_gen.pdbx_gene_src_ncbi_taxonomy_id     9606 
_entity_src_gen.pdbx_gene_src_variant              ? 
_entity_src_gen.pdbx_gene_src_cell_line            ? 
_entity_src_gen.pdbx_gene_src_atcc                 ? 
_entity_src_gen.pdbx_gene_src_organ                ? 
_entity_src_gen.pdbx_gene_src_organelle            ? 
_entity_src_gen.pdbx_gene_src_cell                 ? 
_entity_src_gen.pdbx_gene_src_cellular_location    ? 
_entity_src_gen.host_org_common_name               ? 
_entity_src_gen.pdbx_host_org_scientific_name      'Escherichia coli' 
_entity_src_gen.pdbx_host_org_ncbi_taxonomy_id     562 
_entity_src_gen.host_org_genus                     ? 
_entity_src_gen.pdbx_host_org_gene                 ? 
_entity_src_gen.pdbx_host_org_organ                ? 
_entity_src_gen.host_org_species                   ? 
_entity_src_gen.pdbx_host_org_tissue               ? 
_entity_src_gen.pdbx_host_org_tissue_fraction      ? 
_entity_src_gen.pdbx_host_org_strain               ? 
_entity_src_gen.pdbx_host_org_variant              ? 
_entity_src_gen.pdbx_host_org_cell_line            ? 
_entity_src_gen.pdbx_host_org_atcc                 ? 
_entity_src_gen.pdbx_host_org_culture_collection   ? 
_entity_src_gen.pdbx_host_org_cell                 ? 
_entity_src_gen.pdbx_host_org_organelle            ? 
_entity_src_gen.pdbx_host_org_cellular_location    ? 
_entity_src_gen.pdbx_host_org_vector_type          plasmid 
_entity_src_gen.pdbx_host_org_vector               ? 
_entity_src_gen.host_org_details                   ? 
_entity_src_gen.expression_system_id               ? 
_entity_src_gen.plasmid_name                       pNIC28-Bsa4 
_entity_src_gen.plasmid_details                    ? 
_entity_src_gen.pdbx_description                   ? 
# 
loop_
_chem_comp.id 
_chem_comp.type 
_chem_comp.mon_nstd_flag 
_chem_comp.name 
_chem_comp.pdbx_synonyms 
_chem_comp.formula 
_chem_comp.formula_weight 
5XE non-polymer         . '4-bromanyl-~{N}-(6-methoxy-1,3-dimethyl-2-oxidanylidene-benzimidazol-5-yl)-2-methyl-benzenesulfonamide' 
?                 'C17 H18 Br N3 O4 S' 440.312 
ALA 'L-peptide linking' y ALANINE                                                                                                  
?                 'C3 H7 N O2'         89.093  
ARG 'L-peptide linking' y ARGININE                                                                                                 
?                 'C6 H15 N4 O2 1'     175.209 
ASN 'L-peptide linking' y ASPARAGINE                                                                                               
?                 'C4 H8 N2 O3'        132.118 
ASP 'L-peptide linking' y 'ASPARTIC ACID'                                                                                          
?                 'C4 H7 N O4'         133.103 
CYS 'L-peptide linking' y CYSTEINE                                                                                                 
?                 'C3 H7 N O2 S'       121.158 
EDO non-polymer         . 1,2-ETHANEDIOL                                                                                           
'ETHYLENE GLYCOL' 'C2 H6 O2'           62.068  
GLN 'L-peptide linking' y GLUTAMINE                                                                                                
?                 'C5 H10 N2 O3'       146.144 
GLU 'L-peptide linking' y 'GLUTAMIC ACID'                                                                                          
?                 'C5 H9 N O4'         147.129 
GLY 'peptide linking'   y GLYCINE                                                                                                  
?                 'C2 H5 N O2'         75.067  
HIS 'L-peptide linking' y HISTIDINE                                                                                                
?                 'C6 H10 N3 O2 1'     156.162 
HOH non-polymer         . WATER                                                                                                    
?                 'H2 O'               18.015  
ILE 'L-peptide linking' y ISOLEUCINE                                                                                               
?                 'C6 H13 N O2'        131.173 
LEU 'L-peptide linking' y LEUCINE                                                                                                  
?                 'C6 H13 N O2'        131.173 
LYS 'L-peptide linking' y LYSINE                                                                                                   
?                 'C6 H15 N2 O2 1'     147.195 
MET 'L-peptide linking' y METHIONINE                                                                                               
?                 'C5 H11 N O2 S'      149.211 
NI  non-polymer         . 'NICKEL (II) ION'                                                                                        
?                 'Ni 2'               58.693  
PHE 'L-peptide linking' y PHENYLALANINE                                                                                            
?                 'C9 H11 N O2'        165.189 
PO4 non-polymer         . 'PHOSPHATE ION'                                                                                          
?                 'O4 P -3'            94.971  
PRO 'L-peptide linking' y PROLINE                                                                                                  
?                 'C5 H9 N O2'         115.130 
SER 'L-peptide linking' y SERINE                                                                                                   
?                 'C3 H7 N O3'         105.093 
THR 'L-peptide linking' y THREONINE                                                                                                
?                 'C4 H9 N O3'         119.119 
TYR 'L-peptide linking' y TYROSINE                                                                                                 
?                 'C9 H11 N O3'        181.189 
VAL 'L-peptide linking' y VALINE                                                                                                   
?                 'C5 H11 N O2'        117.146 
# 
loop_
_pdbx_poly_seq_scheme.asym_id 
_pdbx_poly_seq_scheme.entity_id 
_pdbx_poly_seq_scheme.seq_id 
_pdbx_poly_seq_scheme.mon_id 
_pdbx_poly_seq_scheme.ndb_seq_num 
_pdbx_poly_seq_scheme.pdb_seq_num 
_pdbx_poly_seq_scheme.auth_seq_num 
_pdbx_poly_seq_scheme.pdb_mon_id 
_pdbx_poly_seq_scheme.auth_mon_id 
_pdbx_poly_seq_scheme.pdb_strand_id 
_pdbx_poly_seq_scheme.pdb_ins_code 
_pdbx_poly_seq_scheme.hetero 
A 1 1   SER 1   561 ?   ?   ?   A . n 
A 1 2   MET 2   562 ?   ?   ?   A . n 
A 1 3   ARG 3   563 563 ARG ARG A . n 
A 1 4   LEU 4   564 564 LEU LEU A . n 
A 1 5   THR 5   565 565 THR THR A . n 
A 1 6   PRO 6   566 566 PRO PRO A . n 
A 1 7   LEU 7   567 567 LEU LEU A . n 
A 1 8   THR 8   568 568 THR THR A . n 
A 1 9   VAL 9   569 569 VAL VAL A . n 
A 1 10  LEU 10  570 570 LEU LEU A . n 
A 1 11  LEU 11  571 571 LEU LEU A . n 
A 1 12  ARG 12  572 572 ARG ARG A . n 
A 1 13  SER 13  573 573 SER SER A . n 
A 1 14  VAL 14  574 574 VAL VAL A . n 
A 1 15  LEU 15  575 575 LEU LEU A . n 
A 1 16  ASP 16  576 576 ASP ASP A . n 
A 1 17  GLN 17  577 577 GLN GLN A . n 
A 1 18  LEU 18  578 578 LEU LEU A . n 
A 1 19  GLN 19  579 579 GLN GLN A . n 
A 1 20  ASP 20  580 580 ASP ASP A . n 
A 1 21  LYS 21  581 581 LYS LYS A . n 
A 1 22  ASP 22  582 582 ASP ASP A . n 
A 1 23  PRO 23  583 583 PRO PRO A . n 
A 1 24  ALA 24  584 584 ALA ALA A . n 
A 1 25  ARG 25  585 585 ARG ARG A . n 
A 1 26  ILE 26  586 586 ILE ILE A . n 
A 1 27  PHE 27  587 587 PHE PHE A . n 
A 1 28  ALA 28  588 588 ALA ALA A . n 
A 1 29  GLN 29  589 589 GLN GLN A . n 
A 1 30  PRO 30  590 590 PRO PRO A . n 
A 1 31  VAL 31  591 591 VAL VAL A . n 
A 1 32  SER 32  592 592 SER SER A . n 
A 1 33  LEU 33  593 593 LEU LEU A . n 
A 1 34  LYS 34  594 594 LYS LYS A . n 
A 1 35  GLU 35  595 595 GLU GLU A . n 
A 1 36  VAL 36  596 596 VAL VAL A . n 
A 1 37  PRO 37  597 597 PRO PRO A . n 
A 1 38  ASP 38  598 598 ASP ASP A . n 
A 1 39  TYR 39  599 599 TYR TYR A . n 
A 1 40  LEU 40  600 600 LEU LEU A . n 
A 1 41  ASP 41  601 601 ASP ASP A . n 
A 1 42  HIS 42  602 602 HIS HIS A . n 
A 1 43  ILE 43  603 603 ILE ILE A . n 
A 1 44  LYS 44  604 604 LYS LYS A . n 
A 1 45  HIS 45  605 605 HIS HIS A . n 
A 1 46  PRO 46  606 606 PRO PRO A . n 
A 1 47  MET 47  607 607 MET MET A . n 
A 1 48  ASP 48  608 608 ASP ASP A . n 
A 1 49  PHE 49  609 609 PHE PHE A . n 
A 1 50  ALA 50  610 610 ALA ALA A . n 
A 1 51  THR 51  611 611 THR THR A . n 
A 1 52  MET 52  612 612 MET MET A . n 
A 1 53  ARG 53  613 613 ARG ARG A . n 
A 1 54  LYS 54  614 614 LYS LYS A . n 
A 1 55  ARG 55  615 615 ARG ARG A . n 
A 1 56  LEU 56  616 616 LEU LEU A . n 
A 1 57  GLU 57  617 617 GLU GLU A . n 
A 1 58  ALA 58  618 618 ALA ALA A . n 
A 1 59  GLN 59  619 619 GLN GLN A . n 
A 1 60  GLY 60  620 620 GLY GLY A . n 
A 1 61  TYR 61  621 621 TYR TYR A . n 
A 1 62  LYS 62  622 622 LYS LYS A . n 
A 1 63  ASN 63  623 623 ASN ASN A . n 
A 1 64  LEU 64  624 624 LEU LEU A . n 
A 1 65  HIS 65  625 625 HIS HIS A . n 
A 1 66  GLU 66  626 626 GLU GLU A . n 
A 1 67  PHE 67  627 627 PHE PHE A . n 
A 1 68  GLU 68  628 628 GLU GLU A . n 
A 1 69  GLU 69  629 629 GLU GLU A . n 
A 1 70  ASP 70  630 630 ASP ASP A . n 
A 1 71  PHE 71  631 631 PHE PHE A . n 
A 1 72  ASP 72  632 632 ASP ASP A . n 
A 1 73  LEU 73  633 633 LEU LEU A . n 
A 1 74  ILE 74  634 634 ILE ILE A . n 
A 1 75  ILE 75  635 635 ILE ILE A . n 
A 1 76  ASP 76  636 636 ASP ASP A . n 
A 1 77  ASN 77  637 637 ASN ASN A . n 
A 1 78  CYS 78  638 638 CYS CYS A . n 
A 1 79  MET 79  639 639 MET MET A . n 
A 1 80  LYS 80  640 640 LYS LYS A . n 
A 1 81  TYR 81  641 641 TYR TYR A . n 
A 1 82  ASN 82  642 642 ASN ASN A . n 
A 1 83  ALA 83  643 643 ALA ALA A . n 
A 1 84  ARG 84  644 644 ARG ARG A . n 
A 1 85  ASP 85  645 645 ASP ASP A . n 
A 1 86  THR 86  646 646 THR THR A . n 
A 1 87  VAL 87  647 647 VAL VAL A . n 
A 1 88  PHE 88  648 648 PHE PHE A . n 
A 1 89  TYR 89  649 649 TYR TYR A . n 
A 1 90  ARG 90  650 650 ARG ARG A . n 
A 1 91  ALA 91  651 651 ALA ALA A . n 
A 1 92  ALA 92  652 652 ALA ALA A . n 
A 1 93  VAL 93  653 653 VAL VAL A . n 
A 1 94  ARG 94  654 654 ARG ARG A . n 
A 1 95  LEU 95  655 655 LEU LEU A . n 
A 1 96  ARG 96  656 656 ARG ARG A . n 
A 1 97  ASP 97  657 657 ASP ASP A . n 
A 1 98  GLN 98  658 658 GLN GLN A . n 
A 1 99  GLY 99  659 659 GLY GLY A . n 
A 1 100 GLY 100 660 660 GLY GLY A . n 
A 1 101 VAL 101 661 661 VAL VAL A . n 
A 1 102 VAL 102 662 662 VAL VAL A . n 
A 1 103 LEU 103 663 663 LEU LEU A . n 
A 1 104 ARG 104 664 664 ARG ARG A . n 
A 1 105 GLN 105 665 665 GLN GLN A . n 
A 1 106 ALA 106 666 666 ALA ALA A . n 
A 1 107 ARG 107 667 667 ARG ARG A . n 
A 1 108 ARG 108 668 668 ARG ARG A . n 
A 1 109 GLU 109 669 669 GLU GLU A . n 
A 1 110 VAL 110 670 670 VAL VAL A . n 
A 1 111 ASP 111 671 671 ASP ASP A . n 
A 1 112 SER 112 672 672 SER SER A . n 
A 1 113 ILE 113 673 673 ILE ILE A . n 
A 1 114 GLY 114 674 674 GLY GLY A . n 
A 1 115 LEU 115 675 675 LEU LEU A . n 
A 1 116 GLU 116 676 676 GLU GLU A . n 
A 1 117 GLU 117 677 677 GLU GLU A . n 
A 1 118 ALA 118 678 678 ALA ALA A . n 
A 1 119 SER 119 679 679 SER SER A . n 
A 1 120 GLY 120 680 680 GLY GLY A . n 
A 1 121 MET 121 681 ?   ?   ?   A . n 
A 1 122 HIS 122 682 ?   ?   ?   A . n 
A 1 123 LEU 123 683 ?   ?   ?   A . n 
A 1 124 PRO 124 684 ?   ?   ?   A . n 
A 1 125 GLU 125 685 ?   ?   ?   A . n 
A 1 126 ARG 126 686 ?   ?   ?   A . n 
A 1 127 PRO 127 687 ?   ?   ?   A . n 
A 1 128 ALA 128 688 ?   ?   ?   A . n 
# 
loop_
_pdbx_nonpoly_scheme.asym_id 
_pdbx_nonpoly_scheme.entity_id 
_pdbx_nonpoly_scheme.mon_id 
_pdbx_nonpoly_scheme.ndb_seq_num 
_pdbx_nonpoly_scheme.pdb_seq_num 
_pdbx_nonpoly_scheme.auth_seq_num 
_pdbx_nonpoly_scheme.pdb_mon_id 
_pdbx_nonpoly_scheme.auth_mon_id 
_pdbx_nonpoly_scheme.pdb_strand_id 
_pdbx_nonpoly_scheme.pdb_ins_code 
B 2 EDO 1   701 1   EDO EDO A . 
C 2 EDO 1   702 2   EDO EDO A . 
D 2 EDO 1   703 3   EDO EDO A . 
E 2 EDO 1   704 4   EDO EDO A . 
F 3 5XE 1   705 1   5XE DRG A . 
G 4 NI  1   706 1   NI  NI  A . 
H 5 PO4 1   707 1   PO4 PO4 A . 
I 6 HOH 1   801 85  HOH HOH A . 
I 6 HOH 2   802 101 HOH HOH A . 
I 6 HOH 3   803 80  HOH HOH A . 
I 6 HOH 4   804 179 HOH HOH A . 
I 6 HOH 5   805 139 HOH HOH A . 
I 6 HOH 6   806 164 HOH HOH A . 
I 6 HOH 7   807 10  HOH HOH A . 
I 6 HOH 8   808 4   HOH HOH A . 
I 6 HOH 9   809 50  HOH HOH A . 
I 6 HOH 10  810 183 HOH HOH A . 
I 6 HOH 11  811 40  HOH HOH A . 
I 6 HOH 12  812 61  HOH HOH A . 
I 6 HOH 13  813 28  HOH HOH A . 
I 6 HOH 14  814 19  HOH HOH A . 
I 6 HOH 15  815 187 HOH HOH A . 
I 6 HOH 16  816 184 HOH HOH A . 
I 6 HOH 17  817 39  HOH HOH A . 
I 6 HOH 18  818 45  HOH HOH A . 
I 6 HOH 19  819 6   HOH HOH A . 
I 6 HOH 20  820 94  HOH HOH A . 
I 6 HOH 21  821 57  HOH HOH A . 
I 6 HOH 22  822 108 HOH HOH A . 
I 6 HOH 23  823 190 HOH HOH A . 
I 6 HOH 24  824 120 HOH HOH A . 
I 6 HOH 25  825 107 HOH HOH A . 
I 6 HOH 26  826 32  HOH HOH A . 
I 6 HOH 27  827 64  HOH HOH A . 
I 6 HOH 28  828 158 HOH HOH A . 
I 6 HOH 29  829 18  HOH HOH A . 
I 6 HOH 30  830 41  HOH HOH A . 
I 6 HOH 31  831 17  HOH HOH A . 
I 6 HOH 32  832 46  HOH HOH A . 
I 6 HOH 33  833 25  HOH HOH A . 
I 6 HOH 34  834 2   HOH HOH A . 
I 6 HOH 35  835 20  HOH HOH A . 
I 6 HOH 36  836 24  HOH HOH A . 
I 6 HOH 37  837 159 HOH HOH A . 
I 6 HOH 38  838 13  HOH HOH A . 
I 6 HOH 39  839 89  HOH HOH A . 
I 6 HOH 40  840 21  HOH HOH A . 
I 6 HOH 41  841 65  HOH HOH A . 
I 6 HOH 42  842 180 HOH HOH A . 
I 6 HOH 43  843 121 HOH HOH A . 
I 6 HOH 44  844 189 HOH HOH A . 
I 6 HOH 45  845 79  HOH HOH A . 
I 6 HOH 46  846 129 HOH HOH A . 
I 6 HOH 47  847 123 HOH HOH A . 
I 6 HOH 48  848 26  HOH HOH A . 
I 6 HOH 49  849 114 HOH HOH A . 
I 6 HOH 50  850 27  HOH HOH A . 
I 6 HOH 51  851 5   HOH HOH A . 
I 6 HOH 52  852 60  HOH HOH A . 
I 6 HOH 53  853 67  HOH HOH A . 
I 6 HOH 54  854 155 HOH HOH A . 
I 6 HOH 55  855 69  HOH HOH A . 
I 6 HOH 56  856 110 HOH HOH A . 
I 6 HOH 57  857 66  HOH HOH A . 
I 6 HOH 58  858 3   HOH HOH A . 
I 6 HOH 59  859 22  HOH HOH A . 
I 6 HOH 60  860 23  HOH HOH A . 
I 6 HOH 61  861 132 HOH HOH A . 
I 6 HOH 62  862 74  HOH HOH A . 
I 6 HOH 63  863 31  HOH HOH A . 
I 6 HOH 64  864 9   HOH HOH A . 
I 6 HOH 65  865 167 HOH HOH A . 
I 6 HOH 66  866 71  HOH HOH A . 
I 6 HOH 67  867 77  HOH HOH A . 
I 6 HOH 68  868 8   HOH HOH A . 
I 6 HOH 69  869 55  HOH HOH A . 
I 6 HOH 70  870 143 HOH HOH A . 
I 6 HOH 71  871 53  HOH HOH A . 
I 6 HOH 72  872 118 HOH HOH A . 
I 6 HOH 73  873 1   HOH HOH A . 
I 6 HOH 74  874 16  HOH HOH A . 
I 6 HOH 75  875 30  HOH HOH A . 
I 6 HOH 76  876 7   HOH HOH A . 
I 6 HOH 77  877 100 HOH HOH A . 
I 6 HOH 78  878 51  HOH HOH A . 
I 6 HOH 79  879 141 HOH HOH A . 
I 6 HOH 80  880 105 HOH HOH A . 
I 6 HOH 81  881 37  HOH HOH A . 
I 6 HOH 82  882 99  HOH HOH A . 
I 6 HOH 83  883 185 HOH HOH A . 
I 6 HOH 84  884 169 HOH HOH A . 
I 6 HOH 85  885 73  HOH HOH A . 
I 6 HOH 86  886 49  HOH HOH A . 
I 6 HOH 87  887 54  HOH HOH A . 
I 6 HOH 88  888 14  HOH HOH A . 
I 6 HOH 89  889 106 HOH HOH A . 
I 6 HOH 90  890 115 HOH HOH A . 
I 6 HOH 91  891 68  HOH HOH A . 
I 6 HOH 92  892 87  HOH HOH A . 
I 6 HOH 93  893 59  HOH HOH A . 
I 6 HOH 94  894 52  HOH HOH A . 
I 6 HOH 95  895 138 HOH HOH A . 
I 6 HOH 96  896 33  HOH HOH A . 
I 6 HOH 97  897 109 HOH HOH A . 
I 6 HOH 98  898 112 HOH HOH A . 
I 6 HOH 99  899 102 HOH HOH A . 
I 6 HOH 100 900 82  HOH HOH A . 
I 6 HOH 101 901 36  HOH HOH A . 
I 6 HOH 102 902 76  HOH HOH A . 
I 6 HOH 103 903 63  HOH HOH A . 
I 6 HOH 104 904 177 HOH HOH A . 
I 6 HOH 105 905 43  HOH HOH A . 
I 6 HOH 106 906 122 HOH HOH A . 
I 6 HOH 107 907 90  HOH HOH A . 
I 6 HOH 108 908 75  HOH HOH A . 
I 6 HOH 109 909 12  HOH HOH A . 
I 6 HOH 110 910 15  HOH HOH A . 
I 6 HOH 111 911 42  HOH HOH A . 
I 6 HOH 112 912 130 HOH HOH A . 
I 6 HOH 113 913 104 HOH HOH A . 
I 6 HOH 114 914 48  HOH HOH A . 
I 6 HOH 115 915 128 HOH HOH A . 
I 6 HOH 116 916 136 HOH HOH A . 
I 6 HOH 117 917 47  HOH HOH A . 
I 6 HOH 118 918 34  HOH HOH A . 
I 6 HOH 119 919 11  HOH HOH A . 
I 6 HOH 120 920 131 HOH HOH A . 
I 6 HOH 121 921 127 HOH HOH A . 
I 6 HOH 122 922 181 HOH HOH A . 
I 6 HOH 123 923 29  HOH HOH A . 
I 6 HOH 124 924 78  HOH HOH A . 
I 6 HOH 125 925 168 HOH HOH A . 
I 6 HOH 126 926 86  HOH HOH A . 
I 6 HOH 127 927 111 HOH HOH A . 
I 6 HOH 128 928 119 HOH HOH A . 
I 6 HOH 129 929 88  HOH HOH A . 
I 6 HOH 130 930 133 HOH HOH A . 
I 6 HOH 131 931 116 HOH HOH A . 
I 6 HOH 132 932 95  HOH HOH A . 
I 6 HOH 133 933 91  HOH HOH A . 
I 6 HOH 134 934 38  HOH HOH A . 
I 6 HOH 135 935 84  HOH HOH A . 
I 6 HOH 136 936 178 HOH HOH A . 
I 6 HOH 137 937 92  HOH HOH A . 
I 6 HOH 138 938 157 HOH HOH A . 
I 6 HOH 139 939 163 HOH HOH A . 
I 6 HOH 140 940 126 HOH HOH A . 
I 6 HOH 141 941 83  HOH HOH A . 
I 6 HOH 142 942 174 HOH HOH A . 
I 6 HOH 143 943 137 HOH HOH A . 
I 6 HOH 144 944 176 HOH HOH A . 
I 6 HOH 145 945 162 HOH HOH A . 
I 6 HOH 146 946 93  HOH HOH A . 
I 6 HOH 147 947 170 HOH HOH A . 
I 6 HOH 148 948 173 HOH HOH A . 
I 6 HOH 149 949 117 HOH HOH A . 
I 6 HOH 150 950 144 HOH HOH A . 
I 6 HOH 151 951 72  HOH HOH A . 
I 6 HOH 152 952 147 HOH HOH A . 
I 6 HOH 153 953 153 HOH HOH A . 
I 6 HOH 154 954 96  HOH HOH A . 
I 6 HOH 155 955 186 HOH HOH A . 
I 6 HOH 156 956 142 HOH HOH A . 
I 6 HOH 157 957 140 HOH HOH A . 
I 6 HOH 158 958 171 HOH HOH A . 
I 6 HOH 159 959 175 HOH HOH A . 
I 6 HOH 160 960 149 HOH HOH A . 
I 6 HOH 161 961 113 HOH HOH A . 
I 6 HOH 162 962 150 HOH HOH A . 
I 6 HOH 163 963 148 HOH HOH A . 
I 6 HOH 164 964 165 HOH HOH A . 
I 6 HOH 165 965 103 HOH HOH A . 
I 6 HOH 166 966 182 HOH HOH A . 
I 6 HOH 167 967 81  HOH HOH A . 
I 6 HOH 168 968 44  HOH HOH A . 
I 6 HOH 169 969 188 HOH HOH A . 
I 6 HOH 170 970 154 HOH HOH A . 
I 6 HOH 171 971 124 HOH HOH A . 
I 6 HOH 172 972 97  HOH HOH A . 
I 6 HOH 173 973 146 HOH HOH A . 
I 6 HOH 174 974 172 HOH HOH A . 
I 6 HOH 175 975 70  HOH HOH A . 
I 6 HOH 176 976 56  HOH HOH A . 
I 6 HOH 177 977 152 HOH HOH A . 
I 6 HOH 178 978 98  HOH HOH A . 
I 6 HOH 179 979 145 HOH HOH A . 
I 6 HOH 180 980 58  HOH HOH A . 
I 6 HOH 181 981 160 HOH HOH A . 
I 6 HOH 182 982 166 HOH HOH A . 
I 6 HOH 183 983 35  HOH HOH A . 
I 6 HOH 184 984 135 HOH HOH A . 
I 6 HOH 185 985 134 HOH HOH A . 
I 6 HOH 186 986 156 HOH HOH A . 
I 6 HOH 187 987 125 HOH HOH A . 
I 6 HOH 188 988 62  HOH HOH A . 
I 6 HOH 189 989 161 HOH HOH A . 
I 6 HOH 190 990 151 HOH HOH A . 
# 
loop_
_software.citation_id 
_software.classification 
_software.compiler_name 
_software.compiler_version 
_software.contact_author 
_software.contact_author_email 
_software.date 
_software.description 
_software.dependencies 
_software.hardware 
_software.language 
_software.location 
_software.mods 
_software.name 
_software.os 
_software.os_version 
_software.type 
_software.version 
_software.pdbx_ordinal 
? refinement       ? ? ? ? ? ? ? ? ? ? ? REFMAC  ? ? ? 5.8.0103 1 
? 'data reduction' ? ? ? ? ? ? ? ? ? ? ? XDS     ? ? ? .        2 
? 'data scaling'   ? ? ? ? ? ? ? ? ? ? ? Aimless ? ? ? .        3 
? phasing          ? ? ? ? ? ? ? ? ? ? ? PHASER  ? ? ? .        4 
# 
_cell.angle_alpha                  90.00 
_cell.angle_alpha_esd              ? 
_cell.angle_beta                   90.00 
_cell.angle_beta_esd               ? 
_cell.angle_gamma                  90.00 
_cell.angle_gamma_esd              ? 
_cell.entry_id                     5FG6 
_cell.details                      ? 
_cell.formula_units_Z              ? 
_cell.length_a                     70.771 
_cell.length_a_esd                 ? 
_cell.length_b                     84.328 
_cell.length_b_esd                 ? 
_cell.length_c                     52.080 
_cell.length_c_esd                 ? 
_cell.volume                       ? 
_cell.volume_esd                   ? 
_cell.Z_PDB                        8 
_cell.reciprocal_angle_alpha       ? 
_cell.reciprocal_angle_beta        ? 
_cell.reciprocal_angle_gamma       ? 
_cell.reciprocal_angle_alpha_esd   ? 
_cell.reciprocal_angle_beta_esd    ? 
_cell.reciprocal_angle_gamma_esd   ? 
_cell.reciprocal_length_a          ? 
_cell.reciprocal_length_b          ? 
_cell.reciprocal_length_c          ? 
_cell.reciprocal_length_a_esd      ? 
_cell.reciprocal_length_b_esd      ? 
_cell.reciprocal_length_c_esd      ? 
_cell.pdbx_unique_axis             ? 
# 
_symmetry.entry_id                         5FG6 
_symmetry.cell_setting                     ? 
_symmetry.Int_Tables_number                20 
_symmetry.space_group_name_Hall            ? 
_symmetry.space_group_name_H-M             'C 2 2 21' 
_symmetry.pdbx_full_space_group_name_H-M   ? 
# 
_exptl.absorpt_coefficient_mu     ? 
_exptl.absorpt_correction_T_max   ? 
_exptl.absorpt_correction_T_min   ? 
_exptl.absorpt_correction_type    ? 
_exptl.absorpt_process_details    ? 
_exptl.entry_id                   5FG6 
_exptl.crystals_number            ? 
_exptl.details                    ? 
_exptl.method                     'X-RAY DIFFRACTION' 
_exptl.method_details             ? 
# 
_exptl_crystal.colour                      ? 
_exptl_crystal.density_diffrn              ? 
_exptl_crystal.density_Matthews            2.62 
_exptl_crystal.density_method              ? 
_exptl_crystal.density_percent_sol         53.05 
_exptl_crystal.description                 Rod 
_exptl_crystal.F_000                       ? 
_exptl_crystal.id                          1 
_exptl_crystal.preparation                 ? 
_exptl_crystal.size_max                    ? 
_exptl_crystal.size_mid                    ? 
_exptl_crystal.size_min                    ? 
_exptl_crystal.size_rad                    ? 
_exptl_crystal.colour_lustre               ? 
_exptl_crystal.colour_modifier             ? 
_exptl_crystal.colour_primary              ? 
_exptl_crystal.density_meas                ? 
_exptl_crystal.density_meas_esd            ? 
_exptl_crystal.density_meas_gt             ? 
_exptl_crystal.density_meas_lt             ? 
_exptl_crystal.density_meas_temp           ? 
_exptl_crystal.density_meas_temp_esd       ? 
_exptl_crystal.density_meas_temp_gt        ? 
_exptl_crystal.density_meas_temp_lt        ? 
_exptl_crystal.pdbx_crystal_image_url      ? 
_exptl_crystal.pdbx_crystal_image_format   ? 
_exptl_crystal.pdbx_mosaicity              ? 
_exptl_crystal.pdbx_mosaicity_esd          ? 
# 
_exptl_crystal_grow.apparatus       ? 
_exptl_crystal_grow.atmosphere      ? 
_exptl_crystal_grow.crystal_id      1 
_exptl_crystal_grow.details         ? 
_exptl_crystal_grow.method          'VAPOR DIFFUSION, SITTING DROP' 
_exptl_crystal_grow.method_ref      ? 
_exptl_crystal_grow.pH              7.5 
_exptl_crystal_grow.pressure        ? 
_exptl_crystal_grow.pressure_esd    ? 
_exptl_crystal_grow.seeding         ? 
_exptl_crystal_grow.seeding_ref     ? 
_exptl_crystal_grow.temp            277.15 
_exptl_crystal_grow.temp_details    ? 
_exptl_crystal_grow.temp_esd        ? 
_exptl_crystal_grow.time            ? 
_exptl_crystal_grow.pdbx_details    '0.1 M tri-sodium citrate dihydrate pH 5.6, 1 M ammoinum dihydrogen phosphate' 
_exptl_crystal_grow.pdbx_pH_range   5.6 
# 
_diffrn.ambient_environment    ? 
_diffrn.ambient_temp           100 
_diffrn.ambient_temp_details   ? 
_diffrn.ambient_temp_esd       ? 
_diffrn.crystal_id             1 
_diffrn.crystal_support        ? 
_diffrn.crystal_treatment      ? 
_diffrn.details                ? 
_diffrn.id                     1 
_diffrn.ambient_pressure       ? 
_diffrn.ambient_pressure_esd   ? 
_diffrn.ambient_pressure_gt    ? 
_diffrn.ambient_pressure_lt    ? 
_diffrn.ambient_temp_gt        ? 
_diffrn.ambient_temp_lt        ? 
# 
_diffrn_detector.details                      ? 
_diffrn_detector.detector                     PIXEL 
_diffrn_detector.diffrn_id                    1 
_diffrn_detector.type                         'DECTRIS PILATUS 6M' 
_diffrn_detector.area_resol_mean              ? 
_diffrn_detector.dtime                        ? 
_diffrn_detector.pdbx_frames_total            ? 
_diffrn_detector.pdbx_collection_time_total   ? 
_diffrn_detector.pdbx_collection_date         2014-07-12 
# 
_diffrn_radiation.collimation                      ? 
_diffrn_radiation.diffrn_id                        1 
_diffrn_radiation.filter_edge                      ? 
_diffrn_radiation.inhomogeneity                    ? 
_diffrn_radiation.monochromator                    ? 
_diffrn_radiation.polarisn_norm                    ? 
_diffrn_radiation.polarisn_ratio                   ? 
_diffrn_radiation.probe                            ? 
_diffrn_radiation.type                             ? 
_diffrn_radiation.xray_symbol                      ? 
_diffrn_radiation.wavelength_id                    1 
_diffrn_radiation.pdbx_monochromatic_or_laue_m_l   M 
_diffrn_radiation.pdbx_wavelength_list             ? 
_diffrn_radiation.pdbx_wavelength                  ? 
_diffrn_radiation.pdbx_diffrn_protocol             'SINGLE WAVELENGTH' 
_diffrn_radiation.pdbx_analyzer                    ? 
_diffrn_radiation.pdbx_scattering_type             x-ray 
# 
_diffrn_radiation_wavelength.id           1 
_diffrn_radiation_wavelength.wavelength   0.9795 
_diffrn_radiation_wavelength.wt           1.0 
# 
_diffrn_source.current                     ? 
_diffrn_source.details                     ? 
_diffrn_source.diffrn_id                   1 
_diffrn_source.power                       ? 
_diffrn_source.size                        ? 
_diffrn_source.source                      SYNCHROTRON 
_diffrn_source.target                      ? 
_diffrn_source.type                        'DIAMOND BEAMLINE I02' 
_diffrn_source.voltage                     ? 
_diffrn_source.take-off_angle              ? 
_diffrn_source.pdbx_wavelength_list        0.9795 
_diffrn_source.pdbx_wavelength             ? 
_diffrn_source.pdbx_synchrotron_beamline   I02 
_diffrn_source.pdbx_synchrotron_site       Diamond 
# 
_reflns.B_iso_Wilson_estimate            8.788 
_reflns.entry_id                         5FG6 
_reflns.data_reduction_details           ? 
_reflns.data_reduction_method            ? 
_reflns.d_resolution_high                1.10 
_reflns.d_resolution_low                 29.27 
_reflns.details                          ? 
_reflns.limit_h_max                      ? 
_reflns.limit_h_min                      ? 
_reflns.limit_k_max                      ? 
_reflns.limit_k_min                      ? 
_reflns.limit_l_max                      ? 
_reflns.limit_l_min                      ? 
_reflns.number_all                       62094 
_reflns.number_obs                       62094 
_reflns.observed_criterion               ? 
_reflns.observed_criterion_F_max         ? 
_reflns.observed_criterion_F_min         ? 
_reflns.observed_criterion_I_max         ? 
_reflns.observed_criterion_I_min         ? 
_reflns.observed_criterion_sigma_F       ? 
_reflns.observed_criterion_sigma_I       ? 
_reflns.percent_possible_obs             97.9 
_reflns.R_free_details                   ? 
_reflns.Rmerge_F_all                     ? 
_reflns.Rmerge_F_obs                     ? 
_reflns.Friedel_coverage                 ? 
_reflns.number_gt                        ? 
_reflns.threshold_expression             ? 
_reflns.pdbx_redundancy                  9.1 
_reflns.pdbx_Rmerge_I_obs                0.070 
_reflns.pdbx_Rmerge_I_all                ? 
_reflns.pdbx_Rsym_value                  0.034 
_reflns.pdbx_netI_over_av_sigmaI         ? 
_reflns.pdbx_netI_over_sigmaI            22.0 
_reflns.pdbx_res_netI_over_av_sigmaI_2   ? 
_reflns.pdbx_res_netI_over_sigmaI_2      ? 
_reflns.pdbx_chi_squared                 ? 
_reflns.pdbx_scaling_rejects             ? 
_reflns.pdbx_d_res_high_opt              ? 
_reflns.pdbx_d_res_low_opt               ? 
_reflns.pdbx_d_res_opt_method            ? 
_reflns.phase_calculation_details        ? 
_reflns.pdbx_Rrim_I_all                  ? 
_reflns.pdbx_Rpim_I_all                  ? 
_reflns.pdbx_d_opt                       ? 
_reflns.pdbx_number_measured_all         ? 
_reflns.pdbx_diffrn_id                   1 
_reflns.pdbx_ordinal                     1 
_reflns.pdbx_CC_half                     ? 
_reflns.pdbx_R_split                     ? 
# 
_reflns_shell.d_res_high                  1.10 
_reflns_shell.d_res_low                   1.12 
_reflns_shell.meanI_over_sigI_all         ? 
_reflns_shell.meanI_over_sigI_obs         6.4 
_reflns_shell.number_measured_all         ? 
_reflns_shell.number_measured_obs         ? 
_reflns_shell.number_possible             ? 
_reflns_shell.number_unique_all           ? 
_reflns_shell.number_unique_obs           ? 
_reflns_shell.percent_possible_all        79.1 
_reflns_shell.percent_possible_obs        ? 
_reflns_shell.Rmerge_F_all                ? 
_reflns_shell.Rmerge_F_obs                ? 
_reflns_shell.Rmerge_I_all                ? 
_reflns_shell.Rmerge_I_obs                0.168 
_reflns_shell.meanI_over_sigI_gt          ? 
_reflns_shell.meanI_over_uI_all           ? 
_reflns_shell.meanI_over_uI_gt            ? 
_reflns_shell.number_measured_gt          ? 
_reflns_shell.number_unique_gt            ? 
_reflns_shell.percent_possible_gt         ? 
_reflns_shell.Rmerge_F_gt                 ? 
_reflns_shell.Rmerge_I_gt                 ? 
_reflns_shell.pdbx_redundancy             4.5 
_reflns_shell.pdbx_Rsym_value             ? 
_reflns_shell.pdbx_chi_squared            ? 
_reflns_shell.pdbx_netI_over_sigmaI_all   ? 
_reflns_shell.pdbx_netI_over_sigmaI_obs   ? 
_reflns_shell.pdbx_Rrim_I_all             ? 
_reflns_shell.pdbx_Rpim_I_all             ? 
_reflns_shell.pdbx_rejects                ? 
_reflns_shell.pdbx_ordinal                1 
_reflns_shell.pdbx_diffrn_id              1 
_reflns_shell.pdbx_CC_half                ? 
_reflns_shell.pdbx_R_split                ? 
# 
_refine.aniso_B[1][1]                            -0.25 
_refine.aniso_B[1][2]                            -0.00 
_refine.aniso_B[1][3]                            0.00 
_refine.aniso_B[2][2]                            -0.07 
_refine.aniso_B[2][3]                            -0.00 
_refine.aniso_B[3][3]                            0.32 
_refine.B_iso_max                                ? 
_refine.B_iso_mean                               12.513 
_refine.B_iso_min                                ? 
_refine.correlation_coeff_Fo_to_Fc               0.961 
_refine.correlation_coeff_Fo_to_Fc_free          0.945 
_refine.details                                  'HYDROGENS HAVE BEEN ADDED IN THE RIDING POSITIONS' 
_refine.diff_density_max                         ? 
_refine.diff_density_max_esd                     ? 
_refine.diff_density_min                         ? 
_refine.diff_density_min_esd                     ? 
_refine.diff_density_rms                         ? 
_refine.diff_density_rms_esd                     ? 
_refine.entry_id                                 5FG6 
_refine.pdbx_refine_id                           'X-RAY DIFFRACTION' 
_refine.ls_abs_structure_details                 ? 
_refine.ls_abs_structure_Flack                   ? 
_refine.ls_abs_structure_Flack_esd               ? 
_refine.ls_abs_structure_Rogers                  ? 
_refine.ls_abs_structure_Rogers_esd              ? 
_refine.ls_d_res_high                            1.10 
_refine.ls_d_res_low                             29.27 
_refine.ls_extinction_coef                       ? 
_refine.ls_extinction_coef_esd                   ? 
_refine.ls_extinction_expression                 ? 
_refine.ls_extinction_method                     ? 
_refine.ls_goodness_of_fit_all                   ? 
_refine.ls_goodness_of_fit_all_esd               ? 
_refine.ls_goodness_of_fit_obs                   ? 
_refine.ls_goodness_of_fit_obs_esd               ? 
_refine.ls_hydrogen_treatment                    ? 
_refine.ls_matrix_type                           ? 
_refine.ls_number_constraints                    ? 
_refine.ls_number_parameters                     ? 
_refine.ls_number_reflns_all                     ? 
_refine.ls_number_reflns_obs                     59008 
_refine.ls_number_reflns_R_free                  3069 
_refine.ls_number_reflns_R_work                  ? 
_refine.ls_number_restraints                     ? 
_refine.ls_percent_reflns_obs                    97.71 
_refine.ls_percent_reflns_R_free                 4.9 
_refine.ls_R_factor_all                          ? 
_refine.ls_R_factor_obs                          0.18173 
_refine.ls_R_factor_R_free                       0.19671 
_refine.ls_R_factor_R_free_error                 ? 
_refine.ls_R_factor_R_free_error_details         ? 
_refine.ls_R_factor_R_work                       0.18096 
_refine.ls_R_Fsqd_factor_obs                     ? 
_refine.ls_R_I_factor_obs                        ? 
_refine.ls_redundancy_reflns_all                 ? 
_refine.ls_redundancy_reflns_obs                 ? 
_refine.ls_restrained_S_all                      ? 
_refine.ls_restrained_S_obs                      ? 
_refine.ls_shift_over_esd_max                    ? 
_refine.ls_shift_over_esd_mean                   ? 
_refine.ls_structure_factor_coef                 ? 
_refine.ls_weighting_details                     ? 
_refine.ls_weighting_scheme                      ? 
_refine.ls_wR_factor_all                         ? 
_refine.ls_wR_factor_obs                         ? 
_refine.ls_wR_factor_R_free                      ? 
_refine.ls_wR_factor_R_work                      ? 
_refine.occupancy_max                            ? 
_refine.occupancy_min                            ? 
_refine.solvent_model_details                    MASK 
_refine.solvent_model_param_bsol                 ? 
_refine.solvent_model_param_ksol                 ? 
_refine.ls_R_factor_gt                           ? 
_refine.ls_goodness_of_fit_gt                    ? 
_refine.ls_goodness_of_fit_ref                   ? 
_refine.ls_shift_over_su_max                     ? 
_refine.ls_shift_over_su_max_lt                  ? 
_refine.ls_shift_over_su_mean                    ? 
_refine.ls_shift_over_su_mean_lt                 ? 
_refine.pdbx_ls_sigma_I                          ? 
_refine.pdbx_ls_sigma_F                          ? 
_refine.pdbx_ls_sigma_Fsqd                       ? 
_refine.pdbx_data_cutoff_high_absF               ? 
_refine.pdbx_data_cutoff_high_rms_absF           ? 
_refine.pdbx_data_cutoff_low_absF                ? 
_refine.pdbx_isotropic_thermal_model             ? 
_refine.pdbx_ls_cross_valid_method               THROUGHOUT 
_refine.pdbx_method_to_determine_struct          'MOLECULAR REPLACEMENT' 
_refine.pdbx_starting_model                      3RCW 
_refine.pdbx_stereochemistry_target_values       'MAXIMUM LIKELIHOOD' 
_refine.pdbx_R_Free_selection_details            RANDOM 
_refine.pdbx_stereochem_target_val_spec_case     ? 
_refine.pdbx_overall_ESU_R                       0.031 
_refine.pdbx_overall_ESU_R_Free                  0.032 
_refine.pdbx_solvent_vdw_probe_radii             1.20 
_refine.pdbx_solvent_ion_probe_radii             0.80 
_refine.pdbx_solvent_shrinkage_radii             0.80 
_refine.pdbx_real_space_R                        ? 
_refine.pdbx_density_correlation                 ? 
_refine.pdbx_pd_number_of_powder_patterns        ? 
_refine.pdbx_pd_number_of_points                 ? 
_refine.pdbx_pd_meas_number_of_points            ? 
_refine.pdbx_pd_proc_ls_prof_R_factor            ? 
_refine.pdbx_pd_proc_ls_prof_wR_factor           ? 
_refine.pdbx_pd_Marquardt_correlation_coeff      ? 
_refine.pdbx_pd_Fsqrd_R_factor                   ? 
_refine.pdbx_pd_ls_matrix_band_width             ? 
_refine.pdbx_overall_phase_error                 ? 
_refine.pdbx_overall_SU_R_free_Cruickshank_DPI   ? 
_refine.pdbx_overall_SU_R_free_Blow_DPI          ? 
_refine.pdbx_overall_SU_R_Blow_DPI               ? 
_refine.pdbx_TLS_residual_ADP_flag               ? 
_refine.pdbx_diffrn_id                           1 
_refine.overall_SU_B                             0.353 
_refine.overall_SU_ML                            0.018 
_refine.overall_SU_R_Cruickshank_DPI             ? 
_refine.overall_SU_R_free                        ? 
_refine.overall_FOM_free_R_set                   ? 
_refine.overall_FOM_work_R_set                   ? 
_refine.pdbx_average_fsc_overall                 ? 
_refine.pdbx_average_fsc_work                    ? 
_refine.pdbx_average_fsc_free                    ? 
# 
_refine_hist.pdbx_refine_id                   'X-RAY DIFFRACTION' 
_refine_hist.cycle_id                         1 
_refine_hist.pdbx_number_atoms_protein        962 
_refine_hist.pdbx_number_atoms_nucleic_acid   0 
_refine_hist.pdbx_number_atoms_ligand         48 
_refine_hist.number_atoms_solvent             190 
_refine_hist.number_atoms_total               1200 
_refine_hist.d_res_high                       1.10 
_refine_hist.d_res_low                        29.27 
# 
loop_
_refine_ls_restr.pdbx_refine_id 
_refine_ls_restr.criterion 
_refine_ls_restr.dev_ideal 
_refine_ls_restr.dev_ideal_target 
_refine_ls_restr.number 
_refine_ls_restr.rejects 
_refine_ls_restr.type 
_refine_ls_restr.weight 
_refine_ls_restr.pdbx_restraint_function 
'X-RAY DIFFRACTION' ? 0.009  0.019  1055 ? r_bond_refined_d             ? ? 
'X-RAY DIFFRACTION' ? 0.002  0.020  1026 ? r_bond_other_d               ? ? 
'X-RAY DIFFRACTION' ? 1.461  2.016  1423 ? r_angle_refined_deg          ? ? 
'X-RAY DIFFRACTION' ? 0.950  3.005  2342 ? r_angle_other_deg            ? ? 
'X-RAY DIFFRACTION' ? 5.961  5.000  123  ? r_dihedral_angle_1_deg       ? ? 
'X-RAY DIFFRACTION' ? 30.316 22.679 56   ? r_dihedral_angle_2_deg       ? ? 
'X-RAY DIFFRACTION' ? 11.019 15.000 187  ? r_dihedral_angle_3_deg       ? ? 
'X-RAY DIFFRACTION' ? 13.595 15.000 14   ? r_dihedral_angle_4_deg       ? ? 
'X-RAY DIFFRACTION' ? 0.079  0.200  149  ? r_chiral_restr               ? ? 
'X-RAY DIFFRACTION' ? 0.008  0.021  1180 ? r_gen_planes_refined         ? ? 
'X-RAY DIFFRACTION' ? 0.002  0.020  254  ? r_gen_planes_other           ? ? 
'X-RAY DIFFRACTION' ? ?      ?      ?    ? r_nbd_refined                ? ? 
'X-RAY DIFFRACTION' ? ?      ?      ?    ? r_nbd_other                  ? ? 
'X-RAY DIFFRACTION' ? ?      ?      ?    ? r_nbtor_refined              ? ? 
'X-RAY DIFFRACTION' ? ?      ?      ?    ? r_nbtor_other                ? ? 
'X-RAY DIFFRACTION' ? ?      ?      ?    ? r_xyhbond_nbd_refined        ? ? 
'X-RAY DIFFRACTION' ? ?      ?      ?    ? r_xyhbond_nbd_other          ? ? 
'X-RAY DIFFRACTION' ? ?      ?      ?    ? r_metal_ion_refined          ? ? 
'X-RAY DIFFRACTION' ? ?      ?      ?    ? r_metal_ion_other            ? ? 
'X-RAY DIFFRACTION' ? ?      ?      ?    ? r_symmetry_vdw_refined       ? ? 
'X-RAY DIFFRACTION' ? ?      ?      ?    ? r_symmetry_vdw_other         ? ? 
'X-RAY DIFFRACTION' ? ?      ?      ?    ? r_symmetry_hbond_refined     ? ? 
'X-RAY DIFFRACTION' ? ?      ?      ?    ? r_symmetry_hbond_other       ? ? 
'X-RAY DIFFRACTION' ? ?      ?      ?    ? r_symmetry_metal_ion_refined ? ? 
'X-RAY DIFFRACTION' ? ?      ?      ?    ? r_symmetry_metal_ion_other   ? ? 
'X-RAY DIFFRACTION' ? 0.641  0.994  483  ? r_mcbond_it                  ? ? 
'X-RAY DIFFRACTION' ? 0.620  0.989  482  ? r_mcbond_other               ? ? 
'X-RAY DIFFRACTION' ? 0.982  1.490  606  ? r_mcangle_it                 ? ? 
'X-RAY DIFFRACTION' ? 0.983  1.494  607  ? r_mcangle_other              ? ? 
'X-RAY DIFFRACTION' ? 1.198  1.213  572  ? r_scbond_it                  ? ? 
'X-RAY DIFFRACTION' ? 1.199  1.205  569  ? r_scbond_other               ? ? 
'X-RAY DIFFRACTION' ? ?      ?      ?    ? r_scangle_it                 ? ? 
'X-RAY DIFFRACTION' ? 1.938  1.710  811  ? r_scangle_other              ? ? 
'X-RAY DIFFRACTION' ? 4.905  9.708  1463 ? r_long_range_B_refined       ? ? 
'X-RAY DIFFRACTION' ? 4.408  8.781  1348 ? r_long_range_B_other         ? ? 
'X-RAY DIFFRACTION' ? ?      ?      ?    ? r_rigid_bond_restr           ? ? 
'X-RAY DIFFRACTION' ? ?      ?      ?    ? r_sphericity_free            ? ? 
'X-RAY DIFFRACTION' ? ?      ?      ?    ? r_sphericity_bonded          ? ? 
# 
_refine_ls_shell.pdbx_refine_id                   'X-RAY DIFFRACTION' 
_refine_ls_shell.d_res_high                       1.099 
_refine_ls_shell.d_res_low                        1.128 
_refine_ls_shell.number_reflns_all                ? 
_refine_ls_shell.number_reflns_obs                ? 
_refine_ls_shell.number_reflns_R_free             190 
_refine_ls_shell.number_reflns_R_work             3518 
_refine_ls_shell.percent_reflns_obs               79.83 
_refine_ls_shell.percent_reflns_R_free            ? 
_refine_ls_shell.R_factor_all                     ? 
_refine_ls_shell.R_factor_obs                     ? 
_refine_ls_shell.R_factor_R_free                  0.196 
_refine_ls_shell.R_factor_R_free_error            ? 
_refine_ls_shell.R_factor_R_work                  0.192 
_refine_ls_shell.redundancy_reflns_all            ? 
_refine_ls_shell.redundancy_reflns_obs            ? 
_refine_ls_shell.wR_factor_all                    ? 
_refine_ls_shell.wR_factor_obs                    ? 
_refine_ls_shell.wR_factor_R_free                 ? 
_refine_ls_shell.wR_factor_R_work                 ? 
_refine_ls_shell.pdbx_total_number_of_bins_used   20 
_refine_ls_shell.pdbx_phase_error                 ? 
_refine_ls_shell.pdbx_fsc_work                    ? 
_refine_ls_shell.pdbx_fsc_free                    ? 
# 
_struct.entry_id                     5FG6 
_struct.title                        
'Crystal structure of the bromodomain of human BRD1 (BRPF2) in complex with OF-1 chemical probe' 
_struct.pdbx_model_details           ? 
_struct.pdbx_formula_weight          ? 
_struct.pdbx_formula_weight_method   ? 
_struct.pdbx_model_type_details      ? 
_struct.pdbx_CASP_flag               ? 
# 
_struct_keywords.entry_id        5FG6 
_struct_keywords.text            'MOZ-MORF complex, transcription' 
_struct_keywords.pdbx_keywords   TRANSCRIPTION 
# 
loop_
_struct_asym.id 
_struct_asym.pdbx_blank_PDB_chainid_flag 
_struct_asym.pdbx_modified 
_struct_asym.entity_id 
_struct_asym.details 
A N N 1 ? 
B N N 2 ? 
C N N 2 ? 
D N N 2 ? 
E N N 2 ? 
F N N 3 ? 
G N N 4 ? 
H N N 5 ? 
I N N 6 ? 
# 
_struct_ref.id                         1 
_struct_ref.db_name                    UNP 
_struct_ref.db_code                    BRD1_HUMAN 
_struct_ref.pdbx_db_accession          O95696 
_struct_ref.pdbx_db_isoform            ? 
_struct_ref.entity_id                  1 
_struct_ref.pdbx_seq_one_letter_code   
;RLTPLTVLLRSVLDQLQDKDPARIFAQPVSLKEVPDYLDHIKHPMDFATMRKRLEAQGYKNLHEFEEDFDLIIDNCMKYN
ARDTVFYRAAVRLRDQGGVVLRQARREVDSIGLEEASGMHLPERPA
;
_struct_ref.pdbx_align_begin           563 
# 
_struct_ref_seq.align_id                      1 
_struct_ref_seq.ref_id                        1 
_struct_ref_seq.pdbx_PDB_id_code              5FG6 
_struct_ref_seq.pdbx_strand_id                A 
_struct_ref_seq.seq_align_beg                 3 
_struct_ref_seq.pdbx_seq_align_beg_ins_code   ? 
_struct_ref_seq.seq_align_end                 128 
_struct_ref_seq.pdbx_seq_align_end_ins_code   ? 
_struct_ref_seq.pdbx_db_accession             O95696 
_struct_ref_seq.db_align_beg                  563 
_struct_ref_seq.pdbx_db_align_beg_ins_code    ? 
_struct_ref_seq.db_align_end                  688 
_struct_ref_seq.pdbx_db_align_end_ins_code    ? 
_struct_ref_seq.pdbx_auth_seq_align_beg       563 
_struct_ref_seq.pdbx_auth_seq_align_end       688 
# 
loop_
_struct_ref_seq_dif.align_id 
_struct_ref_seq_dif.pdbx_pdb_id_code 
_struct_ref_seq_dif.mon_id 
_struct_ref_seq_dif.pdbx_pdb_strand_id 
_struct_ref_seq_dif.seq_num 
_struct_ref_seq_dif.pdbx_pdb_ins_code 
_struct_ref_seq_dif.pdbx_seq_db_name 
_struct_ref_seq_dif.pdbx_seq_db_accession_code 
_struct_ref_seq_dif.db_mon_id 
_struct_ref_seq_dif.pdbx_seq_db_seq_num 
_struct_ref_seq_dif.details 
_struct_ref_seq_dif.pdbx_auth_seq_num 
_struct_ref_seq_dif.pdbx_ordinal 
1 5FG6 SER A 1 ? UNP O95696 ? ? 'expression tag' 561 1 
1 5FG6 MET A 2 ? UNP O95696 ? ? 'expression tag' 562 2 
# 
_pdbx_struct_assembly.id                   1 
_pdbx_struct_assembly.details              software_defined_assembly 
_pdbx_struct_assembly.method_details       PISA 
_pdbx_struct_assembly.oligomeric_details   monomeric 
_pdbx_struct_assembly.oligomeric_count     1 
# 
loop_
_pdbx_struct_assembly_prop.biol_id 
_pdbx_struct_assembly_prop.type 
_pdbx_struct_assembly_prop.value 
_pdbx_struct_assembly_prop.details 
1 'ABSA (A^2)' 760  ? 
1 MORE         -1   ? 
1 'SSA (A^2)'  7780 ? 
# 
_pdbx_struct_assembly_gen.assembly_id       1 
_pdbx_struct_assembly_gen.oper_expression   1 
_pdbx_struct_assembly_gen.asym_id_list      A,B,C,D,E,F,G,H,I 
# 
_pdbx_struct_oper_list.id                   1 
_pdbx_struct_oper_list.type                 'identity operation' 
_pdbx_struct_oper_list.name                 1_555 
_pdbx_struct_oper_list.symmetry_operation   x,y,z 
_pdbx_struct_oper_list.matrix[1][1]         1.0000000000 
_pdbx_struct_oper_list.matrix[1][2]         0.0000000000 
_pdbx_struct_oper_list.matrix[1][3]         0.0000000000 
_pdbx_struct_oper_list.vector[1]            0.0000000000 
_pdbx_struct_oper_list.matrix[2][1]         0.0000000000 
_pdbx_struct_oper_list.matrix[2][2]         1.0000000000 
_pdbx_struct_oper_list.matrix[2][3]         0.0000000000 
_pdbx_struct_oper_list.vector[2]            0.0000000000 
_pdbx_struct_oper_list.matrix[3][1]         0.0000000000 
_pdbx_struct_oper_list.matrix[3][2]         0.0000000000 
_pdbx_struct_oper_list.matrix[3][3]         1.0000000000 
_pdbx_struct_oper_list.vector[3]            0.0000000000 
# 
loop_
_struct_conf.conf_type_id 
_struct_conf.id 
_struct_conf.pdbx_PDB_helix_id 
_struct_conf.beg_label_comp_id 
_struct_conf.beg_label_asym_id 
_struct_conf.beg_label_seq_id 
_struct_conf.pdbx_beg_PDB_ins_code 
_struct_conf.end_label_comp_id 
_struct_conf.end_label_asym_id 
_struct_conf.end_label_seq_id 
_struct_conf.pdbx_end_PDB_ins_code 
_struct_conf.beg_auth_comp_id 
_struct_conf.beg_auth_asym_id 
_struct_conf.beg_auth_seq_id 
_struct_conf.end_auth_comp_id 
_struct_conf.end_auth_asym_id 
_struct_conf.end_auth_seq_id 
_struct_conf.pdbx_PDB_helix_class 
_struct_conf.details 
_struct_conf.pdbx_PDB_helix_length 
HELX_P HELX_P1 AA1 THR A 5   ? ASP A 20  ? THR A 565 ASP A 580 1 ? 16 
HELX_P HELX_P2 AA2 ASP A 38  ? ILE A 43  ? ASP A 598 ILE A 603 1 ? 6  
HELX_P HELX_P3 AA3 ASP A 48  ? ALA A 58  ? ASP A 608 ALA A 618 1 ? 11 
HELX_P HELX_P4 AA4 ASN A 63  ? ASN A 82  ? ASN A 623 ASN A 642 1 ? 20 
HELX_P HELX_P5 AA5 THR A 86  ? GLY A 114 ? THR A 646 GLY A 674 1 ? 29 
HELX_P HELX_P6 AA6 GLY A 114 ? GLY A 120 ? GLY A 674 GLY A 680 1 ? 7  
# 
_struct_conf_type.id          HELX_P 
_struct_conf_type.criteria    ? 
_struct_conf_type.reference   ? 
# 
loop_
_struct_site.id 
_struct_site.pdbx_evidence_code 
_struct_site.pdbx_auth_asym_id 
_struct_site.pdbx_auth_comp_id 
_struct_site.pdbx_auth_seq_id 
_struct_site.pdbx_auth_ins_code 
_struct_site.pdbx_num_residues 
_struct_site.details 
AC1 Software A EDO 701 ? 4  'binding site for residue EDO A 701' 
AC2 Software A EDO 702 ? 4  'binding site for residue EDO A 702' 
AC3 Software A EDO 703 ? 4  'binding site for residue EDO A 703' 
AC4 Software A EDO 704 ? 3  'binding site for residue EDO A 704' 
AC5 Software A 5XE 705 ? 14 'binding site for residue 5XE A 705' 
AC6 Software A NI  706 ? 1  'binding site for residue NI A 706'  
AC7 Software A PO4 707 ? 4  'binding site for residue PO4 A 707' 
# 
loop_
_struct_site_gen.id 
_struct_site_gen.site_id 
_struct_site_gen.pdbx_num_res 
_struct_site_gen.label_comp_id 
_struct_site_gen.label_asym_id 
_struct_site_gen.label_seq_id 
_struct_site_gen.pdbx_auth_ins_code 
_struct_site_gen.auth_comp_id 
_struct_site_gen.auth_asym_id 
_struct_site_gen.auth_seq_id 
_struct_site_gen.label_atom_id 
_struct_site_gen.label_alt_id 
_struct_site_gen.symmetry 
_struct_site_gen.details 
1  AC1 4  ASP A 97  ? ASP A 657 . ? 1_555 ? 
2  AC1 4  GLN A 98  ? GLN A 658 . ? 1_555 ? 
3  AC1 4  EDO C .   ? EDO A 702 . ? 1_555 ? 
4  AC1 4  HOH I .   ? HOH A 831 . ? 1_555 ? 
5  AC2 4  ASP A 41  ? ASP A 601 . ? 8_545 ? 
6  AC2 4  HIS A 42  ? HIS A 602 . ? 8_545 ? 
7  AC2 4  VAL A 101 ? VAL A 661 . ? 1_555 ? 
8  AC2 4  EDO B .   ? EDO A 701 . ? 1_555 ? 
9  AC3 4  GLU A 68  ? GLU A 628 . ? 1_555 ? 
10 AC3 4  ASP A 72  ? ASP A 632 . ? 1_555 ? 
11 AC3 4  HOH I .   ? HOH A 812 . ? 1_555 ? 
12 AC3 4  HOH I .   ? HOH A 899 . ? 1_555 ? 
13 AC4 3  TYR A 81  ? TYR A 641 . ? 3_554 ? 
14 AC4 3  HOH I .   ? HOH A 825 . ? 1_555 ? 
15 AC4 3  HOH I .   ? HOH A 828 . ? 1_555 ? 
16 AC5 14 ALA A 24  ? ALA A 584 . ? 3_554 ? 
17 AC5 14 ILE A 26  ? ILE A 586 . ? 3_554 ? 
18 AC5 14 ILE A 26  ? ILE A 586 . ? 1_555 ? 
19 AC5 14 PHE A 27  ? PHE A 587 . ? 1_555 ? 
20 AC5 14 VAL A 31  ? VAL A 591 . ? 1_555 ? 
21 AC5 14 GLU A 35  ? GLU A 595 . ? 1_555 ? 
22 AC5 14 VAL A 36  ? VAL A 596 . ? 1_555 ? 
23 AC5 14 CYS A 78  ? CYS A 638 . ? 1_555 ? 
24 AC5 14 ASN A 82  ? ASN A 642 . ? 1_555 ? 
25 AC5 14 VAL A 87  ? VAL A 647 . ? 3_554 ? 
26 AC5 14 PHE A 88  ? PHE A 648 . ? 1_555 ? 
27 AC5 14 HOH I .   ? HOH A 807 . ? 1_555 ? 
28 AC5 14 HOH I .   ? HOH A 818 . ? 1_555 ? 
29 AC5 14 HOH I .   ? HOH A 926 . ? 1_555 ? 
30 AC6 1  HIS A 45  ? HIS A 605 . ? 1_555 ? 
31 AC7 4  ARG A 3   ? ARG A 563 . ? 1_555 ? 
32 AC7 4  LEU A 4   ? LEU A 564 . ? 1_555 ? 
33 AC7 4  LYS A 34  ? LYS A 594 . ? 2_555 ? 
34 AC7 4  HOH I .   ? HOH A 883 . ? 1_555 ? 
# 
loop_
_pdbx_validate_close_contact.id 
_pdbx_validate_close_contact.PDB_model_num 
_pdbx_validate_close_contact.auth_atom_id_1 
_pdbx_validate_close_contact.auth_asym_id_1 
_pdbx_validate_close_contact.auth_comp_id_1 
_pdbx_validate_close_contact.auth_seq_id_1 
_pdbx_validate_close_contact.PDB_ins_code_1 
_pdbx_validate_close_contact.label_alt_id_1 
_pdbx_validate_close_contact.auth_atom_id_2 
_pdbx_validate_close_contact.auth_asym_id_2 
_pdbx_validate_close_contact.auth_comp_id_2 
_pdbx_validate_close_contact.auth_seq_id_2 
_pdbx_validate_close_contact.PDB_ins_code_2 
_pdbx_validate_close_contact.label_alt_id_2 
_pdbx_validate_close_contact.dist 
1 1 O   A HOH 838 ? ? O A HOH 842 ? ? 2.00 
2 1 OD2 A ASP 576 ? ? O A HOH 801 ? ? 2.09 
3 1 NH1 A ARG 650 ? ? O A HOH 802 ? ? 2.12 
# 
loop_
_pdbx_validate_symm_contact.id 
_pdbx_validate_symm_contact.PDB_model_num 
_pdbx_validate_symm_contact.auth_atom_id_1 
_pdbx_validate_symm_contact.auth_asym_id_1 
_pdbx_validate_symm_contact.auth_comp_id_1 
_pdbx_validate_symm_contact.auth_seq_id_1 
_pdbx_validate_symm_contact.PDB_ins_code_1 
_pdbx_validate_symm_contact.label_alt_id_1 
_pdbx_validate_symm_contact.site_symmetry_1 
_pdbx_validate_symm_contact.auth_atom_id_2 
_pdbx_validate_symm_contact.auth_asym_id_2 
_pdbx_validate_symm_contact.auth_comp_id_2 
_pdbx_validate_symm_contact.auth_seq_id_2 
_pdbx_validate_symm_contact.PDB_ins_code_2 
_pdbx_validate_symm_contact.label_alt_id_2 
_pdbx_validate_symm_contact.site_symmetry_2 
_pdbx_validate_symm_contact.dist 
1 1 O A HOH 966 ? ? 1_555 O A HOH 966 ? ? 3_555 0.91 
2 1 O A HOH 828 ? ? 1_555 O A HOH 886 ? ? 6_544 1.72 
# 
_pdbx_validate_rmsd_angle.id                         1 
_pdbx_validate_rmsd_angle.PDB_model_num              1 
_pdbx_validate_rmsd_angle.auth_atom_id_1             NE 
_pdbx_validate_rmsd_angle.auth_asym_id_1             A 
_pdbx_validate_rmsd_angle.auth_comp_id_1             ARG 
_pdbx_validate_rmsd_angle.auth_seq_id_1              654 
_pdbx_validate_rmsd_angle.PDB_ins_code_1             ? 
_pdbx_validate_rmsd_angle.label_alt_id_1             ? 
_pdbx_validate_rmsd_angle.auth_atom_id_2             CZ 
_pdbx_validate_rmsd_angle.auth_asym_id_2             A 
_pdbx_validate_rmsd_angle.auth_comp_id_2             ARG 
_pdbx_validate_rmsd_angle.auth_seq_id_2              654 
_pdbx_validate_rmsd_angle.PDB_ins_code_2             ? 
_pdbx_validate_rmsd_angle.label_alt_id_2             ? 
_pdbx_validate_rmsd_angle.auth_atom_id_3             NH1 
_pdbx_validate_rmsd_angle.auth_asym_id_3             A 
_pdbx_validate_rmsd_angle.auth_comp_id_3             ARG 
_pdbx_validate_rmsd_angle.auth_seq_id_3              654 
_pdbx_validate_rmsd_angle.PDB_ins_code_3             ? 
_pdbx_validate_rmsd_angle.label_alt_id_3             ? 
_pdbx_validate_rmsd_angle.angle_value                123.39 
_pdbx_validate_rmsd_angle.angle_target_value         120.30 
_pdbx_validate_rmsd_angle.angle_deviation            3.09 
_pdbx_validate_rmsd_angle.angle_standard_deviation   0.50 
_pdbx_validate_rmsd_angle.linker_flag                N 
# 
_pdbx_validate_torsion.id              1 
_pdbx_validate_torsion.PDB_model_num   1 
_pdbx_validate_torsion.auth_comp_id    HIS 
_pdbx_validate_torsion.auth_asym_id    A 
_pdbx_validate_torsion.auth_seq_id     602 
_pdbx_validate_torsion.PDB_ins_code    ? 
_pdbx_validate_torsion.label_alt_id    B 
_pdbx_validate_torsion.phi             -142.14 
_pdbx_validate_torsion.psi             26.51 
# 
_pdbx_validate_peptide_omega.id               1 
_pdbx_validate_peptide_omega.PDB_model_num    1 
_pdbx_validate_peptide_omega.auth_comp_id_1   ARG 
_pdbx_validate_peptide_omega.auth_asym_id_1   A 
_pdbx_validate_peptide_omega.auth_seq_id_1    563 
_pdbx_validate_peptide_omega.PDB_ins_code_1   ? 
_pdbx_validate_peptide_omega.label_alt_id_1   ? 
_pdbx_validate_peptide_omega.auth_comp_id_2   LEU 
_pdbx_validate_peptide_omega.auth_asym_id_2   A 
_pdbx_validate_peptide_omega.auth_seq_id_2    564 
_pdbx_validate_peptide_omega.PDB_ins_code_2   ? 
_pdbx_validate_peptide_omega.label_alt_id_2   ? 
_pdbx_validate_peptide_omega.omega            -147.89 
# 
loop_
_pdbx_struct_special_symmetry.id 
_pdbx_struct_special_symmetry.PDB_model_num 
_pdbx_struct_special_symmetry.auth_asym_id 
_pdbx_struct_special_symmetry.auth_comp_id 
_pdbx_struct_special_symmetry.auth_seq_id 
_pdbx_struct_special_symmetry.PDB_ins_code 
_pdbx_struct_special_symmetry.label_asym_id 
_pdbx_struct_special_symmetry.label_comp_id 
_pdbx_struct_special_symmetry.label_seq_id 
1 1 A NI  706 ? G NI  . 
2 1 A HOH 804 ? I HOH . 
3 1 A HOH 960 ? I HOH . 
4 1 A HOH 988 ? I HOH . 
# 
loop_
_pdbx_unobs_or_zero_occ_residues.id 
_pdbx_unobs_or_zero_occ_residues.PDB_model_num 
_pdbx_unobs_or_zero_occ_residues.polymer_flag 
_pdbx_unobs_or_zero_occ_residues.occupancy_flag 
_pdbx_unobs_or_zero_occ_residues.auth_asym_id 
_pdbx_unobs_or_zero_occ_residues.auth_comp_id 
_pdbx_unobs_or_zero_occ_residues.auth_seq_id 
_pdbx_unobs_or_zero_occ_residues.PDB_ins_code 
_pdbx_unobs_or_zero_occ_residues.label_asym_id 
_pdbx_unobs_or_zero_occ_residues.label_comp_id 
_pdbx_unobs_or_zero_occ_residues.label_seq_id 
1  1 Y 1 A SER 561 ? A SER 1   
2  1 Y 1 A MET 562 ? A MET 2   
3  1 Y 1 A MET 681 ? A MET 121 
4  1 Y 1 A HIS 682 ? A HIS 122 
5  1 Y 1 A LEU 683 ? A LEU 123 
6  1 Y 1 A PRO 684 ? A PRO 124 
7  1 Y 1 A GLU 685 ? A GLU 125 
8  1 Y 1 A ARG 686 ? A ARG 126 
9  1 Y 1 A PRO 687 ? A PRO 127 
10 1 Y 1 A ALA 688 ? A ALA 128 
# 
loop_
_chem_comp_atom.comp_id 
_chem_comp_atom.atom_id 
_chem_comp_atom.type_symbol 
_chem_comp_atom.pdbx_aromatic_flag 
_chem_comp_atom.pdbx_stereo_config 
_chem_comp_atom.pdbx_ordinal 
5XE CAZ  C  N N 1   
5XE CAT  C  Y N 2   
5XE CAU  C  Y N 3   
5XE CAV  C  Y N 4   
5XE BR   BR N N 5   
5XE CAW  C  Y N 6   
5XE CAX  C  Y N 7   
5XE CAR  C  Y N 8   
5XE SAA  S  N N 9   
5XE OAC  O  N N 10  
5XE OAD  O  N N 11  
5XE NAB  N  N N 12  
5XE CAE  C  Y N 13  
5XE CAF  C  Y N 14  
5XE CAG  C  Y N 15  
5XE NAL  N  N N 16  
5XE CAP  C  N N 17  
5XE CAM  C  N N 18  
5XE OAO  O  N N 19  
5XE NAN  N  N N 20  
5XE CAQ  C  N N 21  
5XE CAH  C  Y N 22  
5XE CAI  C  Y N 23  
5XE CAJ  C  Y N 24  
5XE OAK  O  N N 25  
5XE CAS  C  N N 26  
5XE H1   H  N N 27  
5XE H2   H  N N 28  
5XE H3   H  N N 29  
5XE H4   H  N N 30  
5XE H5   H  N N 31  
5XE H6   H  N N 32  
5XE H7   H  N N 33  
5XE H8   H  N N 34  
5XE H9   H  N N 35  
5XE H10  H  N N 36  
5XE H11  H  N N 37  
5XE H12  H  N N 38  
5XE H13  H  N N 39  
5XE H14  H  N N 40  
5XE H15  H  N N 41  
5XE H16  H  N N 42  
5XE H17  H  N N 43  
5XE H18  H  N N 44  
ALA N    N  N N 45  
ALA CA   C  N S 46  
ALA C    C  N N 47  
ALA O    O  N N 48  
ALA CB   C  N N 49  
ALA OXT  O  N N 50  
ALA H    H  N N 51  
ALA H2   H  N N 52  
ALA HA   H  N N 53  
ALA HB1  H  N N 54  
ALA HB2  H  N N 55  
ALA HB3  H  N N 56  
ALA HXT  H  N N 57  
ARG N    N  N N 58  
ARG CA   C  N S 59  
ARG C    C  N N 60  
ARG O    O  N N 61  
ARG CB   C  N N 62  
ARG CG   C  N N 63  
ARG CD   C  N N 64  
ARG NE   N  N N 65  
ARG CZ   C  N N 66  
ARG NH1  N  N N 67  
ARG NH2  N  N N 68  
ARG OXT  O  N N 69  
ARG H    H  N N 70  
ARG H2   H  N N 71  
ARG HA   H  N N 72  
ARG HB2  H  N N 73  
ARG HB3  H  N N 74  
ARG HG2  H  N N 75  
ARG HG3  H  N N 76  
ARG HD2  H  N N 77  
ARG HD3  H  N N 78  
ARG HE   H  N N 79  
ARG HH11 H  N N 80  
ARG HH12 H  N N 81  
ARG HH21 H  N N 82  
ARG HH22 H  N N 83  
ARG HXT  H  N N 84  
ASN N    N  N N 85  
ASN CA   C  N S 86  
ASN C    C  N N 87  
ASN O    O  N N 88  
ASN CB   C  N N 89  
ASN CG   C  N N 90  
ASN OD1  O  N N 91  
ASN ND2  N  N N 92  
ASN OXT  O  N N 93  
ASN H    H  N N 94  
ASN H2   H  N N 95  
ASN HA   H  N N 96  
ASN HB2  H  N N 97  
ASN HB3  H  N N 98  
ASN HD21 H  N N 99  
ASN HD22 H  N N 100 
ASN HXT  H  N N 101 
ASP N    N  N N 102 
ASP CA   C  N S 103 
ASP C    C  N N 104 
ASP O    O  N N 105 
ASP CB   C  N N 106 
ASP CG   C  N N 107 
ASP OD1  O  N N 108 
ASP OD2  O  N N 109 
ASP OXT  O  N N 110 
ASP H    H  N N 111 
ASP H2   H  N N 112 
ASP HA   H  N N 113 
ASP HB2  H  N N 114 
ASP HB3  H  N N 115 
ASP HD2  H  N N 116 
ASP HXT  H  N N 117 
CYS N    N  N N 118 
CYS CA   C  N R 119 
CYS C    C  N N 120 
CYS O    O  N N 121 
CYS CB   C  N N 122 
CYS SG   S  N N 123 
CYS OXT  O  N N 124 
CYS H    H  N N 125 
CYS H2   H  N N 126 
CYS HA   H  N N 127 
CYS HB2  H  N N 128 
CYS HB3  H  N N 129 
CYS HG   H  N N 130 
CYS HXT  H  N N 131 
EDO C1   C  N N 132 
EDO O1   O  N N 133 
EDO C2   C  N N 134 
EDO O2   O  N N 135 
EDO H11  H  N N 136 
EDO H12  H  N N 137 
EDO HO1  H  N N 138 
EDO H21  H  N N 139 
EDO H22  H  N N 140 
EDO HO2  H  N N 141 
GLN N    N  N N 142 
GLN CA   C  N S 143 
GLN C    C  N N 144 
GLN O    O  N N 145 
GLN CB   C  N N 146 
GLN CG   C  N N 147 
GLN CD   C  N N 148 
GLN OE1  O  N N 149 
GLN NE2  N  N N 150 
GLN OXT  O  N N 151 
GLN H    H  N N 152 
GLN H2   H  N N 153 
GLN HA   H  N N 154 
GLN HB2  H  N N 155 
GLN HB3  H  N N 156 
GLN HG2  H  N N 157 
GLN HG3  H  N N 158 
GLN HE21 H  N N 159 
GLN HE22 H  N N 160 
GLN HXT  H  N N 161 
GLU N    N  N N 162 
GLU CA   C  N S 163 
GLU C    C  N N 164 
GLU O    O  N N 165 
GLU CB   C  N N 166 
GLU CG   C  N N 167 
GLU CD   C  N N 168 
GLU OE1  O  N N 169 
GLU OE2  O  N N 170 
GLU OXT  O  N N 171 
GLU H    H  N N 172 
GLU H2   H  N N 173 
GLU HA   H  N N 174 
GLU HB2  H  N N 175 
GLU HB3  H  N N 176 
GLU HG2  H  N N 177 
GLU HG3  H  N N 178 
GLU HE2  H  N N 179 
GLU HXT  H  N N 180 
GLY N    N  N N 181 
GLY CA   C  N N 182 
GLY C    C  N N 183 
GLY O    O  N N 184 
GLY OXT  O  N N 185 
GLY H    H  N N 186 
GLY H2   H  N N 187 
GLY HA2  H  N N 188 
GLY HA3  H  N N 189 
GLY HXT  H  N N 190 
HIS N    N  N N 191 
HIS CA   C  N S 192 
HIS C    C  N N 193 
HIS O    O  N N 194 
HIS CB   C  N N 195 
HIS CG   C  Y N 196 
HIS ND1  N  Y N 197 
HIS CD2  C  Y N 198 
HIS CE1  C  Y N 199 
HIS NE2  N  Y N 200 
HIS OXT  O  N N 201 
HIS H    H  N N 202 
HIS H2   H  N N 203 
HIS HA   H  N N 204 
HIS HB2  H  N N 205 
HIS HB3  H  N N 206 
HIS HD1  H  N N 207 
HIS HD2  H  N N 208 
HIS HE1  H  N N 209 
HIS HE2  H  N N 210 
HIS HXT  H  N N 211 
HOH O    O  N N 212 
HOH H1   H  N N 213 
HOH H2   H  N N 214 
ILE N    N  N N 215 
ILE CA   C  N S 216 
ILE C    C  N N 217 
ILE O    O  N N 218 
ILE CB   C  N S 219 
ILE CG1  C  N N 220 
ILE CG2  C  N N 221 
ILE CD1  C  N N 222 
ILE OXT  O  N N 223 
ILE H    H  N N 224 
ILE H2   H  N N 225 
ILE HA   H  N N 226 
ILE HB   H  N N 227 
ILE HG12 H  N N 228 
ILE HG13 H  N N 229 
ILE HG21 H  N N 230 
ILE HG22 H  N N 231 
ILE HG23 H  N N 232 
ILE HD11 H  N N 233 
ILE HD12 H  N N 234 
ILE HD13 H  N N 235 
ILE HXT  H  N N 236 
LEU N    N  N N 237 
LEU CA   C  N S 238 
LEU C    C  N N 239 
LEU O    O  N N 240 
LEU CB   C  N N 241 
LEU CG   C  N N 242 
LEU CD1  C  N N 243 
LEU CD2  C  N N 244 
LEU OXT  O  N N 245 
LEU H    H  N N 246 
LEU H2   H  N N 247 
LEU HA   H  N N 248 
LEU HB2  H  N N 249 
LEU HB3  H  N N 250 
LEU HG   H  N N 251 
LEU HD11 H  N N 252 
LEU HD12 H  N N 253 
LEU HD13 H  N N 254 
LEU HD21 H  N N 255 
LEU HD22 H  N N 256 
LEU HD23 H  N N 257 
LEU HXT  H  N N 258 
LYS N    N  N N 259 
LYS CA   C  N S 260 
LYS C    C  N N 261 
LYS O    O  N N 262 
LYS CB   C  N N 263 
LYS CG   C  N N 264 
LYS CD   C  N N 265 
LYS CE   C  N N 266 
LYS NZ   N  N N 267 
LYS OXT  O  N N 268 
LYS H    H  N N 269 
LYS H2   H  N N 270 
LYS HA   H  N N 271 
LYS HB2  H  N N 272 
LYS HB3  H  N N 273 
LYS HG2  H  N N 274 
LYS HG3  H  N N 275 
LYS HD2  H  N N 276 
LYS HD3  H  N N 277 
LYS HE2  H  N N 278 
LYS HE3  H  N N 279 
LYS HZ1  H  N N 280 
LYS HZ2  H  N N 281 
LYS HZ3  H  N N 282 
LYS HXT  H  N N 283 
MET N    N  N N 284 
MET CA   C  N S 285 
MET C    C  N N 286 
MET O    O  N N 287 
MET CB   C  N N 288 
MET CG   C  N N 289 
MET SD   S  N N 290 
MET CE   C  N N 291 
MET OXT  O  N N 292 
MET H    H  N N 293 
MET H2   H  N N 294 
MET HA   H  N N 295 
MET HB2  H  N N 296 
MET HB3  H  N N 297 
MET HG2  H  N N 298 
MET HG3  H  N N 299 
MET HE1  H  N N 300 
MET HE2  H  N N 301 
MET HE3  H  N N 302 
MET HXT  H  N N 303 
NI  NI   NI N N 304 
PHE N    N  N N 305 
PHE CA   C  N S 306 
PHE C    C  N N 307 
PHE O    O  N N 308 
PHE CB   C  N N 309 
PHE CG   C  Y N 310 
PHE CD1  C  Y N 311 
PHE CD2  C  Y N 312 
PHE CE1  C  Y N 313 
PHE CE2  C  Y N 314 
PHE CZ   C  Y N 315 
PHE OXT  O  N N 316 
PHE H    H  N N 317 
PHE H2   H  N N 318 
PHE HA   H  N N 319 
PHE HB2  H  N N 320 
PHE HB3  H  N N 321 
PHE HD1  H  N N 322 
PHE HD2  H  N N 323 
PHE HE1  H  N N 324 
PHE HE2  H  N N 325 
PHE HZ   H  N N 326 
PHE HXT  H  N N 327 
PO4 P    P  N N 328 
PO4 O1   O  N N 329 
PO4 O2   O  N N 330 
PO4 O3   O  N N 331 
PO4 O4   O  N N 332 
PRO N    N  N N 333 
PRO CA   C  N S 334 
PRO C    C  N N 335 
PRO O    O  N N 336 
PRO CB   C  N N 337 
PRO CG   C  N N 338 
PRO CD   C  N N 339 
PRO OXT  O  N N 340 
PRO H    H  N N 341 
PRO HA   H  N N 342 
PRO HB2  H  N N 343 
PRO HB3  H  N N 344 
PRO HG2  H  N N 345 
PRO HG3  H  N N 346 
PRO HD2  H  N N 347 
PRO HD3  H  N N 348 
PRO HXT  H  N N 349 
SER N    N  N N 350 
SER CA   C  N S 351 
SER C    C  N N 352 
SER O    O  N N 353 
SER CB   C  N N 354 
SER OG   O  N N 355 
SER OXT  O  N N 356 
SER H    H  N N 357 
SER H2   H  N N 358 
SER HA   H  N N 359 
SER HB2  H  N N 360 
SER HB3  H  N N 361 
SER HG   H  N N 362 
SER HXT  H  N N 363 
THR N    N  N N 364 
THR CA   C  N S 365 
THR C    C  N N 366 
THR O    O  N N 367 
THR CB   C  N R 368 
THR OG1  O  N N 369 
THR CG2  C  N N 370 
THR OXT  O  N N 371 
THR H    H  N N 372 
THR H2   H  N N 373 
THR HA   H  N N 374 
THR HB   H  N N 375 
THR HG1  H  N N 376 
THR HG21 H  N N 377 
THR HG22 H  N N 378 
THR HG23 H  N N 379 
THR HXT  H  N N 380 
TYR N    N  N N 381 
TYR CA   C  N S 382 
TYR C    C  N N 383 
TYR O    O  N N 384 
TYR CB   C  N N 385 
TYR CG   C  Y N 386 
TYR CD1  C  Y N 387 
TYR CD2  C  Y N 388 
TYR CE1  C  Y N 389 
TYR CE2  C  Y N 390 
TYR CZ   C  Y N 391 
TYR OH   O  N N 392 
TYR OXT  O  N N 393 
TYR H    H  N N 394 
TYR H2   H  N N 395 
TYR HA   H  N N 396 
TYR HB2  H  N N 397 
TYR HB3  H  N N 398 
TYR HD1  H  N N 399 
TYR HD2  H  N N 400 
TYR HE1  H  N N 401 
TYR HE2  H  N N 402 
TYR HH   H  N N 403 
TYR HXT  H  N N 404 
VAL N    N  N N 405 
VAL CA   C  N S 406 
VAL C    C  N N 407 
VAL O    O  N N 408 
VAL CB   C  N N 409 
VAL CG1  C  N N 410 
VAL CG2  C  N N 411 
VAL OXT  O  N N 412 
VAL H    H  N N 413 
VAL H2   H  N N 414 
VAL HA   H  N N 415 
VAL HB   H  N N 416 
VAL HG11 H  N N 417 
VAL HG12 H  N N 418 
VAL HG13 H  N N 419 
VAL HG21 H  N N 420 
VAL HG22 H  N N 421 
VAL HG23 H  N N 422 
VAL HXT  H  N N 423 
# 
loop_
_chem_comp_bond.comp_id 
_chem_comp_bond.atom_id_1 
_chem_comp_bond.atom_id_2 
_chem_comp_bond.value_order 
_chem_comp_bond.pdbx_aromatic_flag 
_chem_comp_bond.pdbx_stereo_config 
_chem_comp_bond.pdbx_ordinal 
5XE BR  CAV  sing N N 1   
5XE CAV CAW  doub Y N 2   
5XE CAV CAU  sing Y N 3   
5XE CAW CAX  sing Y N 4   
5XE CAU CAT  doub Y N 5   
5XE CAX CAR  doub Y N 6   
5XE CAT CAR  sing Y N 7   
5XE CAT CAZ  sing N N 8   
5XE CAR SAA  sing N N 9   
5XE OAC SAA  doub N N 10  
5XE SAA OAD  doub N N 11  
5XE SAA NAB  sing N N 12  
5XE NAB CAE  sing N N 13  
5XE CAE CAF  doub Y N 14  
5XE CAE CAJ  sing Y N 15  
5XE OAK CAJ  sing N N 16  
5XE OAK CAS  sing N N 17  
5XE CAF CAG  sing Y N 18  
5XE CAJ CAI  doub Y N 19  
5XE CAG NAL  sing N N 20  
5XE CAG CAH  doub Y N 21  
5XE CAP NAL  sing N N 22  
5XE CAI CAH  sing Y N 23  
5XE NAL CAM  sing N N 24  
5XE CAH NAN  sing N N 25  
5XE NAN CAM  sing N N 26  
5XE NAN CAQ  sing N N 27  
5XE CAM OAO  doub N N 28  
5XE CAZ H1   sing N N 29  
5XE CAZ H2   sing N N 30  
5XE CAZ H3   sing N N 31  
5XE CAU H4   sing N N 32  
5XE CAW H5   sing N N 33  
5XE CAX H6   sing N N 34  
5XE NAB H7   sing N N 35  
5XE CAF H8   sing N N 36  
5XE CAP H9   sing N N 37  
5XE CAP H10  sing N N 38  
5XE CAP H11  sing N N 39  
5XE CAQ H12  sing N N 40  
5XE CAQ H13  sing N N 41  
5XE CAQ H14  sing N N 42  
5XE CAI H15  sing N N 43  
5XE CAS H16  sing N N 44  
5XE CAS H17  sing N N 45  
5XE CAS H18  sing N N 46  
ALA N   CA   sing N N 47  
ALA N   H    sing N N 48  
ALA N   H2   sing N N 49  
ALA CA  C    sing N N 50  
ALA CA  CB   sing N N 51  
ALA CA  HA   sing N N 52  
ALA C   O    doub N N 53  
ALA C   OXT  sing N N 54  
ALA CB  HB1  sing N N 55  
ALA CB  HB2  sing N N 56  
ALA CB  HB3  sing N N 57  
ALA OXT HXT  sing N N 58  
ARG N   CA   sing N N 59  
ARG N   H    sing N N 60  
ARG N   H2   sing N N 61  
ARG CA  C    sing N N 62  
ARG CA  CB   sing N N 63  
ARG CA  HA   sing N N 64  
ARG C   O    doub N N 65  
ARG C   OXT  sing N N 66  
ARG CB  CG   sing N N 67  
ARG CB  HB2  sing N N 68  
ARG CB  HB3  sing N N 69  
ARG CG  CD   sing N N 70  
ARG CG  HG2  sing N N 71  
ARG CG  HG3  sing N N 72  
ARG CD  NE   sing N N 73  
ARG CD  HD2  sing N N 74  
ARG CD  HD3  sing N N 75  
ARG NE  CZ   sing N N 76  
ARG NE  HE   sing N N 77  
ARG CZ  NH1  sing N N 78  
ARG CZ  NH2  doub N N 79  
ARG NH1 HH11 sing N N 80  
ARG NH1 HH12 sing N N 81  
ARG NH2 HH21 sing N N 82  
ARG NH2 HH22 sing N N 83  
ARG OXT HXT  sing N N 84  
ASN N   CA   sing N N 85  
ASN N   H    sing N N 86  
ASN N   H2   sing N N 87  
ASN CA  C    sing N N 88  
ASN CA  CB   sing N N 89  
ASN CA  HA   sing N N 90  
ASN C   O    doub N N 91  
ASN C   OXT  sing N N 92  
ASN CB  CG   sing N N 93  
ASN CB  HB2  sing N N 94  
ASN CB  HB3  sing N N 95  
ASN CG  OD1  doub N N 96  
ASN CG  ND2  sing N N 97  
ASN ND2 HD21 sing N N 98  
ASN ND2 HD22 sing N N 99  
ASN OXT HXT  sing N N 100 
ASP N   CA   sing N N 101 
ASP N   H    sing N N 102 
ASP N   H2   sing N N 103 
ASP CA  C    sing N N 104 
ASP CA  CB   sing N N 105 
ASP CA  HA   sing N N 106 
ASP C   O    doub N N 107 
ASP C   OXT  sing N N 108 
ASP CB  CG   sing N N 109 
ASP CB  HB2  sing N N 110 
ASP CB  HB3  sing N N 111 
ASP CG  OD1  doub N N 112 
ASP CG  OD2  sing N N 113 
ASP OD2 HD2  sing N N 114 
ASP OXT HXT  sing N N 115 
CYS N   CA   sing N N 116 
CYS N   H    sing N N 117 
CYS N   H2   sing N N 118 
CYS CA  C    sing N N 119 
CYS CA  CB   sing N N 120 
CYS CA  HA   sing N N 121 
CYS C   O    doub N N 122 
CYS C   OXT  sing N N 123 
CYS CB  SG   sing N N 124 
CYS CB  HB2  sing N N 125 
CYS CB  HB3  sing N N 126 
CYS SG  HG   sing N N 127 
CYS OXT HXT  sing N N 128 
EDO C1  O1   sing N N 129 
EDO C1  C2   sing N N 130 
EDO C1  H11  sing N N 131 
EDO C1  H12  sing N N 132 
EDO O1  HO1  sing N N 133 
EDO C2  O2   sing N N 134 
EDO C2  H21  sing N N 135 
EDO C2  H22  sing N N 136 
EDO O2  HO2  sing N N 137 
GLN N   CA   sing N N 138 
GLN N   H    sing N N 139 
GLN N   H2   sing N N 140 
GLN CA  C    sing N N 141 
GLN CA  CB   sing N N 142 
GLN CA  HA   sing N N 143 
GLN C   O    doub N N 144 
GLN C   OXT  sing N N 145 
GLN CB  CG   sing N N 146 
GLN CB  HB2  sing N N 147 
GLN CB  HB3  sing N N 148 
GLN CG  CD   sing N N 149 
GLN CG  HG2  sing N N 150 
GLN CG  HG3  sing N N 151 
GLN CD  OE1  doub N N 152 
GLN CD  NE2  sing N N 153 
GLN NE2 HE21 sing N N 154 
GLN NE2 HE22 sing N N 155 
GLN OXT HXT  sing N N 156 
GLU N   CA   sing N N 157 
GLU N   H    sing N N 158 
GLU N   H2   sing N N 159 
GLU CA  C    sing N N 160 
GLU CA  CB   sing N N 161 
GLU CA  HA   sing N N 162 
GLU C   O    doub N N 163 
GLU C   OXT  sing N N 164 
GLU CB  CG   sing N N 165 
GLU CB  HB2  sing N N 166 
GLU CB  HB3  sing N N 167 
GLU CG  CD   sing N N 168 
GLU CG  HG2  sing N N 169 
GLU CG  HG3  sing N N 170 
GLU CD  OE1  doub N N 171 
GLU CD  OE2  sing N N 172 
GLU OE2 HE2  sing N N 173 
GLU OXT HXT  sing N N 174 
GLY N   CA   sing N N 175 
GLY N   H    sing N N 176 
GLY N   H2   sing N N 177 
GLY CA  C    sing N N 178 
GLY CA  HA2  sing N N 179 
GLY CA  HA3  sing N N 180 
GLY C   O    doub N N 181 
GLY C   OXT  sing N N 182 
GLY OXT HXT  sing N N 183 
HIS N   CA   sing N N 184 
HIS N   H    sing N N 185 
HIS N   H2   sing N N 186 
HIS CA  C    sing N N 187 
HIS CA  CB   sing N N 188 
HIS CA  HA   sing N N 189 
HIS C   O    doub N N 190 
HIS C   OXT  sing N N 191 
HIS CB  CG   sing N N 192 
HIS CB  HB2  sing N N 193 
HIS CB  HB3  sing N N 194 
HIS CG  ND1  sing Y N 195 
HIS CG  CD2  doub Y N 196 
HIS ND1 CE1  doub Y N 197 
HIS ND1 HD1  sing N N 198 
HIS CD2 NE2  sing Y N 199 
HIS CD2 HD2  sing N N 200 
HIS CE1 NE2  sing Y N 201 
HIS CE1 HE1  sing N N 202 
HIS NE2 HE2  sing N N 203 
HIS OXT HXT  sing N N 204 
HOH O   H1   sing N N 205 
HOH O   H2   sing N N 206 
ILE N   CA   sing N N 207 
ILE N   H    sing N N 208 
ILE N   H2   sing N N 209 
ILE CA  C    sing N N 210 
ILE CA  CB   sing N N 211 
ILE CA  HA   sing N N 212 
ILE C   O    doub N N 213 
ILE C   OXT  sing N N 214 
ILE CB  CG1  sing N N 215 
ILE CB  CG2  sing N N 216 
ILE CB  HB   sing N N 217 
ILE CG1 CD1  sing N N 218 
ILE CG1 HG12 sing N N 219 
ILE CG1 HG13 sing N N 220 
ILE CG2 HG21 sing N N 221 
ILE CG2 HG22 sing N N 222 
ILE CG2 HG23 sing N N 223 
ILE CD1 HD11 sing N N 224 
ILE CD1 HD12 sing N N 225 
ILE CD1 HD13 sing N N 226 
ILE OXT HXT  sing N N 227 
LEU N   CA   sing N N 228 
LEU N   H    sing N N 229 
LEU N   H2   sing N N 230 
LEU CA  C    sing N N 231 
LEU CA  CB   sing N N 232 
LEU CA  HA   sing N N 233 
LEU C   O    doub N N 234 
LEU C   OXT  sing N N 235 
LEU CB  CG   sing N N 236 
LEU CB  HB2  sing N N 237 
LEU CB  HB3  sing N N 238 
LEU CG  CD1  sing N N 239 
LEU CG  CD2  sing N N 240 
LEU CG  HG   sing N N 241 
LEU CD1 HD11 sing N N 242 
LEU CD1 HD12 sing N N 243 
LEU CD1 HD13 sing N N 244 
LEU CD2 HD21 sing N N 245 
LEU CD2 HD22 sing N N 246 
LEU CD2 HD23 sing N N 247 
LEU OXT HXT  sing N N 248 
LYS N   CA   sing N N 249 
LYS N   H    sing N N 250 
LYS N   H2   sing N N 251 
LYS CA  C    sing N N 252 
LYS CA  CB   sing N N 253 
LYS CA  HA   sing N N 254 
LYS C   O    doub N N 255 
LYS C   OXT  sing N N 256 
LYS CB  CG   sing N N 257 
LYS CB  HB2  sing N N 258 
LYS CB  HB3  sing N N 259 
LYS CG  CD   sing N N 260 
LYS CG  HG2  sing N N 261 
LYS CG  HG3  sing N N 262 
LYS CD  CE   sing N N 263 
LYS CD  HD2  sing N N 264 
LYS CD  HD3  sing N N 265 
LYS CE  NZ   sing N N 266 
LYS CE  HE2  sing N N 267 
LYS CE  HE3  sing N N 268 
LYS NZ  HZ1  sing N N 269 
LYS NZ  HZ2  sing N N 270 
LYS NZ  HZ3  sing N N 271 
LYS OXT HXT  sing N N 272 
MET N   CA   sing N N 273 
MET N   H    sing N N 274 
MET N   H2   sing N N 275 
MET CA  C    sing N N 276 
MET CA  CB   sing N N 277 
MET CA  HA   sing N N 278 
MET C   O    doub N N 279 
MET C   OXT  sing N N 280 
MET CB  CG   sing N N 281 
MET CB  HB2  sing N N 282 
MET CB  HB3  sing N N 283 
MET CG  SD   sing N N 284 
MET CG  HG2  sing N N 285 
MET CG  HG3  sing N N 286 
MET SD  CE   sing N N 287 
MET CE  HE1  sing N N 288 
MET CE  HE2  sing N N 289 
MET CE  HE3  sing N N 290 
MET OXT HXT  sing N N 291 
PHE N   CA   sing N N 292 
PHE N   H    sing N N 293 
PHE N   H2   sing N N 294 
PHE CA  C    sing N N 295 
PHE CA  CB   sing N N 296 
PHE CA  HA   sing N N 297 
PHE C   O    doub N N 298 
PHE C   OXT  sing N N 299 
PHE CB  CG   sing N N 300 
PHE CB  HB2  sing N N 301 
PHE CB  HB3  sing N N 302 
PHE CG  CD1  doub Y N 303 
PHE CG  CD2  sing Y N 304 
PHE CD1 CE1  sing Y N 305 
PHE CD1 HD1  sing N N 306 
PHE CD2 CE2  doub Y N 307 
PHE CD2 HD2  sing N N 308 
PHE CE1 CZ   doub Y N 309 
PHE CE1 HE1  sing N N 310 
PHE CE2 CZ   sing Y N 311 
PHE CE2 HE2  sing N N 312 
PHE CZ  HZ   sing N N 313 
PHE OXT HXT  sing N N 314 
PO4 P   O1   doub N N 315 
PO4 P   O2   sing N N 316 
PO4 P   O3   sing N N 317 
PO4 P   O4   sing N N 318 
PRO N   CA   sing N N 319 
PRO N   CD   sing N N 320 
PRO N   H    sing N N 321 
PRO CA  C    sing N N 322 
PRO CA  CB   sing N N 323 
PRO CA  HA   sing N N 324 
PRO C   O    doub N N 325 
PRO C   OXT  sing N N 326 
PRO CB  CG   sing N N 327 
PRO CB  HB2  sing N N 328 
PRO CB  HB3  sing N N 329 
PRO CG  CD   sing N N 330 
PRO CG  HG2  sing N N 331 
PRO CG  HG3  sing N N 332 
PRO CD  HD2  sing N N 333 
PRO CD  HD3  sing N N 334 
PRO OXT HXT  sing N N 335 
SER N   CA   sing N N 336 
SER N   H    sing N N 337 
SER N   H2   sing N N 338 
SER CA  C    sing N N 339 
SER CA  CB   sing N N 340 
SER CA  HA   sing N N 341 
SER C   O    doub N N 342 
SER C   OXT  sing N N 343 
SER CB  OG   sing N N 344 
SER CB  HB2  sing N N 345 
SER CB  HB3  sing N N 346 
SER OG  HG   sing N N 347 
SER OXT HXT  sing N N 348 
THR N   CA   sing N N 349 
THR N   H    sing N N 350 
THR N   H2   sing N N 351 
THR CA  C    sing N N 352 
THR CA  CB   sing N N 353 
THR CA  HA   sing N N 354 
THR C   O    doub N N 355 
THR C   OXT  sing N N 356 
THR CB  OG1  sing N N 357 
THR CB  CG2  sing N N 358 
THR CB  HB   sing N N 359 
THR OG1 HG1  sing N N 360 
THR CG2 HG21 sing N N 361 
THR CG2 HG22 sing N N 362 
THR CG2 HG23 sing N N 363 
THR OXT HXT  sing N N 364 
TYR N   CA   sing N N 365 
TYR N   H    sing N N 366 
TYR N   H2   sing N N 367 
TYR CA  C    sing N N 368 
TYR CA  CB   sing N N 369 
TYR CA  HA   sing N N 370 
TYR C   O    doub N N 371 
TYR C   OXT  sing N N 372 
TYR CB  CG   sing N N 373 
TYR CB  HB2  sing N N 374 
TYR CB  HB3  sing N N 375 
TYR CG  CD1  doub Y N 376 
TYR CG  CD2  sing Y N 377 
TYR CD1 CE1  sing Y N 378 
TYR CD1 HD1  sing N N 379 
TYR CD2 CE2  doub Y N 380 
TYR CD2 HD2  sing N N 381 
TYR CE1 CZ   doub Y N 382 
TYR CE1 HE1  sing N N 383 
TYR CE2 CZ   sing Y N 384 
TYR CE2 HE2  sing N N 385 
TYR CZ  OH   sing N N 386 
TYR OH  HH   sing N N 387 
TYR OXT HXT  sing N N 388 
VAL N   CA   sing N N 389 
VAL N   H    sing N N 390 
VAL N   H2   sing N N 391 
VAL CA  C    sing N N 392 
VAL CA  CB   sing N N 393 
VAL CA  HA   sing N N 394 
VAL C   O    doub N N 395 
VAL C   OXT  sing N N 396 
VAL CB  CG1  sing N N 397 
VAL CB  CG2  sing N N 398 
VAL CB  HB   sing N N 399 
VAL CG1 HG11 sing N N 400 
VAL CG1 HG12 sing N N 401 
VAL CG1 HG13 sing N N 402 
VAL CG2 HG21 sing N N 403 
VAL CG2 HG22 sing N N 404 
VAL CG2 HG23 sing N N 405 
VAL OXT HXT  sing N N 406 
# 
_pdbx_initial_refinement_model.id               1 
_pdbx_initial_refinement_model.entity_id_list   ? 
_pdbx_initial_refinement_model.type             'experimental model' 
_pdbx_initial_refinement_model.source_name      PDB 
_pdbx_initial_refinement_model.accession_code   3RCW 
_pdbx_initial_refinement_model.details          ? 
# 
_atom_sites.entry_id                    5FG6 
_atom_sites.fract_transf_matrix[1][1]   -0.01100347 
_atom_sites.fract_transf_matrix[1][2]   0.00600390 
_atom_sites.fract_transf_matrix[1][3]   0.00652179 
_atom_sites.fract_transf_matrix[2][1]   -0.00740538 
_atom_sites.fract_transf_matrix[2][2]   -0.00539475 
_atom_sites.fract_transf_matrix[2][3]   -0.00752789 
_atom_sites.fract_transf_matrix[3][1]   -0.00114749 
_atom_sites.fract_transf_matrix[3][2]   -0.01502692 
_atom_sites.fract_transf_matrix[3][3]   0.01189762 
_atom_sites.fract_transf_vector[1]      0.129492 
_atom_sites.fract_transf_vector[2]      -0.145038 
_atom_sites.fract_transf_vector[3]      0.039556 
# 
loop_
_atom_type.symbol 
BR 
C  
N  
NI 
O  
P  
S  
# 
loop_
_atom_site.group_PDB 
_atom_site.id 
_atom_site.type_symbol 
_atom_site.label_atom_id 
_atom_site.label_alt_id 
_atom_site.label_comp_id 
_atom_site.label_asym_id 
_atom_site.label_entity_id 
_atom_site.label_seq_id 
_atom_site.pdbx_PDB_ins_code 
_atom_site.Cartn_x 
_atom_site.Cartn_y 
_atom_site.Cartn_z 
_atom_site.occupancy 
_atom_site.B_iso_or_equiv 
_atom_site.pdbx_formal_charge 
_atom_site.auth_seq_id 
_atom_site.auth_comp_id 
_atom_site.auth_asym_id 
_atom_site.auth_atom_id 
_atom_site.pdbx_PDB_model_num 
ATOM   1    N  N   . ARG A 1 3   ? -11.439 -20.251 -2.940  1.00 16.36 ? 563 ARG A N   1 
ATOM   2    C  CA  . ARG A 1 3   ? -12.502 -19.264 -3.383  1.00 16.06 ? 563 ARG A CA  1 
ATOM   3    C  C   . ARG A 1 3   ? -12.533 -17.973 -2.491  1.00 15.98 ? 563 ARG A C   1 
ATOM   4    O  O   . ARG A 1 3   ? -11.558 -17.758 -1.850  1.00 15.57 ? 563 ARG A O   1 
ATOM   5    C  CB  . ARG A 1 3   ? -13.898 -19.899 -3.455  1.00 14.12 ? 563 ARG A CB  1 
ATOM   6    C  CG  . ARG A 1 3   ? -14.017 -21.414 -3.563  1.00 14.63 ? 563 ARG A CG  1 
ATOM   7    C  CD  . ARG A 1 3   ? -14.998 -21.850 -4.613  1.00 14.11 ? 563 ARG A CD  1 
ATOM   8    N  NE  . ARG A 1 3   ? -16.294 -21.183 -4.620  1.00 13.46 ? 563 ARG A NE  1 
ATOM   9    C  CZ  . ARG A 1 3   ? -17.039 -21.062 -5.719  1.00 12.86 ? 563 ARG A CZ  1 
ATOM   10   N  NH1 . ARG A 1 3   ? -16.607 -21.540 -6.893  1.00 12.51 ? 563 ARG A NH1 1 
ATOM   11   N  NH2 . ARG A 1 3   ? -18.214 -20.461 -5.657  1.00 13.78 ? 563 ARG A NH2 1 
ATOM   12   N  N   . LEU A 1 4   ? -13.650 -17.198 -2.382  1.00 16.72 ? 564 LEU A N   1 
ATOM   13   C  CA  . LEU A 1 4   ? -13.601 -15.700 -2.177  1.00 16.01 ? 564 LEU A CA  1 
ATOM   14   C  C   . LEU A 1 4   ? -14.119 -15.140 -0.842  1.00 15.96 ? 564 LEU A C   1 
ATOM   15   O  O   . LEU A 1 4   ? -15.333 -15.032 -0.592  1.00 16.68 ? 564 LEU A O   1 
ATOM   16   C  CB  . LEU A 1 4   ? -14.339 -14.994 -3.343  1.00 16.57 ? 564 LEU A CB  1 
ATOM   17   C  CG  . LEU A 1 4   ? -14.134 -13.471 -3.555  1.00 16.77 ? 564 LEU A CG  1 
ATOM   18   C  CD1 . LEU A 1 4   ? -12.692 -13.049 -3.782  1.00 17.35 ? 564 LEU A CD1 1 
ATOM   19   C  CD2 . LEU A 1 4   ? -14.970 -12.979 -4.723  1.00 16.87 ? 564 LEU A CD2 1 
ATOM   20   N  N   . THR A 1 5   ? -13.154 -14.738 -0.023  1.00 14.88 ? 565 THR A N   1 
ATOM   21   C  CA  . THR A 1 5   ? -13.399 -14.339 1.320   1.00 15.51 ? 565 THR A CA  1 
ATOM   22   C  C   . THR A 1 5   ? -13.898 -12.894 1.282   1.00 14.62 ? 565 THR A C   1 
ATOM   23   O  O   . THR A 1 5   ? -13.498 -12.109 0.359   1.00 15.15 ? 565 THR A O   1 
ATOM   24   C  CB  . THR A 1 5   ? -12.073 -14.458 2.083   1.00 15.92 ? 565 THR A CB  1 
ATOM   25   O  OG1 . THR A 1 5   ? -11.070 -13.630 1.449   1.00 14.39 ? 565 THR A OG1 1 
ATOM   26   C  CG2 . THR A 1 5   ? -11.604 -15.940 2.116   1.00 16.98 ? 565 THR A CG2 1 
ATOM   27   N  N   . PRO A 1 6   ? -14.728 -12.514 2.268   1.00 15.94 ? 566 PRO A N   1 
ATOM   28   C  CA  . PRO A 1 6   ? -15.012 -11.115 2.440   1.00 15.62 ? 566 PRO A CA  1 
ATOM   29   C  C   . PRO A 1 6   ? -13.725 -10.297 2.535   1.00 13.37 ? 566 PRO A C   1 
ATOM   30   O  O   . PRO A 1 6   ? -13.718 -9.180  2.034   1.00 12.44 ? 566 PRO A O   1 
ATOM   31   C  CB  . PRO A 1 6   ? -15.826 -11.084 3.740   1.00 16.61 ? 566 PRO A CB  1 
ATOM   32   C  CG  . PRO A 1 6   ? -16.525 -12.400 3.772   1.00 17.67 ? 566 PRO A CG  1 
ATOM   33   C  CD  . PRO A 1 6   ? -15.534 -13.353 3.186   1.00 16.84 ? 566 PRO A CD  1 
ATOM   34   N  N   . LEU A 1 7   ? -12.641 -10.846 3.098   1.00 11.90 ? 567 LEU A N   1 
ATOM   35   C  CA  . LEU A 1 7   ? -11.393 -10.091 3.181   1.00 10.72 ? 567 LEU A CA  1 
ATOM   36   C  C   . LEU A 1 7   ? -10.864 -9.680  1.813   1.00 9.60  ? 567 LEU A C   1 
ATOM   37   O  O   . LEU A 1 7   ? -10.542 -8.500  1.610   1.00 8.77  ? 567 LEU A O   1 
ATOM   38   C  CB  . LEU A 1 7   ? -10.322 -10.860 3.947   1.00 11.59 ? 567 LEU A CB  1 
ATOM   39   C  CG  . LEU A 1 7   ? -9.014  -10.070 4.123   1.00 12.14 ? 567 LEU A CG  1 
ATOM   40   C  CD1 . LEU A 1 7   ? -9.219  -8.822  4.958   1.00 12.53 ? 567 LEU A CD1 1 
ATOM   41   C  CD2 . LEU A 1 7   ? -7.939  -10.955 4.725   1.00 13.06 ? 567 LEU A CD2 1 
ATOM   42   N  N   . THR A 1 8   ? -10.802 -10.606 0.867   1.00 9.79  ? 568 THR A N   1 
ATOM   43   C  CA  . THR A 1 8   ? -10.292 -10.254 -0.458  1.00 10.00 ? 568 THR A CA  1 
ATOM   44   C  C   . THR A 1 8   ? -11.180 -9.215  -1.133  1.00 9.12  ? 568 THR A C   1 
ATOM   45   O  O   . THR A 1 8   ? -10.670 -8.283  -1.765  1.00 8.84  ? 568 THR A O   1 
ATOM   46   C  CB  . THR A 1 8   ? -10.129 -11.508 -1.329  1.00 11.38 ? 568 THR A CB  1 
ATOM   47   O  OG1 . THR A 1 8   ? -9.179  -12.368 -0.696  1.00 12.69 ? 568 THR A OG1 1 
ATOM   48   C  CG2 . THR A 1 8   ? -9.616  -11.153 -2.717  1.00 12.35 ? 568 THR A CG2 1 
ATOM   49   N  N   . VAL A 1 9   ? -12.495 -9.359  -0.982  1.00 9.03  ? 569 VAL A N   1 
ATOM   50   C  CA  . VAL A 1 9   ? -13.396 -8.376  -1.557  1.00 9.11  ? 569 VAL A CA  1 
ATOM   51   C  C   . VAL A 1 9   ? -13.115 -6.979  -0.971  1.00 8.72  ? 569 VAL A C   1 
ATOM   52   O  O   . VAL A 1 9   ? -13.012 -5.989  -1.705  1.00 8.82  ? 569 VAL A O   1 
ATOM   53   C  CB  . VAL A 1 9   ? -14.858 -8.797  -1.339  1.00 9.35  ? 569 VAL A CB  1 
ATOM   54   C  CG1 . VAL A 1 9   ? -15.809 -7.697  -1.778  1.00 9.68  ? 569 VAL A CG1 1 
ATOM   55   C  CG2 . VAL A 1 9   ? -15.157 -10.101 -2.096  1.00 9.90  ? 569 VAL A CG2 1 
ATOM   56   N  N   . LEU A 1 10  ? -12.962 -6.894  0.348   1.00 8.67  ? 570 LEU A N   1 
ATOM   57   C  CA  . LEU A 1 10  ? -12.636 -5.621  0.997   1.00 9.08  ? 570 LEU A CA  1 
ATOM   58   C  C   . LEU A 1 10  ? -11.295 -5.078  0.519   1.00 8.59  ? 570 LEU A C   1 
ATOM   59   O  O   . LEU A 1 10  ? -11.179 -3.894  0.182   1.00 9.01  ? 570 LEU A O   1 
ATOM   60   C  CB  . LEU A 1 10  ? -12.592 -5.789  2.517   1.00 10.02 ? 570 LEU A CB  1 
ATOM   61   C  CG  . LEU A 1 10  ? -12.156 -4.538  3.287   1.00 11.55 ? 570 LEU A CG  1 
ATOM   62   C  CD1 . LEU A 1 10  ? -13.190 -3.430  3.137   1.00 13.03 ? 570 LEU A CD1 1 
ATOM   63   C  CD2 . LEU A 1 10  ? -11.850 -4.871  4.739   1.00 12.32 ? 570 LEU A CD2 1 
ATOM   64   N  N   . LEU A 1 11  ? -10.282 -5.937  0.497   1.00 8.09  ? 571 LEU A N   1 
ATOM   65   C  CA  . LEU A 1 11  ? -8.947  -5.470  0.165   1.00 8.58  ? 571 LEU A CA  1 
ATOM   66   C  C   . LEU A 1 11  ? -8.826  -5.034  -1.281  1.00 8.11  ? 571 LEU A C   1 
ATOM   67   O  O   . LEU A 1 11  ? -8.066  -4.117  -1.577  1.00 8.16  ? 571 LEU A O   1 
ATOM   68   C  CB  . LEU A 1 11  ? -7.896  -6.517  0.516   1.00 9.09  ? 571 LEU A CB  1 
ATOM   69   C  CG  . LEU A 1 11  ? -7.730  -6.875  1.991   1.00 9.83  ? 571 LEU A CG  1 
ATOM   70   C  CD1 . LEU A 1 11  ? -6.590  -7.870  2.172   1.00 10.54 ? 571 LEU A CD1 1 
ATOM   71   C  CD2 . LEU A 1 11  ? -7.506  -5.617  2.817   1.00 10.21 ? 571 LEU A CD2 1 
ATOM   72   N  N   . ARG A 1 12  ? -9.569  -5.659  -2.199  1.00 8.36  ? 572 ARG A N   1 
ATOM   73   C  CA  . ARG A 1 12  ? -9.618  -5.160  -3.573  1.00 8.54  ? 572 ARG A CA  1 
ATOM   74   C  C   . ARG A 1 12  ? -10.069 -3.702  -3.597  1.00 8.71  ? 572 ARG A C   1 
ATOM   75   O  O   . ARG A 1 12  ? -9.455  -2.867  -4.253  1.00 8.62  ? 572 ARG A O   1 
ATOM   76   C  CB  . ARG A 1 12  ? -10.556 -6.002  -4.429  1.00 8.91  ? 572 ARG A CB  1 
ATOM   77   C  CG  . ARG A 1 12  ? -9.982  -7.325  -4.855  1.00 8.97  ? 572 ARG A CG  1 
ATOM   78   C  CD  . ARG A 1 12  ? -11.025 -8.144  -5.575  1.00 8.89  ? 572 ARG A CD  1 
ATOM   79   N  NE  . ARG A 1 12  ? -10.440 -9.318  -6.218  1.00 9.45  ? 572 ARG A NE  1 
ATOM   80   C  CZ  . ARG A 1 12  ? -11.135 -10.369 -6.660  1.00 9.29  ? 572 ARG A CZ  1 
ATOM   81   N  NH1 . ARG A 1 12  ? -12.449 -10.431 -6.514  1.00 9.08  ? 572 ARG A NH1 1 
ATOM   82   N  NH2 . ARG A 1 12  ? -10.510 -11.372 -7.260  1.00 10.19 ? 572 ARG A NH2 1 
ATOM   83   N  N   . SER A 1 13  ? -11.141 -3.407  -2.877  1.00 8.78  ? 573 SER A N   1 
ATOM   84   C  CA  . SER A 1 13  ? -11.657 -2.057  -2.797  1.00 9.58  ? 573 SER A CA  1 
ATOM   85   C  C   . SER A 1 13  ? -10.650 -1.104  -2.162  1.00 8.85  ? 573 SER A C   1 
ATOM   86   O  O   . SER A 1 13  ? -10.422 0.001   -2.683  1.00 9.75  ? 573 SER A O   1 
ATOM   87   C  CB  . SER A 1 13  ? -12.974 -2.037  -2.017  1.00 10.81 ? 573 SER A CB  1 
ATOM   88   O  OG  . SER A 1 13  ? -13.393 -0.716  -1.795  1.00 12.74 ? 573 SER A OG  1 
ATOM   89   N  N   . VAL A 1 14  ? -10.073 -1.508  -1.040  1.00 8.17  ? 574 VAL A N   1 
ATOM   90   C  CA  . VAL A 1 14  ? -9.120  -0.650  -0.371  1.00 7.90  ? 574 VAL A CA  1 
ATOM   91   C  C   . VAL A 1 14  ? -7.908  -0.380  -1.275  1.00 7.20  ? 574 VAL A C   1 
ATOM   92   O  O   . VAL A 1 14  ? -7.457  0.771   -1.376  1.00 7.56  ? 574 VAL A O   1 
ATOM   93   C  CB  . VAL A 1 14  ? -8.691  -1.246  0.982   1.00 8.28  ? 574 VAL A CB  1 
ATOM   94   C  CG1 . VAL A 1 14  ? -7.623  -0.396  1.633   1.00 8.47  ? 574 VAL A CG1 1 
ATOM   95   C  CG2 . VAL A 1 14  ? -9.870  -1.370  1.947   1.00 8.75  ? 574 VAL A CG2 1 
ATOM   96   N  N   . LEU A 1 15  ? -7.397  -1.404  -1.954  1.00 7.12  ? 575 LEU A N   1 
ATOM   97   C  CA  . LEU A 1 15  ? -6.230  -1.205  -2.792  1.00 7.16  ? 575 LEU A CA  1 
ATOM   98   C  C   . LEU A 1 15  ? -6.522  -0.224  -3.919  1.00 7.41  ? 575 LEU A C   1 
ATOM   99   O  O   . LEU A 1 15  ? -5.710  0.648   -4.221  1.00 7.72  ? 575 LEU A O   1 
ATOM   100  C  CB  . LEU A 1 15  ? -5.728  -2.527  -3.354  1.00 7.68  ? 575 LEU A CB  1 
ATOM   101  C  CG  . LEU A 1 15  ? -4.442  -2.443  -4.177  1.00 8.51  ? 575 LEU A CG  1 
ATOM   102  C  CD1 . LEU A 1 15  ? -3.291  -1.810  -3.402  1.00 8.86  ? 575 LEU A CD1 1 
ATOM   103  C  CD2 . LEU A 1 15  ? -4.043  -3.828  -4.663  1.00 9.31  ? 575 LEU A CD2 1 
ATOM   104  N  N   . ASP A 1 16  ? -7.683  -0.348  -4.541  1.00 7.85  ? 576 ASP A N   1 
ATOM   105  C  CA  . ASP A 1 16  ? -7.994  0.614   -5.586  1.00 8.87  ? 576 ASP A CA  1 
ATOM   106  C  C   . ASP A 1 16  ? -8.171  2.026   -5.033  1.00 7.84  ? 576 ASP A C   1 
ATOM   107  O  O   . ASP A 1 16  ? -7.714  2.962   -5.666  1.00 7.61  ? 576 ASP A O   1 
ATOM   108  C  CB  . ASP A 1 16  ? -9.098  0.156   -6.506  1.00 11.31 ? 576 ASP A CB  1 
ATOM   109  C  CG  . ASP A 1 16  ? -8.555  -0.626  -7.744  1.00 12.65 ? 576 ASP A CG  1 
ATOM   110  O  OD1 . ASP A 1 16  ? -7.396  -0.420  -8.174  1.00 14.38 ? 576 ASP A OD1 1 
ATOM   111  O  OD2 . ASP A 1 16  ? -9.340  -1.355  -8.375  1.00 15.28 ? 576 ASP A OD2 1 
ATOM   112  N  N   . GLN A 1 17  ? -8.745  2.168   -3.839  1.00 7.45  ? 577 GLN A N   1 
ATOM   113  C  CA  . GLN A 1 17  ? -8.818  3.479   -3.209  1.00 7.87  ? 577 GLN A CA  1 
ATOM   114  C  C   . GLN A 1 17  ? -7.437  4.058   -2.927  1.00 7.28  ? 577 GLN A C   1 
ATOM   115  O  O   . GLN A 1 17  ? -7.243  5.272   -3.079  1.00 8.02  ? 577 GLN A O   1 
ATOM   116  C  CB  . GLN A 1 17  ? -9.619  3.421   -1.918  1.00 8.74  ? 577 GLN A CB  1 
ATOM   117  C  CG  . GLN A 1 17  ? -11.100 3.157   -2.102  1.00 10.57 ? 577 GLN A CG  1 
ATOM   118  C  CD  . GLN A 1 17  ? -11.788 2.939   -0.771  1.00 12.94 ? 577 GLN A CD  1 
ATOM   119  O  OE1 . GLN A 1 17  ? -11.789 3.830   0.078   1.00 16.47 ? 577 GLN A OE1 1 
ATOM   120  N  NE2 . GLN A 1 17  ? -12.336 1.752   -0.558  1.00 14.88 ? 577 GLN A NE2 1 
ATOM   121  N  N   . LEU A 1 18  ? -6.477  3.217   -2.541  1.00 6.92  ? 578 LEU A N   1 
ATOM   122  C  CA  . LEU A 1 18  ? -5.110  3.697   -2.342  1.00 6.97  ? 578 LEU A CA  1 
ATOM   123  C  C   . LEU A 1 18  ? -4.463  4.101   -3.664  1.00 6.91  ? 578 LEU A C   1 
ATOM   124  O  O   . LEU A 1 18  ? -3.815  5.148   -3.754  1.00 7.31  ? 578 LEU A O   1 
ATOM   125  C  CB  . LEU A 1 18  ? -4.270  2.648   -1.639  1.00 6.87  ? 578 LEU A CB  1 
ATOM   126  C  CG  . LEU A 1 18  ? -4.724  2.308   -0.213  1.00 7.23  ? 578 LEU A CG  1 
ATOM   127  C  CD1 . LEU A 1 18  ? -3.930  1.120   0.305   1.00 7.52  ? 578 LEU A CD1 1 
ATOM   128  C  CD2 . LEU A 1 18  ? -4.597  3.478   0.752   1.00 7.60  ? 578 LEU A CD2 1 
ATOM   129  N  N   . GLN A 1 19  ? -4.644  3.288   -4.706  1.00 6.91  ? 579 GLN A N   1 
ATOM   130  C  CA  . GLN A 1 19  ? -4.110  3.659   -6.016  1.00 7.41  ? 579 GLN A CA  1 
ATOM   131  C  C   . GLN A 1 19  ? -4.755  4.931   -6.548  1.00 7.29  ? 579 GLN A C   1 
ATOM   132  O  O   . GLN A 1 19  ? -4.124  5.687   -7.289  1.00 7.73  ? 579 GLN A O   1 
ATOM   133  C  CB  . GLN A 1 19  ? -4.268  2.530   -7.025  1.00 8.06  ? 579 GLN A CB  1 
ATOM   134  C  CG  . GLN A 1 19  ? -3.459  1.321   -6.608  1.00 9.41  ? 579 GLN A CG  1 
ATOM   135  C  CD  . GLN A 1 19  ? -3.069  0.421   -7.725  1.00 11.34 ? 579 GLN A CD  1 
ATOM   136  O  OE1 . GLN A 1 19  ? -3.604  -0.663  -7.836  1.00 13.51 ? 579 GLN A OE1 1 
ATOM   137  N  NE2 . GLN A 1 19  ? -2.087  0.829   -8.519  1.00 12.04 ? 579 GLN A NE2 1 
ATOM   138  N  N   . ASP A 1 20  ? -5.992  5.194   -6.143  1.00 7.31  ? 580 ASP A N   1 
ATOM   139  C  CA  . ASP A 1 20  ? -6.670  6.428   -6.525  1.00 7.88  ? 580 ASP A CA  1 
ATOM   140  C  C   . ASP A 1 20  ? -6.020  7.668   -5.894  1.00 8.05  ? 580 ASP A C   1 
ATOM   141  O  O   . ASP A 1 20  ? -6.342  8.780   -6.305  1.00 9.43  ? 580 ASP A O   1 
ATOM   142  C  CB  . ASP A 1 20  ? -8.143  6.378   -6.135  1.00 7.95  ? 580 ASP A CB  1 
ATOM   143  C  CG  . ASP A 1 20  ? -8.956  5.368   -6.930  1.00 8.46  ? 580 ASP A CG  1 
ATOM   144  O  OD1 . ASP A 1 20  ? -8.572  4.973   -8.042  1.00 8.77  ? 580 ASP A OD1 1 
ATOM   145  O  OD2 . ASP A 1 20  ? -10.008 4.971   -6.377  1.00 8.69  ? 580 ASP A OD2 1 
ATOM   146  N  N   . LYS A 1 21  ? -5.134  7.485   -4.905  1.00 8.07  ? 581 LYS A N   1 
ATOM   147  C  CA  . LYS A 1 21  ? -4.363  8.585   -4.320  1.00 8.70  ? 581 LYS A CA  1 
ATOM   148  C  C   . LYS A 1 21  ? -2.958  8.694   -4.918  1.00 8.92  ? 581 LYS A C   1 
ATOM   149  O  O   . LYS A 1 21  ? -2.114  9.418   -4.374  1.00 10.70 ? 581 LYS A O   1 
ATOM   150  C  CB  . LYS A 1 21  ? -4.271  8.418   -2.797  1.00 9.33  ? 581 LYS A CB  1 
ATOM   151  C  CG  . LYS A 1 21  ? -5.587  8.188   -2.104  1.00 10.74 ? 581 LYS A CG  1 
ATOM   152  C  CD  . LYS A 1 21  ? -6.584  9.272   -2.376  1.00 11.99 ? 581 LYS A CD  1 
ATOM   153  C  CE  . LYS A 1 21  ? -7.802  9.042   -1.514  1.00 14.04 ? 581 LYS A CE  1 
ATOM   154  N  NZ  . LYS A 1 21  ? -8.875  9.985   -1.886  1.00 15.99 ? 581 LYS A NZ  1 
ATOM   155  N  N   . ASP A 1 22  ? -2.685  8.020   -6.034  1.00 8.63  ? 582 ASP A N   1 
ATOM   156  C  CA  . ASP A 1 22  ? -1.355  8.025   -6.650  1.00 8.83  ? 582 ASP A CA  1 
ATOM   157  C  C   . ASP A 1 22  ? -1.488  8.377   -8.133  1.00 9.00  ? 582 ASP A C   1 
ATOM   158  O  O   . ASP A 1 22  ? -1.236  7.550   -9.006  1.00 8.60  ? 582 ASP A O   1 
ATOM   159  C  CB  . ASP A 1 22  ? -0.691  6.654   -6.444  1.00 9.07  ? 582 ASP A CB  1 
ATOM   160  C  CG  . ASP A 1 22  ? 0.723   6.564   -7.028  1.00 9.28  ? 582 ASP A CG  1 
ATOM   161  O  OD1 . ASP A 1 22  ? 1.392   7.609   -7.218  1.00 9.92  ? 582 ASP A OD1 1 
ATOM   162  O  OD2 . ASP A 1 22  ? 1.129   5.422   -7.315  1.00 10.20 ? 582 ASP A OD2 1 
ATOM   163  N  N   . PRO A 1 23  ? -1.880  9.618   -8.432  1.00 9.47  ? 583 PRO A N   1 
ATOM   164  C  CA  . PRO A 1 23  ? -2.113  9.985   -9.827  1.00 10.02 ? 583 PRO A CA  1 
ATOM   165  C  C   . PRO A 1 23  ? -0.874  9.965   -10.704 1.00 9.62  ? 583 PRO A C   1 
ATOM   166  O  O   . PRO A 1 23  ? -1.000  9.752   -11.913 1.00 10.49 ? 583 PRO A O   1 
ATOM   167  C  CB  . PRO A 1 23  ? -2.694  11.401  -9.740  1.00 10.73 ? 583 PRO A CB  1 
ATOM   168  C  CG  . PRO A 1 23  ? -2.254  11.907  -8.421  1.00 10.78 ? 583 PRO A CG  1 
ATOM   169  C  CD  . PRO A 1 23  ? -2.260  10.710  -7.522  1.00 10.59 ? 583 PRO A CD  1 
ATOM   170  N  N   . ALA A 1 24  ? 0.307   10.166  -10.106 1.00 10.01 ? 584 ALA A N   1 
ATOM   171  C  CA  . ALA A 1 24  ? 1.578   10.093  -10.827 1.00 10.39 ? 584 ALA A CA  1 
ATOM   172  C  C   . ALA A 1 24  ? 2.051   8.639   -11.078 1.00 10.06 ? 584 ALA A C   1 
ATOM   173  O  O   . ALA A 1 24  ? 3.025   8.439   -11.807 1.00 10.63 ? 584 ALA A O   1 
ATOM   174  C  CB  . ALA A 1 24  ? 2.658   10.869  -10.083 1.00 10.72 ? 584 ALA A CB  1 
ATOM   175  N  N   . ARG A 1 25  ? 1.396   7.644   -10.454 1.00 9.76  ? 585 ARG A N   1 
ATOM   176  C  CA  A ARG A 1 25  ? 1.806   6.222   -10.555 0.50 9.92  ? 585 ARG A CA  1 
ATOM   177  C  CA  B ARG A 1 25  ? 1.791   6.234   -10.502 0.50 9.44  ? 585 ARG A CA  1 
ATOM   178  C  C   . ARG A 1 25  ? 3.224   5.991   -9.987  1.00 9.17  ? 585 ARG A C   1 
ATOM   179  O  O   . ARG A 1 25  ? 3.920   5.057   -10.377 1.00 10.16 ? 585 ARG A O   1 
ATOM   180  C  CB  A ARG A 1 25  ? 1.684   5.655   -12.000 0.50 10.97 ? 585 ARG A CB  1 
ATOM   181  C  CB  B ARG A 1 25  ? 1.523   5.631   -11.885 0.50 9.64  ? 585 ARG A CB  1 
ATOM   182  C  CG  A ARG A 1 25  ? 0.282   5.238   -12.445 0.50 12.19 ? 585 ARG A CG  1 
ATOM   183  C  CG  B ARG A 1 25  ? 0.046   5.326   -12.129 0.50 10.07 ? 585 ARG A CG  1 
ATOM   184  C  CD  A ARG A 1 25  ? 0.259   4.591   -13.832 0.50 13.21 ? 585 ARG A CD  1 
ATOM   185  C  CD  B ARG A 1 25  ? -0.779  6.551   -12.460 0.50 10.12 ? 585 ARG A CD  1 
ATOM   186  N  NE  A ARG A 1 25  ? 0.928   3.292   -13.900 0.50 14.33 ? 585 ARG A NE  1 
ATOM   187  N  NE  B ARG A 1 25  ? -2.027  6.146   -13.102 0.50 10.47 ? 585 ARG A NE  1 
ATOM   188  C  CZ  A ARG A 1 25  ? 0.380   2.137   -13.532 0.50 14.95 ? 585 ARG A CZ  1 
ATOM   189  C  CZ  B ARG A 1 25  ? -2.966  6.987   -13.484 0.50 10.69 ? 585 ARG A CZ  1 
ATOM   190  N  NH1 A ARG A 1 25  ? -0.852  2.113   -13.055 0.50 15.24 ? 585 ARG A NH1 1 
ATOM   191  N  NH1 B ARG A 1 25  ? -2.815  8.273   -13.259 0.50 10.84 ? 585 ARG A NH1 1 
ATOM   192  N  NH2 A ARG A 1 25  ? 1.066   1.004   -13.633 0.50 15.11 ? 585 ARG A NH2 1 
ATOM   193  N  NH2 B ARG A 1 25  ? -4.052  6.551   -14.082 0.50 11.04 ? 585 ARG A NH2 1 
ATOM   194  N  N   . ILE A 1 26  ? 3.627   6.802   -9.023  1.00 8.10  ? 586 ILE A N   1 
ATOM   195  C  CA  . ILE A 1 26  ? 4.933   6.669   -8.410  1.00 7.71  ? 586 ILE A CA  1 
ATOM   196  C  C   . ILE A 1 26  ? 5.067   5.342   -7.659  1.00 7.28  ? 586 ILE A C   1 
ATOM   197  O  O   . ILE A 1 26  ? 6.169   4.790   -7.566  1.00 7.74  ? 586 ILE A O   1 
ATOM   198  C  CB  . ILE A 1 26  ? 5.205   7.898   -7.511  1.00 7.71  ? 586 ILE A CB  1 
ATOM   199  C  CG1 . ILE A 1 26  ? 5.470   9.123   -8.408  1.00 8.52  ? 586 ILE A CG1 1 
ATOM   200  C  CG2 . ILE A 1 26  ? 6.378   7.675   -6.573  1.00 7.83  ? 586 ILE A CG2 1 
ATOM   201  C  CD1 . ILE A 1 26  ? 5.411   10.460  -7.687  1.00 9.05  ? 586 ILE A CD1 1 
ATOM   202  N  N   . PHE A 1 27  ? 3.956   4.838   -7.132  1.00 7.03  ? 587 PHE A N   1 
ATOM   203  C  CA  . PHE A 1 27  ? 3.961   3.667   -6.258  1.00 7.29  ? 587 PHE A CA  1 
ATOM   204  C  C   . PHE A 1 27  ? 3.298   2.454   -6.894  1.00 7.56  ? 587 PHE A C   1 
ATOM   205  O  O   . PHE A 1 27  ? 3.082   1.434   -6.233  1.00 7.85  ? 587 PHE A O   1 
ATOM   206  C  CB  . PHE A 1 27  ? 3.327   4.022   -4.922  1.00 7.22  ? 587 PHE A CB  1 
ATOM   207  C  CG  . PHE A 1 27  ? 4.006   5.187   -4.254  1.00 7.13  ? 587 PHE A CG  1 
ATOM   208  C  CD1 . PHE A 1 27  ? 5.250   5.016   -3.664  1.00 7.44  ? 587 PHE A CD1 1 
ATOM   209  C  CD2 . PHE A 1 27  ? 3.462   6.465   -4.292  1.00 7.53  ? 587 PHE A CD2 1 
ATOM   210  C  CE1 . PHE A 1 27  ? 5.904   6.080   -3.063  1.00 7.61  ? 587 PHE A CE1 1 
ATOM   211  C  CE2 . PHE A 1 27  ? 4.121   7.526   -3.695  1.00 7.75  ? 587 PHE A CE2 1 
ATOM   212  C  CZ  . PHE A 1 27  ? 5.347   7.335   -3.087  1.00 7.75  ? 587 PHE A CZ  1 
ATOM   213  N  N   . ALA A 1 28  ? 3.020   2.553   -8.192  1.00 8.07  ? 588 ALA A N   1 
ATOM   214  C  CA  . ALA A 1 28  ? 2.242   1.537   -8.897  1.00 8.92  ? 588 ALA A CA  1 
ATOM   215  C  C   . ALA A 1 28  ? 3.038   0.273   -9.215  1.00 9.32  ? 588 ALA A C   1 
ATOM   216  O  O   . ALA A 1 28  ? 2.427   -0.797  -9.376  1.00 10.69 ? 588 ALA A O   1 
ATOM   217  C  CB  . ALA A 1 28  ? 1.668   2.109   -10.194 1.00 9.44  ? 588 ALA A CB  1 
ATOM   218  N  N   . GLN A 1 29  ? 4.363   0.380   -9.342  1.00 9.50  ? 589 GLN A N   1 
ATOM   219  C  CA  . GLN A 1 29  ? 5.214   -0.710  -9.803  1.00 10.29 ? 589 GLN A CA  1 
ATOM   220  C  C   . GLN A 1 29  ? 6.496   -0.669  -8.989  1.00 9.31  ? 589 GLN A C   1 
ATOM   221  O  O   . GLN A 1 29  ? 6.826   0.372   -8.414  1.00 8.58  ? 589 GLN A O   1 
ATOM   222  C  CB  . GLN A 1 29  ? 5.577   -0.505  -11.289 1.00 12.24 ? 589 GLN A CB  1 
ATOM   223  C  CG  . GLN A 1 29  ? 4.403   -0.563  -12.242 1.00 14.34 ? 589 GLN A CG  1 
ATOM   224  C  CD  . GLN A 1 29  ? 3.855   -1.957  -12.380 1.00 16.07 ? 589 GLN A CD  1 
ATOM   225  O  OE1 . GLN A 1 29  ? 4.577   -2.937  -12.193 1.00 18.78 ? 589 GLN A OE1 1 
ATOM   226  N  NE2 . GLN A 1 29  ? 2.578   -2.064  -12.724 1.00 18.39 ? 589 GLN A NE2 1 
ATOM   227  N  N   . PRO A 1 30  ? 7.252   -1.775  -8.960  1.00 9.05  ? 590 PRO A N   1 
ATOM   228  C  CA  . PRO A 1 30  ? 8.519   -1.756  -8.229  1.00 9.46  ? 590 PRO A CA  1 
ATOM   229  C  C   . PRO A 1 30  ? 9.490   -0.690  -8.701  1.00 9.10  ? 590 PRO A C   1 
ATOM   230  O  O   . PRO A 1 30  ? 9.554   -0.368  -9.898  1.00 9.41  ? 590 PRO A O   1 
ATOM   231  C  CB  . PRO A 1 30  ? 9.110   -3.137  -8.511  1.00 9.79  ? 590 PRO A CB  1 
ATOM   232  C  CG  . PRO A 1 30  ? 7.961   -4.003  -8.854  1.00 10.18 ? 590 PRO A CG  1 
ATOM   233  C  CD  . PRO A 1 30  ? 6.954   -3.109  -9.517  1.00 9.67  ? 590 PRO A CD  1 
ATOM   234  N  N   . VAL A 1 31  ? 10.245  -0.152  -7.754  1.00 9.24  ? 591 VAL A N   1 
ATOM   235  C  CA  . VAL A 1 31  ? 11.385  0.687   -8.091  1.00 9.35  ? 591 VAL A CA  1 
ATOM   236  C  C   . VAL A 1 31  ? 12.331  -0.120  -8.975  1.00 9.79  ? 591 VAL A C   1 
ATOM   237  O  O   . VAL A 1 31  ? 12.674  -1.258  -8.657  1.00 10.56 ? 591 VAL A O   1 
ATOM   238  C  CB  . VAL A 1 31  ? 12.131  1.140   -6.817  1.00 9.63  ? 591 VAL A CB  1 
ATOM   239  C  CG1 . VAL A 1 31  ? 13.408  1.898   -7.172  1.00 9.77  ? 591 VAL A CG1 1 
ATOM   240  C  CG2 . VAL A 1 31  ? 11.212  1.975   -5.940  1.00 9.79  ? 591 VAL A CG2 1 
ATOM   241  N  N   . SER A 1 32  ? 12.754  0.467   -10.089 1.00 10.26 ? 592 SER A N   1 
ATOM   242  C  CA  . SER A 1 32  ? 13.655  -0.219  -11.011 1.00 10.63 ? 592 SER A CA  1 
ATOM   243  C  C   . SER A 1 32  ? 15.074  -0.326  -10.457 1.00 10.51 ? 592 SER A C   1 
ATOM   244  O  O   . SER A 1 32  ? 15.734  0.693   -10.231 1.00 9.86  ? 592 SER A O   1 
ATOM   245  C  CB  . SER A 1 32  ? 13.724  0.513   -12.355 1.00 11.30 ? 592 SER A CB  1 
ATOM   246  O  OG  . SER A 1 32  ? 14.765  -0.028  -13.159 1.00 11.82 ? 592 SER A OG  1 
ATOM   247  N  N   . LEU A 1 33  ? 15.551  -1.556  -10.281 1.00 11.11 ? 593 LEU A N   1 
ATOM   248  C  CA  . LEU A 1 33  ? 16.920  -1.787  -9.845  1.00 12.02 ? 593 LEU A CA  1 
ATOM   249  C  C   . LEU A 1 33  ? 17.920  -1.502  -10.951 1.00 11.99 ? 593 LEU A C   1 
ATOM   250  O  O   . LEU A 1 33  ? 19.082  -1.248  -10.668 1.00 14.26 ? 593 LEU A O   1 
ATOM   251  C  CB  . LEU A 1 33  ? 17.111  -3.208  -9.285  1.00 13.13 ? 593 LEU A CB  1 
ATOM   252  C  CG  . LEU A 1 33  ? 17.101  -3.271  -7.761  1.00 13.93 ? 593 LEU A CG  1 
ATOM   253  C  CD1 . LEU A 1 33  ? 18.305  -2.566  -7.136  1.00 14.62 ? 593 LEU A CD1 1 
ATOM   254  C  CD2 . LEU A 1 33  ? 15.787  -2.704  -7.236  1.00 13.99 ? 593 LEU A CD2 1 
ATOM   255  N  N   . LYS A 1 34  ? 17.489  -1.554  -12.204 1.00 11.49 ? 594 LYS A N   1 
ATOM   256  C  CA  . LYS A 1 34  ? 18.350  -1.140  -13.300 1.00 11.99 ? 594 LYS A CA  1 
ATOM   257  C  C   . LYS A 1 34  ? 18.567  0.369   -13.272 1.00 10.70 ? 594 LYS A C   1 
ATOM   258  O  O   . LYS A 1 34  ? 19.698  0.833   -13.431 1.00 12.44 ? 594 LYS A O   1 
ATOM   259  C  CB  . LYS A 1 34  ? 17.773  -1.581  -14.639 1.00 13.27 ? 594 LYS A CB  1 
ATOM   260  C  CG  . LYS A 1 34  ? 17.774  -3.090  -14.809 1.00 15.41 ? 594 LYS A CG  1 
ATOM   261  C  CD  . LYS A 1 34  ? 16.999  -3.538  -16.031 1.00 17.91 ? 594 LYS A CD  1 
ATOM   262  C  CE  . LYS A 1 34  ? 16.923  -5.053  -16.098 1.00 20.12 ? 594 LYS A CE  1 
ATOM   263  N  NZ  . LYS A 1 34  ? 18.259  -5.679  -16.270 1.00 21.85 ? 594 LYS A NZ  1 
ATOM   264  N  N   . GLU A 1 35  ? 17.504  1.143   -13.044 1.00 9.63  ? 595 GLU A N   1 
ATOM   265  C  CA  . GLU A 1 35  ? 17.654  2.589   -13.005 1.00 9.08  ? 595 GLU A CA  1 
ATOM   266  C  C   . GLU A 1 35  ? 18.265  3.075   -11.696 1.00 8.97  ? 595 GLU A C   1 
ATOM   267  O  O   . GLU A 1 35  ? 18.954  4.094   -11.691 1.00 10.00 ? 595 GLU A O   1 
ATOM   268  C  CB  . GLU A 1 35  ? 16.313  3.268   -13.223 1.00 9.21  ? 595 GLU A CB  1 
ATOM   269  C  CG  . GLU A 1 35  ? 16.440  4.729   -13.617 1.00 9.85  ? 595 GLU A CG  1 
ATOM   270  C  CD  . GLU A 1 35  ? 17.159  4.956   -14.928 1.00 10.50 ? 595 GLU A CD  1 
ATOM   271  O  OE1 . GLU A 1 35  ? 17.039  4.122   -15.857 1.00 11.00 ? 595 GLU A OE1 1 
ATOM   272  O  OE2 . GLU A 1 35  ? 17.844  6.009   -15.002 1.00 12.21 ? 595 GLU A OE2 1 
ATOM   273  N  N   . VAL A 1 36  ? 18.010  2.361   -10.600 1.00 8.41  ? 596 VAL A N   1 
ATOM   274  C  CA  . VAL A 1 36  ? 18.445  2.776   -9.265  1.00 8.34  ? 596 VAL A CA  1 
ATOM   275  C  C   . VAL A 1 36  ? 19.223  1.598   -8.664  1.00 8.33  ? 596 VAL A C   1 
ATOM   276  O  O   . VAL A 1 36  ? 18.738  0.869   -7.814  1.00 8.15  ? 596 VAL A O   1 
ATOM   277  C  CB  . VAL A 1 36  ? 17.253  3.173   -8.371  1.00 8.43  ? 596 VAL A CB  1 
ATOM   278  C  CG1 . VAL A 1 36  ? 17.763  3.851   -7.122  1.00 8.60  ? 596 VAL A CG1 1 
ATOM   279  C  CG2 . VAL A 1 36  ? 16.299  4.088   -9.112  1.00 8.86  ? 596 VAL A CG2 1 
ATOM   280  N  N   . PRO A 1 37  ? 20.476  1.405   -9.113  1.00 9.18  ? 597 PRO A N   1 
ATOM   281  C  CA  . PRO A 1 37  ? 21.196  0.186   -8.721  1.00 9.32  ? 597 PRO A CA  1 
ATOM   282  C  C   . PRO A 1 37  ? 21.554  0.057   -7.258  1.00 8.32  ? 597 PRO A C   1 
ATOM   283  O  O   . PRO A 1 37  ? 21.857  -1.059  -6.832  1.00 9.11  ? 597 PRO A O   1 
ATOM   284  C  CB  . PRO A 1 37  ? 22.472  0.189   -9.585  1.00 10.69 ? 597 PRO A CB  1 
ATOM   285  C  CG  . PRO A 1 37  ? 22.310  1.271   -10.572 1.00 11.80 ? 597 PRO A CG  1 
ATOM   286  C  CD  . PRO A 1 37  ? 21.187  2.160   -10.161 1.00 10.21 ? 597 PRO A CD  1 
ATOM   287  N  N   . ASP A 1 38  ? 21.537  1.146   -6.494  1.00 7.75  ? 598 ASP A N   1 
ATOM   288  C  CA  . ASP A 1 38  ? 21.796  1.045   -5.061  1.00 7.58  ? 598 ASP A CA  1 
ATOM   289  C  C   . ASP A 1 38  ? 20.523  0.904   -4.232  1.00 7.37  ? 598 ASP A C   1 
ATOM   290  O  O   . ASP A 1 38  ? 20.607  0.904   -3.023  1.00 7.48  ? 598 ASP A O   1 
ATOM   291  C  CB  . ASP A 1 38  ? 22.626  2.236   -4.543  1.00 7.67  ? 598 ASP A CB  1 
ATOM   292  C  CG  . ASP A 1 38  ? 21.775  3.422   -4.145  1.00 7.83  ? 598 ASP A CG  1 
ATOM   293  O  OD1 . ASP A 1 38  ? 20.804  3.720   -4.877  1.00 8.11  ? 598 ASP A OD1 1 
ATOM   294  O  OD2 . ASP A 1 38  ? 22.072  4.047   -3.116  1.00 8.73  ? 598 ASP A OD2 1 
ATOM   295  N  N   . TYR A 1 39  ? 19.350  0.761   -4.854  1.00 7.23  ? 599 TYR A N   1 
ATOM   296  C  CA  . TYR A 1 39  ? 18.104  0.832   -4.079  1.00 7.45  ? 599 TYR A CA  1 
ATOM   297  C  C   . TYR A 1 39  ? 18.037  -0.213  -2.966  1.00 8.16  ? 599 TYR A C   1 
ATOM   298  O  O   . TYR A 1 39  ? 17.638  0.094   -1.856  1.00 9.50  ? 599 TYR A O   1 
ATOM   299  C  CB  . TYR A 1 39  ? 16.881  0.715   -4.991  1.00 7.41  ? 599 TYR A CB  1 
ATOM   300  C  CG  . TYR A 1 39  ? 15.588  0.937   -4.261  1.00 7.22  ? 599 TYR A CG  1 
ATOM   301  C  CD1 . TYR A 1 39  ? 15.264  2.191   -3.764  1.00 7.24  ? 599 TYR A CD1 1 
ATOM   302  C  CD2 . TYR A 1 39  ? 14.723  -0.116  -4.030  1.00 7.45  ? 599 TYR A CD2 1 
ATOM   303  C  CE1 . TYR A 1 39  ? 14.089  2.395   -3.071  1.00 7.14  ? 599 TYR A CE1 1 
ATOM   304  C  CE2 . TYR A 1 39  ? 13.547  0.078   -3.331  1.00 7.38  ? 599 TYR A CE2 1 
ATOM   305  C  CZ  . TYR A 1 39  ? 13.236  1.337   -2.849  1.00 7.16  ? 599 TYR A CZ  1 
ATOM   306  O  OH  . TYR A 1 39  ? 12.075  1.526   -2.146  1.00 7.61  ? 599 TYR A OH  1 
ATOM   307  N  N   . LEU A 1 40  ? 18.447  -1.437  -3.262  1.00 8.68  ? 600 LEU A N   1 
ATOM   308  C  CA  . LEU A 1 40  ? 18.364  -2.514  -2.282  1.00 10.11 ? 600 LEU A CA  1 
ATOM   309  C  C   . LEU A 1 40  ? 19.563  -2.540  -1.339  1.00 10.01 ? 600 LEU A C   1 
ATOM   310  O  O   . LEU A 1 40  ? 19.589  -3.341  -0.399  1.00 10.60 ? 600 LEU A O   1 
ATOM   311  C  CB  . LEU A 1 40  ? 18.161  -3.855  -2.976  1.00 11.78 ? 600 LEU A CB  1 
ATOM   312  C  CG  . LEU A 1 40  ? 16.850  -3.958  -3.776  1.00 13.63 ? 600 LEU A CG  1 
ATOM   313  C  CD1 . LEU A 1 40  ? 16.731  -5.300  -4.482  1.00 14.57 ? 600 LEU A CD1 1 
ATOM   314  C  CD2 . LEU A 1 40  ? 15.612  -3.716  -2.927  1.00 14.20 ? 600 LEU A CD2 1 
ATOM   315  N  N   . ASP A 1 41  ? 20.525  -1.631  -1.500  1.00 9.73  ? 601 ASP A N   1 
ATOM   316  C  CA  . ASP A 1 41  ? 21.625  -1.555  -0.552  1.00 10.47 ? 601 ASP A CA  1 
ATOM   317  C  C   . ASP A 1 41  ? 21.120  -1.157  0.823   1.00 12.32 ? 601 ASP A C   1 
ATOM   318  O  O   . ASP A 1 41  ? 21.675  -1.631  1.831   1.00 15.40 ? 601 ASP A O   1 
ATOM   319  C  CB  . ASP A 1 41  ? 22.718  -0.591  -1.016  1.00 9.83  ? 601 ASP A CB  1 
ATOM   320  C  CG  . ASP A 1 41  ? 23.359  -1.005  -2.318  1.00 9.45  ? 601 ASP A CG  1 
ATOM   321  O  OD1 . ASP A 1 41  ? 23.056  -2.115  -2.813  1.00 10.26 ? 601 ASP A OD1 1 
ATOM   322  O  OD2 . ASP A 1 41  ? 24.167  -0.240  -2.846  1.00 8.94  ? 601 ASP A OD2 1 
ATOM   323  N  N   A HIS A 1 42  ? 20.101  -0.267  0.693   0.50 13.08 ? 602 HIS A N   1 
ATOM   324  N  N   B HIS A 1 42  ? 20.063  -0.378  0.991   0.50 12.52 ? 602 HIS A N   1 
ATOM   325  C  CA  A HIS A 1 42  ? 19.408  0.563   1.668   0.50 12.34 ? 602 HIS A CA  1 
ATOM   326  C  CA  B HIS A 1 42  ? 19.491  -0.235  2.341   0.50 12.00 ? 602 HIS A CA  1 
ATOM   327  C  C   A HIS A 1 42  ? 18.039  -0.015  2.147   0.50 12.62 ? 602 HIS A C   1 
ATOM   328  C  C   B HIS A 1 42  ? 17.976  -0.166  2.308   0.50 12.28 ? 602 HIS A C   1 
ATOM   329  O  O   A HIS A 1 42  ? 17.641  0.211   3.283   0.50 12.65 ? 602 HIS A O   1 
ATOM   330  O  O   B HIS A 1 42  ? 17.391  0.423   3.213   0.50 12.06 ? 602 HIS A O   1 
ATOM   331  C  CB  A HIS A 1 42  ? 19.184  1.942   1.000   0.50 12.46 ? 602 HIS A CB  1 
ATOM   332  C  CB  B HIS A 1 42  ? 20.075  0.987   3.071   0.50 11.63 ? 602 HIS A CB  1 
ATOM   333  C  CG  A HIS A 1 42  ? 20.431  2.761   0.839   0.50 11.99 ? 602 HIS A CG  1 
ATOM   334  C  CG  B HIS A 1 42  ? 21.573  0.980   3.152   0.50 11.65 ? 602 HIS A CG  1 
ATOM   335  N  ND1 A HIS A 1 42  ? 21.129  2.898   -0.351  0.50 10.56 ? 602 HIS A ND1 1 
ATOM   336  N  ND1 B HIS A 1 42  ? 22.272  0.318   4.141   0.50 11.66 ? 602 HIS A ND1 1 
ATOM   337  C  CD2 A HIS A 1 42  ? 21.105  3.493   1.754   0.50 12.55 ? 602 HIS A CD2 1 
ATOM   338  C  CD2 B HIS A 1 42  ? 22.504  1.516   2.330   0.50 11.54 ? 602 HIS A CD2 1 
ATOM   339  C  CE1 A HIS A 1 42  ? 22.172  3.685   -0.142  0.50 11.86 ? 602 HIS A CE1 1 
ATOM   340  C  CE1 B HIS A 1 42  ? 23.570  0.457   3.929   0.50 11.83 ? 602 HIS A CE1 1 
ATOM   341  N  NE2 A HIS A 1 42  ? 22.181  4.053   1.122   0.50 12.74 ? 602 HIS A NE2 1 
ATOM   342  N  NE2 B HIS A 1 42  ? 23.736  1.184   2.838   0.50 11.67 ? 602 HIS A NE2 1 
ATOM   343  N  N   . ILE A 1 43  ? 17.344  -0.758  1.281   1.00 12.91 ? 603 ILE A N   1 
ATOM   344  C  CA  . ILE A 1 43  ? 15.937  -1.184  1.426   1.00 12.03 ? 603 ILE A CA  1 
ATOM   345  C  C   . ILE A 1 43  ? 15.875  -2.710  1.400   1.00 12.62 ? 603 ILE A C   1 
ATOM   346  O  O   . ILE A 1 43  ? 16.154  -3.346  0.383   1.00 12.98 ? 603 ILE A O   1 
ATOM   347  C  CB  . ILE A 1 43  ? 15.073  -0.590  0.307   1.00 11.69 ? 603 ILE A CB  1 
ATOM   348  C  CG1 . ILE A 1 43  ? 15.088  0.945   0.387   1.00 11.69 ? 603 ILE A CG1 1 
ATOM   349  C  CG2 . ILE A 1 43  ? 13.660  -1.165  0.356   1.00 11.00 ? 603 ILE A CG2 1 
ATOM   350  C  CD1 . ILE A 1 43  ? 14.547  1.535   1.673   1.00 11.38 ? 603 ILE A CD1 1 
ATOM   351  N  N   . LYS A 1 44  ? 15.486  -3.289  2.525   1.00 12.62 ? 604 LYS A N   1 
ATOM   352  C  CA  . LYS A 1 44  ? 15.439  -4.737  2.668   1.00 13.73 ? 604 LYS A CA  1 
ATOM   353  C  C   . LYS A 1 44  ? 14.192  -5.389  2.050   1.00 12.49 ? 604 LYS A C   1 
ATOM   354  O  O   . LYS A 1 44  ? 14.242  -6.528  1.586   1.00 14.31 ? 604 LYS A O   1 
ATOM   355  C  CB  . LYS A 1 44  ? 15.501  -5.097  4.148   1.00 15.99 ? 604 LYS A CB  1 
ATOM   356  C  CG  . LYS A 1 44  ? 15.670  -6.580  4.395   1.00 18.51 ? 604 LYS A CG  1 
ATOM   357  C  CD  . LYS A 1 44  ? 16.087  -6.871  5.824   1.00 20.83 ? 604 LYS A CD  1 
ATOM   358  C  CE  . LYS A 1 44  ? 16.287  -8.362  6.032   1.00 22.51 ? 604 LYS A CE  1 
ATOM   359  N  NZ  . LYS A 1 44  ? 16.347  -8.725  7.474   1.00 23.73 ? 604 LYS A NZ  1 
ATOM   360  N  N   . HIS A 1 45  ? 13.060  -4.681  2.093   1.00 10.85 ? 605 HIS A N   1 
ATOM   361  C  CA  . HIS A 1 45  ? 11.762  -5.233  1.689   1.00 10.89 ? 605 HIS A CA  1 
ATOM   362  C  C   . HIS A 1 45  ? 11.063  -4.256  0.751   1.00 9.69  ? 605 HIS A C   1 
ATOM   363  O  O   . HIS A 1 45  ? 10.163  -3.526  1.172   1.00 9.27  ? 605 HIS A O   1 
ATOM   364  C  CB  . HIS A 1 45  ? 10.893  -5.498  2.920   1.00 12.03 ? 605 HIS A CB  1 
ATOM   365  C  CG  . HIS A 1 45  ? 11.488  -6.491  3.868   1.00 14.09 ? 605 HIS A CG  1 
ATOM   366  N  ND1 . HIS A 1 45  ? 11.736  -7.802  3.518   1.00 15.70 ? 605 HIS A ND1 1 
ATOM   367  C  CD2 . HIS A 1 45  ? 11.911  -6.361  5.146   1.00 15.31 ? 605 HIS A CD2 1 
ATOM   368  C  CE1 . HIS A 1 45  ? 12.268  -8.440  4.546   1.00 16.11 ? 605 HIS A CE1 1 
ATOM   369  N  NE2 . HIS A 1 45  ? 12.380  -7.591  5.549   1.00 16.17 ? 605 HIS A NE2 1 
ATOM   370  N  N   . PRO A 1 46  ? 11.452  -4.243  -0.527  1.00 9.20  ? 606 PRO A N   1 
ATOM   371  C  CA  . PRO A 1 46  ? 10.785  -3.369  -1.487  1.00 9.03  ? 606 PRO A CA  1 
ATOM   372  C  C   . PRO A 1 46  ? 9.293   -3.688  -1.570  1.00 8.33  ? 606 PRO A C   1 
ATOM   373  O  O   . PRO A 1 46  ? 8.886   -4.861  -1.405  1.00 8.73  ? 606 PRO A O   1 
ATOM   374  C  CB  . PRO A 1 46  ? 11.502  -3.695  -2.807  1.00 9.60  ? 606 PRO A CB  1 
ATOM   375  C  CG  . PRO A 1 46  ? 12.121  -5.049  -2.594  1.00 10.73 ? 606 PRO A CG  1 
ATOM   376  C  CD  . PRO A 1 46  ? 12.509  -5.060  -1.161  1.00 10.07 ? 606 PRO A CD  1 
ATOM   377  N  N   . MET A 1 47  ? 8.473   -2.674  -1.818  1.00 7.63  ? 607 MET A N   1 
ATOM   378  C  CA  . MET A 1 47  ? 7.043   -2.909  -1.988  1.00 7.60  ? 607 MET A CA  1 
ATOM   379  C  C   . MET A 1 47  ? 6.458   -1.851  -2.894  1.00 7.51  ? 607 MET A C   1 
ATOM   380  O  O   . MET A 1 47  ? 7.008   -0.759  -3.015  1.00 7.34  ? 607 MET A O   1 
ATOM   381  C  CB  . MET A 1 47  ? 6.349   -2.905  -0.614  1.00 7.96  ? 607 MET A CB  1 
ATOM   382  C  CG  . MET A 1 47  ? 4.897   -3.358  -0.583  1.00 8.15  ? 607 MET A CG  1 
ATOM   383  S  SD  . MET A 1 47  ? 4.548   -4.920  -1.408  1.00 9.10  ? 607 MET A SD  1 
ATOM   384  C  CE  . MET A 1 47  ? 5.700   -6.026  -0.587  1.00 9.39  ? 607 MET A CE  1 
ATOM   385  N  N   . ASP A 1 48  ? 5.334   -2.189  -3.511  1.00 7.46  ? 608 ASP A N   1 
ATOM   386  C  CA  . ASP A 1 48  ? 4.622   -1.318  -4.437  1.00 7.71  ? 608 ASP A CA  1 
ATOM   387  C  C   . ASP A 1 48  ? 3.216   -1.888  -4.621  1.00 7.44  ? 608 ASP A C   1 
ATOM   388  O  O   . ASP A 1 48  ? 2.948   -3.023  -4.204  1.00 7.30  ? 608 ASP A O   1 
ATOM   389  C  CB  . ASP A 1 48  ? 5.321   -1.288  -5.789  1.00 8.07  ? 608 ASP A CB  1 
ATOM   390  C  CG  . ASP A 1 48  ? 5.308   -2.649  -6.442  1.00 8.67  ? 608 ASP A CG  1 
ATOM   391  O  OD1 . ASP A 1 48  ? 6.162   -3.470  -6.095  1.00 9.46  ? 608 ASP A OD1 1 
ATOM   392  O  OD2 . ASP A 1 48  ? 4.362   -2.923  -7.218  1.00 9.20  ? 608 ASP A OD2 1 
ATOM   393  N  N   . PHE A 1 49  ? 2.330   -1.130  -5.253  1.00 7.45  ? 609 PHE A N   1 
ATOM   394  C  CA  . PHE A 1 49  ? 0.947   -1.568  -5.380  1.00 7.77  ? 609 PHE A CA  1 
ATOM   395  C  C   . PHE A 1 49  ? 0.735   -2.782  -6.287  1.00 8.07  ? 609 PHE A C   1 
ATOM   396  O  O   . PHE A 1 49  ? -0.187  -3.566  -6.029  1.00 8.41  ? 609 PHE A O   1 
ATOM   397  C  CB  . PHE A 1 49  ? 0.047   -0.434  -5.864  1.00 8.21  ? 609 PHE A CB  1 
ATOM   398  C  CG  . PHE A 1 49  ? -0.138  0.683   -4.880  1.00 8.85  ? 609 PHE A CG  1 
ATOM   399  C  CD1 . PHE A 1 49  ? -0.468  0.444   -3.555  1.00 9.41  ? 609 PHE A CD1 1 
ATOM   400  C  CD2 . PHE A 1 49  ? -0.075  2.002   -5.318  1.00 10.00 ? 609 PHE A CD2 1 
ATOM   401  C  CE1 . PHE A 1 49  ? -0.711  1.506   -2.694  1.00 10.15 ? 609 PHE A CE1 1 
ATOM   402  C  CE2 . PHE A 1 49  ? -0.322  3.060   -4.461  1.00 10.65 ? 609 PHE A CE2 1 
ATOM   403  C  CZ  . PHE A 1 49  ? -0.627  2.808   -3.155  1.00 10.53 ? 609 PHE A CZ  1 
ATOM   404  N  N   . ALA A 1 50  ? 1.536   -2.950  -7.336  1.00 8.44  ? 610 ALA A N   1 
ATOM   405  C  CA  . ALA A 1 50  ? 1.398   -4.141  -8.190  1.00 9.32  ? 610 ALA A CA  1 
ATOM   406  C  C   . ALA A 1 50  ? 1.745   -5.389  -7.404  1.00 9.28  ? 610 ALA A C   1 
ATOM   407  O  O   . ALA A 1 50  ? 1.065   -6.415  -7.515  1.00 9.37  ? 610 ALA A O   1 
ATOM   408  C  CB  . ALA A 1 50  ? 2.261   -4.039  -9.438  1.00 10.00 ? 610 ALA A CB  1 
ATOM   409  N  N   . THR A 1 51  ? 2.780   -5.314  -6.579  1.00 9.22  ? 611 THR A N   1 
ATOM   410  C  CA  . THR A 1 51  ? 3.189   -6.428  -5.745  1.00 9.57  ? 611 THR A CA  1 
ATOM   411  C  C   . THR A 1 51  ? 2.115   -6.726  -4.693  1.00 8.92  ? 611 THR A C   1 
ATOM   412  O  O   . THR A 1 51  ? 1.813   -7.896  -4.430  1.00 9.49  ? 611 THR A O   1 
ATOM   413  C  CB  . THR A 1 51  ? 4.568   -6.131  -5.132  1.00 9.84  ? 611 THR A CB  1 
ATOM   414  O  OG1 . THR A 1 51  ? 5.503   -5.965  -6.204  1.00 10.50 ? 611 THR A OG1 1 
ATOM   415  C  CG2 . THR A 1 51  ? 5.039   -7.279  -4.252  1.00 10.20 ? 611 THR A CG2 1 
ATOM   416  N  N   . MET A 1 52  ? 1.515   -5.687  -4.118  1.00 8.55  ? 612 MET A N   1 
ATOM   417  C  CA  . MET A 1 52  ? 0.388   -5.898  -3.216  1.00 8.43  ? 612 MET A CA  1 
ATOM   418  C  C   . MET A 1 52  ? -0.790  -6.566  -3.918  1.00 8.54  ? 612 MET A C   1 
ATOM   419  O  O   . MET A 1 52  ? -1.418  -7.465  -3.345  1.00 8.56  ? 612 MET A O   1 
ATOM   420  C  CB  . MET A 1 52  ? -0.065  -4.583  -2.583  1.00 8.10  ? 612 MET A CB  1 
ATOM   421  C  CG  . MET A 1 52  ? 0.957   -4.007  -1.615  1.00 8.03  ? 612 MET A CG  1 
ATOM   422  S  SD  . MET A 1 52  ? 0.400   -2.507  -0.777  1.00 8.37  ? 612 MET A SD  1 
ATOM   423  C  CE  . MET A 1 52  ? -0.946  -3.157  0.206   1.00 8.82  ? 612 MET A CE  1 
ATOM   424  N  N   . ARG A 1 53  ? -1.086  -6.155  -5.145  1.00 8.83  ? 613 ARG A N   1 
ATOM   425  C  CA  . ARG A 1 53  ? -2.201  -6.756  -5.880  1.00 9.63  ? 613 ARG A CA  1 
ATOM   426  C  C   . ARG A 1 53  ? -1.940  -8.243  -6.120  1.00 9.57  ? 613 ARG A C   1 
ATOM   427  O  O   . ARG A 1 53  ? -2.851  -9.076  -6.003  1.00 9.46  ? 613 ARG A O   1 
ATOM   428  C  CB  . ARG A 1 53  ? -2.426  -6.041  -7.208  1.00 10.65 ? 613 ARG A CB  1 
ATOM   429  C  CG  . ARG A 1 53  ? -3.467  -6.695  -8.105  1.00 12.64 ? 613 ARG A CG  1 
ATOM   430  C  CD  . ARG A 1 53  ? -3.855  -5.806  -9.255  1.00 14.41 ? 613 ARG A CD  1 
ATOM   431  N  NE  . ARG A 1 53  ? -4.234  -4.479  -8.787  1.00 16.80 ? 613 ARG A NE  1 
ATOM   432  C  CZ  . ARG A 1 53  ? -5.380  -4.180  -8.191  1.00 17.00 ? 613 ARG A CZ  1 
ATOM   433  N  NH1 . ARG A 1 53  ? -6.325  -5.106  -8.025  1.00 17.58 ? 613 ARG A NH1 1 
ATOM   434  N  NH2 . ARG A 1 53  ? -5.623  -2.933  -7.778  1.00 16.50 ? 613 ARG A NH2 1 
ATOM   435  N  N   . LYS A 1 54  ? -0.712  -8.589  -6.483  1.00 9.80  ? 614 LYS A N   1 
ATOM   436  C  CA  . LYS A 1 54  ? -0.382  -9.993  -6.689  1.00 10.80 ? 614 LYS A CA  1 
ATOM   437  C  C   . LYS A 1 54  ? -0.599  -10.811 -5.412  1.00 10.09 ? 614 LYS A C   1 
ATOM   438  O  O   . LYS A 1 54  ? -1.207  -11.899 -5.464  1.00 10.28 ? 614 LYS A O   1 
ATOM   439  C  CB  . LYS A 1 54  ? 1.037   -10.146 -7.219  1.00 12.75 ? 614 LYS A CB  1 
ATOM   440  C  CG  . LYS A 1 54  ? 1.195   -9.640  -8.643  1.00 15.89 ? 614 LYS A CG  1 
ATOM   441  C  CD  . LYS A 1 54  ? 2.483   -10.112 -9.285  1.00 18.69 ? 614 LYS A CD  1 
ATOM   442  C  CE  . LYS A 1 54  ? 2.770   -9.355  -10.569 1.00 20.86 ? 614 LYS A CE  1 
ATOM   443  N  NZ  . LYS A 1 54  ? 1.665   -9.456  -11.564 1.00 22.65 ? 614 LYS A NZ  1 
ATOM   444  N  N   . ARG A 1 55  ? -0.143  -10.289 -4.272  1.00 9.93  ? 615 ARG A N   1 
ATOM   445  C  CA  . ARG A 1 55  ? -0.350  -10.959 -2.999  1.00 10.02 ? 615 ARG A CA  1 
ATOM   446  C  C   . ARG A 1 55  ? -1.833  -11.061 -2.645  1.00 9.48  ? 615 ARG A C   1 
ATOM   447  O  O   . ARG A 1 55  ? -2.295  -12.102 -2.178  1.00 10.03 ? 615 ARG A O   1 
ATOM   448  C  CB  . ARG A 1 55  ? 0.426   -10.244 -1.888  1.00 9.98  ? 615 ARG A CB  1 
ATOM   449  C  CG  . ARG A 1 55  ? 0.292   -10.900 -0.532  1.00 10.60 ? 615 ARG A CG  1 
ATOM   450  C  CD  . ARG A 1 55  ? 1.340   -10.398 0.437   1.00 11.04 ? 615 ARG A CD  1 
ATOM   451  N  NE  . ARG A 1 55  ? 1.100   -10.961 1.765   1.00 11.41 ? 615 ARG A NE  1 
ATOM   452  C  CZ  . ARG A 1 55  ? 1.579   -10.493 2.915   1.00 11.75 ? 615 ARG A CZ  1 
ATOM   453  N  NH1 . ARG A 1 55  ? 2.369   -9.416  2.946   1.00 11.95 ? 615 ARG A NH1 1 
ATOM   454  N  NH2 . ARG A 1 55  ? 1.245   -11.094 4.060   1.00 12.36 ? 615 ARG A NH2 1 
ATOM   455  N  N   . LEU A 1 56  ? -2.565  -9.988  -2.875  1.00 9.85  ? 616 LEU A N   1 
ATOM   456  C  CA  . LEU A 1 56  ? -4.001  -9.952  -2.640  1.00 11.03 ? 616 LEU A CA  1 
ATOM   457  C  C   . LEU A 1 56  ? -4.724  -11.034 -3.434  1.00 10.78 ? 616 LEU A C   1 
ATOM   458  O  O   . LEU A 1 56  ? -5.532  -11.810 -2.885  1.00 10.90 ? 616 LEU A O   1 
ATOM   459  C  CB  . LEU A 1 56  ? -4.497  -8.572  -3.035  1.00 13.06 ? 616 LEU A CB  1 
ATOM   460  C  CG  . LEU A 1 56  ? -5.963  -8.197  -2.912  1.00 15.45 ? 616 LEU A CG  1 
ATOM   461  C  CD1 . LEU A 1 56  ? -6.058  -6.682  -2.870  1.00 16.32 ? 616 LEU A CD1 1 
ATOM   462  C  CD2 . LEU A 1 56  ? -6.799  -8.718  -4.048  1.00 16.22 ? 616 LEU A CD2 1 
ATOM   463  N  N   . GLU A 1 57  ? -4.415  -11.104 -4.722  1.00 10.28 ? 617 GLU A N   1 
ATOM   464  C  CA  . GLU A 1 57  ? -5.112  -12.019 -5.616  1.00 10.53 ? 617 GLU A CA  1 
ATOM   465  C  C   . GLU A 1 57  ? -4.704  -13.462 -5.362  1.00 10.80 ? 617 GLU A C   1 
ATOM   466  O  O   . GLU A 1 57  ? -5.512  -14.370 -5.608  1.00 12.01 ? 617 GLU A O   1 
ATOM   467  C  CB  . GLU A 1 57  ? -4.897  -11.623 -7.072  1.00 10.76 ? 617 GLU A CB  1 
ATOM   468  C  CG  . GLU A 1 57  ? -5.569  -10.298 -7.432  1.00 11.05 ? 617 GLU A CG  1 
ATOM   469  C  CD  . GLU A 1 57  ? -7.079  -10.319 -7.256  1.00 11.45 ? 617 GLU A CD  1 
ATOM   470  O  OE1 . GLU A 1 57  ? -7.712  -11.388 -7.430  1.00 13.37 ? 617 GLU A OE1 1 
ATOM   471  O  OE2 . GLU A 1 57  ? -7.663  -9.270  -6.936  1.00 13.18 ? 617 GLU A OE2 1 
ATOM   472  N  N   . ALA A 1 58  ? -3.497  -13.687 -4.844  1.00 10.98 ? 618 ALA A N   1 
ATOM   473  C  CA  . ALA A 1 58  ? -3.088  -15.007 -4.359  1.00 11.77 ? 618 ALA A CA  1 
ATOM   474  C  C   . ALA A 1 58  ? -3.684  -15.319 -2.974  1.00 12.35 ? 618 ALA A C   1 
ATOM   475  O  O   . ALA A 1 58  ? -3.452  -16.392 -2.443  1.00 13.82 ? 618 ALA A O   1 
ATOM   476  C  CB  . ALA A 1 58  ? -1.572  -15.101 -4.307  1.00 12.06 ? 618 ALA A CB  1 
ATOM   477  N  N   . GLN A 1 59  ? -4.443  -14.388 -2.393  1.00 12.67 ? 619 GLN A N   1 
ATOM   478  C  CA  . GLN A 1 59  ? -5.031  -14.501 -1.065  1.00 12.98 ? 619 GLN A CA  1 
ATOM   479  C  C   . GLN A 1 59  ? -3.969  -14.779 -0.006  1.00 12.92 ? 619 GLN A C   1 
ATOM   480  O  O   . GLN A 1 59  ? -4.110  -15.643 0.857   1.00 14.00 ? 619 GLN A O   1 
ATOM   481  C  CB  . GLN A 1 59  ? -6.226  -15.450 -1.087  1.00 14.41 ? 619 GLN A CB  1 
ATOM   482  C  CG  . GLN A 1 59  ? -7.270  -14.931 -2.074  1.00 15.04 ? 619 GLN A CG  1 
ATOM   483  C  CD  . GLN A 1 59  ? -8.627  -15.571 -1.910  1.00 15.44 ? 619 GLN A CD  1 
ATOM   484  O  OE1 . GLN A 1 59  ? -8.770  -16.774 -2.142  1.00 17.44 ? 619 GLN A OE1 1 
ATOM   485  N  NE2 . GLN A 1 59  ? -9.642  -14.782 -1.548  1.00 15.31 ? 619 GLN A NE2 1 
ATOM   486  N  N   . GLY A 1 60  ? -2.911  -13.975 -0.087  1.00 11.89 ? 620 GLY A N   1 
ATOM   487  C  CA  . GLY A 1 60  ? -1.775  -14.033 0.821   1.00 11.54 ? 620 GLY A CA  1 
ATOM   488  C  C   . GLY A 1 60  ? -1.814  -13.066 1.996   1.00 11.00 ? 620 GLY A C   1 
ATOM   489  O  O   . GLY A 1 60  ? -0.830  -12.974 2.734   1.00 11.83 ? 620 GLY A O   1 
ATOM   490  N  N   . TYR A 1 61  ? -2.918  -12.335 2.177   1.00 10.74 ? 621 TYR A N   1 
ATOM   491  C  CA  . TYR A 1 61  ? -3.111  -11.487 3.366   1.00 10.71 ? 621 TYR A CA  1 
ATOM   492  C  C   . TYR A 1 61  ? -4.026  -12.176 4.377   1.00 11.50 ? 621 TYR A C   1 
ATOM   493  O  O   . TYR A 1 61  ? -5.151  -12.518 4.067   1.00 12.43 ? 621 TYR A O   1 
ATOM   494  C  CB  . TYR A 1 61  ? -3.692  -10.114 2.995   1.00 10.28 ? 621 TYR A CB  1 
ATOM   495  C  CG  . TYR A 1 61  ? -2.724  -9.249  2.221   1.00 9.79  ? 621 TYR A CG  1 
ATOM   496  C  CD1 . TYR A 1 61  ? -1.574  -8.764  2.829   1.00 9.66  ? 621 TYR A CD1 1 
ATOM   497  C  CD2 . TYR A 1 61  ? -2.965  -8.897  0.899   1.00 9.61  ? 621 TYR A CD2 1 
ATOM   498  C  CE1 . TYR A 1 61  ? -0.678  -7.966  2.144   1.00 9.36  ? 621 TYR A CE1 1 
ATOM   499  C  CE2 . TYR A 1 61  ? -2.076  -8.099  0.193   1.00 9.36  ? 621 TYR A CE2 1 
ATOM   500  C  CZ  . TYR A 1 61  ? -0.932  -7.639  0.816   1.00 9.45  ? 621 TYR A CZ  1 
ATOM   501  O  OH  . TYR A 1 61  ? -0.053  -6.859  0.110   1.00 10.06 ? 621 TYR A OH  1 
ATOM   502  N  N   . LYS A 1 62  ? -3.543  -12.366 5.595   1.00 11.87 ? 622 LYS A N   1 
ATOM   503  C  CA  . LYS A 1 62  ? -4.357  -12.996 6.643   1.00 12.62 ? 622 LYS A CA  1 
ATOM   504  C  C   . LYS A 1 62  ? -5.477  -12.071 7.115   1.00 11.59 ? 622 LYS A C   1 
ATOM   505  O  O   . LYS A 1 62  ? -6.548  -12.533 7.542   1.00 12.18 ? 622 LYS A O   1 
ATOM   506  C  CB  . LYS A 1 62  ? -3.490  -13.377 7.849   1.00 14.76 ? 622 LYS A CB  1 
ATOM   507  C  CG  . LYS A 1 62  ? -4.233  -14.173 8.915   1.00 17.09 ? 622 LYS A CG  1 
ATOM   508  C  CD  . LYS A 1 62  ? -3.302  -14.706 9.987   1.00 19.06 ? 622 LYS A CD  1 
ATOM   509  C  CE  . LYS A 1 62  ? -2.788  -13.597 10.886  1.00 20.75 ? 622 LYS A CE  1 
ATOM   510  N  NZ  . LYS A 1 62  ? -2.076  -14.126 12.083  1.00 22.18 ? 622 LYS A NZ  1 
ATOM   511  N  N   . ASN A 1 63  ? -5.216  -10.767 7.088   1.00 11.00 ? 623 ASN A N   1 
ATOM   512  C  CA  . ASN A 1 63  ? -6.108  -9.792  7.684   1.00 11.02 ? 623 ASN A CA  1 
ATOM   513  C  C   . ASN A 1 63  ? -5.732  -8.410  7.173   1.00 10.64 ? 623 ASN A C   1 
ATOM   514  O  O   . ASN A 1 63  ? -4.755  -8.253  6.411   1.00 10.21 ? 623 ASN A O   1 
ATOM   515  C  CB  . ASN A 1 63  ? -6.032  -9.871  9.219   1.00 12.02 ? 623 ASN A CB  1 
ATOM   516  C  CG  . ASN A 1 63  ? -4.611  -9.774  9.745   1.00 12.69 ? 623 ASN A CG  1 
ATOM   517  O  OD1 . ASN A 1 63  ? -3.786  -9.023  9.223   1.00 12.81 ? 623 ASN A OD1 1 
ATOM   518  N  ND2 . ASN A 1 63  ? -4.319  -10.515 10.799  1.00 14.49 ? 623 ASN A ND2 1 
ATOM   519  N  N   . LEU A 1 64  ? -6.515  -7.410  7.570   1.00 10.56 ? 624 LEU A N   1 
ATOM   520  C  CA  . LEU A 1 64  ? -6.260  -6.039  7.147   1.00 10.79 ? 624 LEU A CA  1 
ATOM   521  C  C   . LEU A 1 64  ? -4.907  -5.548  7.648   1.00 10.50 ? 624 LEU A C   1 
ATOM   522  O  O   . LEU A 1 64  ? -4.225  -4.808  6.947   1.00 10.31 ? 624 LEU A O   1 
ATOM   523  C  CB  . LEU A 1 64  ? -7.393  -5.111  7.603   1.00 11.81 ? 624 LEU A CB  1 
ATOM   524  C  CG  . LEU A 1 64  ? -7.277  -3.619  7.299   1.00 12.20 ? 624 LEU A CG  1 
ATOM   525  C  CD1 . LEU A 1 64  ? -7.210  -3.373  5.799   1.00 12.36 ? 624 LEU A CD1 1 
ATOM   526  C  CD2 . LEU A 1 64  ? -8.460  -2.886  7.899   1.00 13.17 ? 624 LEU A CD2 1 
ATOM   527  N  N   . HIS A 1 65  ? -4.504  -5.961  8.845   1.00 10.69 ? 625 HIS A N   1 
ATOM   528  C  CA  . HIS A 1 65  ? -3.217  -5.541  9.392   1.00 11.14 ? 625 HIS A CA  1 
ATOM   529  C  C   . HIS A 1 65  ? -2.042  -5.902  8.486   1.00 10.07 ? 625 HIS A C   1 
ATOM   530  O  O   . HIS A 1 65  ? -1.147  -5.065  8.266   1.00 9.83  ? 625 HIS A O   1 
ATOM   531  C  CB  . HIS A 1 65  ? -3.028  -6.133  10.798  1.00 13.00 ? 625 HIS A CB  1 
ATOM   532  C  CG  . HIS A 1 65  ? -1.675  -5.889  11.385  1.00 15.84 ? 625 HIS A CG  1 
ATOM   533  N  ND1 . HIS A 1 65  ? -1.222  -4.634  11.724  1.00 17.61 ? 625 HIS A ND1 1 
ATOM   534  C  CD2 . HIS A 1 65  ? -0.682  -6.748  11.710  1.00 17.87 ? 625 HIS A CD2 1 
ATOM   535  C  CE1 . HIS A 1 65  ? -0.003  -4.728  12.228  1.00 18.18 ? 625 HIS A CE1 1 
ATOM   536  N  NE2 . HIS A 1 65  ? 0.348   -6.001  12.226  1.00 19.18 ? 625 HIS A NE2 1 
ATOM   537  N  N   . GLU A 1 66  ? -2.037  -7.117  7.954   1.00 9.38  ? 626 GLU A N   1 
ATOM   538  C  CA  . GLU A 1 66  ? -0.945  -7.523  7.066   1.00 9.55  ? 626 GLU A CA  1 
ATOM   539  C  C   . GLU A 1 66  ? -0.910  -6.683  5.788   1.00 8.73  ? 626 GLU A C   1 
ATOM   540  O  O   . GLU A 1 66  ? 0.163   -6.365  5.262   1.00 9.03  ? 626 GLU A O   1 
ATOM   541  C  CB  . GLU A 1 66  ? -1.045  -8.999  6.718   1.00 10.06 ? 626 GLU A CB  1 
ATOM   542  C  CG  . GLU A 1 66  ? -0.698  -9.883  7.906   1.00 11.10 ? 626 GLU A CG  1 
ATOM   543  C  CD  . GLU A 1 66  ? -0.556  -11.341 7.560   1.00 12.09 ? 626 GLU A CD  1 
ATOM   544  O  OE1 . GLU A 1 66  ? -0.855  -11.744 6.421   1.00 12.80 ? 626 GLU A OE1 1 
ATOM   545  O  OE2 . GLU A 1 66  ? -0.134  -12.101 8.461   1.00 14.57 ? 626 GLU A OE2 1 
ATOM   546  N  N   . PHE A 1 67  ? -2.084  -6.319  5.286   1.00 8.46  ? 627 PHE A N   1 
ATOM   547  C  CA  . PHE A 1 67  ? -2.198  -5.432  4.130   1.00 8.15  ? 627 PHE A CA  1 
ATOM   548  C  C   . PHE A 1 67  ? -1.665  -4.042  4.469   1.00 8.41  ? 627 PHE A C   1 
ATOM   549  O  O   . PHE A 1 67  ? -0.867  -3.459  3.709   1.00 8.42  ? 627 PHE A O   1 
ATOM   550  C  CB  . PHE A 1 67  ? -3.662  -5.426  3.683   1.00 8.02  ? 627 PHE A CB  1 
ATOM   551  C  CG  . PHE A 1 67  ? -3.964  -4.535  2.512   1.00 7.75  ? 627 PHE A CG  1 
ATOM   552  C  CD1 . PHE A 1 67  ? -4.275  -3.204  2.728   1.00 8.05  ? 627 PHE A CD1 1 
ATOM   553  C  CD2 . PHE A 1 67  ? -4.014  -5.043  1.222   1.00 7.57  ? 627 PHE A CD2 1 
ATOM   554  C  CE1 . PHE A 1 67  ? -4.602  -2.388  1.667   1.00 8.24  ? 627 PHE A CE1 1 
ATOM   555  C  CE2 . PHE A 1 67  ? -4.355  -4.233  0.163   1.00 8.01  ? 627 PHE A CE2 1 
ATOM   556  C  CZ  . PHE A 1 67  ? -4.654  -2.906  0.385   1.00 8.12  ? 627 PHE A CZ  1 
ATOM   557  N  N   . GLU A 1 68  ? -2.071  -3.526  5.622   1.00 8.85  ? 628 GLU A N   1 
ATOM   558  C  CA  . GLU A 1 68  ? -1.573  -2.235  6.084   1.00 10.27 ? 628 GLU A CA  1 
ATOM   559  C  C   . GLU A 1 68  ? -0.056  -2.223  6.229   1.00 9.38  ? 628 GLU A C   1 
ATOM   560  O  O   . GLU A 1 68  ? 0.592   -1.206  5.911   1.00 9.44  ? 628 GLU A O   1 
ATOM   561  C  CB  . GLU A 1 68  ? -2.211  -1.851  7.413   1.00 12.03 ? 628 GLU A CB  1 
ATOM   562  C  CG  . GLU A 1 68  ? -1.755  -0.484  7.893   1.00 15.97 ? 628 GLU A CG  1 
ATOM   563  C  CD  . GLU A 1 68  ? -2.688  0.132   8.903   1.00 18.80 ? 628 GLU A CD  1 
ATOM   564  O  OE1 . GLU A 1 68  ? -2.187  0.604   9.945   1.00 22.32 ? 628 GLU A OE1 1 
ATOM   565  O  OE2 . GLU A 1 68  ? -3.918  0.148   8.646   1.00 21.96 ? 628 GLU A OE2 1 
ATOM   566  N  N   . GLU A 1 69  ? 0.525   -3.322  6.705   1.00 9.52  ? 629 GLU A N   1 
ATOM   567  C  CA  . GLU A 1 69  ? 1.975   -3.393  6.823   1.00 10.02 ? 629 GLU A CA  1 
ATOM   568  C  C   . GLU A 1 69  ? 2.678   -3.265  5.464   1.00 9.23  ? 629 GLU A C   1 
ATOM   569  O  O   . GLU A 1 69  ? 3.736   -2.614  5.371   1.00 9.50  ? 629 GLU A O   1 
ATOM   570  C  CB  . GLU A 1 69  ? 2.383   -4.687  7.518   1.00 11.26 ? 629 GLU A CB  1 
ATOM   571  C  CG  . GLU A 1 69  ? 2.051   -4.725  8.999   1.00 13.03 ? 629 GLU A CG  1 
ATOM   572  C  CD  . GLU A 1 69  ? 2.376   -6.064  9.624   1.00 15.63 ? 629 GLU A CD  1 
ATOM   573  O  OE1 . GLU A 1 69  ? 1.959   -7.110  9.089   1.00 17.77 ? 629 GLU A OE1 1 
ATOM   574  O  OE2 . GLU A 1 69  ? 3.059   -6.068  10.669  1.00 18.87 ? 629 GLU A OE2 1 
ATOM   575  N  N   . ASP A 1 70  ? 2.112   -3.860  4.415   1.00 8.52  ? 630 ASP A N   1 
ATOM   576  C  CA  . ASP A 1 70  ? 2.690   -3.656  3.083   1.00 8.26  ? 630 ASP A CA  1 
ATOM   577  C  C   . ASP A 1 70  ? 2.550   -2.217  2.608   1.00 7.89  ? 630 ASP A C   1 
ATOM   578  O  O   . ASP A 1 70  ? 3.489   -1.667  2.025   1.00 8.01  ? 630 ASP A O   1 
ATOM   579  C  CB  . ASP A 1 70  ? 2.115   -4.624  2.041   1.00 8.51  ? 630 ASP A CB  1 
ATOM   580  C  CG  . ASP A 1 70  ? 2.835   -5.972  2.000   1.00 8.94  ? 630 ASP A CG  1 
ATOM   581  O  OD1 . ASP A 1 70  ? 3.897   -6.147  2.633   1.00 10.62 ? 630 ASP A OD1 1 
ATOM   582  O  OD2 . ASP A 1 70  ? 2.317   -6.861  1.290   1.00 10.03 ? 630 ASP A OD2 1 
ATOM   583  N  N   . PHE A 1 71  ? 1.402   -1.593  2.853   1.00 7.84  ? 631 PHE A N   1 
ATOM   584  C  CA  . PHE A 1 71  ? 1.272   -0.177  2.517   1.00 8.17  ? 631 PHE A CA  1 
ATOM   585  C  C   . PHE A 1 71  ? 2.333   0.649   3.257   1.00 7.99  ? 631 PHE A C   1 
ATOM   586  O  O   . PHE A 1 71  ? 2.984   1.526   2.675   1.00 7.84  ? 631 PHE A O   1 
ATOM   587  C  CB  . PHE A 1 71  ? -0.117  0.329   2.886   1.00 8.44  ? 631 PHE A CB  1 
ATOM   588  C  CG  . PHE A 1 71  ? -0.286  1.806   2.668   1.00 9.24  ? 631 PHE A CG  1 
ATOM   589  C  CD1 . PHE A 1 71  ? -0.395  2.336   1.384   1.00 9.94  ? 631 PHE A CD1 1 
ATOM   590  C  CD2 . PHE A 1 71  ? -0.293  2.677   3.736   1.00 10.07 ? 631 PHE A CD2 1 
ATOM   591  C  CE1 . PHE A 1 71  ? -0.544  3.702   1.177   1.00 10.45 ? 631 PHE A CE1 1 
ATOM   592  C  CE2 . PHE A 1 71  ? -0.433  4.046   3.525   1.00 10.60 ? 631 PHE A CE2 1 
ATOM   593  C  CZ  . PHE A 1 71  ? -0.566  4.548   2.246   1.00 10.58 ? 631 PHE A CZ  1 
ATOM   594  N  N   . ASP A 1 72  ? 2.521   0.352   4.539   1.00 8.57  ? 632 ASP A N   1 
ATOM   595  C  CA  . ASP A 1 72  ? 3.517   1.077   5.323   1.00 9.31  ? 632 ASP A CA  1 
ATOM   596  C  C   . ASP A 1 72  ? 4.923   0.893   4.772   1.00 9.09  ? 632 ASP A C   1 
ATOM   597  O  O   . ASP A 1 72  ? 5.717   1.845   4.829   1.00 9.06  ? 632 ASP A O   1 
ATOM   598  C  CB  . ASP A 1 72  ? 3.498   0.649   6.789   1.00 10.41 ? 632 ASP A CB  1 
ATOM   599  C  CG  . ASP A 1 72  ? 2.233   1.050   7.505   1.00 11.88 ? 632 ASP A CG  1 
ATOM   600  O  OD1 . ASP A 1 72  ? 1.483   1.901   7.027   1.00 13.48 ? 632 ASP A OD1 1 
ATOM   601  O  OD2 . ASP A 1 72  ? 1.991   0.492   8.600   1.00 14.64 ? 632 ASP A OD2 1 
ATOM   602  N  N   . LEU A 1 73  ? 5.249   -0.287  4.244   1.00 9.47  ? 633 LEU A N   1 
ATOM   603  C  CA  . LEU A 1 73  ? 6.547   -0.478  3.583   1.00 9.32  ? 633 LEU A CA  1 
ATOM   604  C  C   . LEU A 1 73  ? 6.712   0.450   2.406   1.00 8.37  ? 633 LEU A C   1 
ATOM   605  O  O   . LEU A 1 73  ? 7.789   0.999   2.207   1.00 8.56  ? 633 LEU A O   1 
ATOM   606  C  CB  . LEU A 1 73  ? 6.727   -1.903  3.071   1.00 10.62 ? 633 LEU A CB  1 
ATOM   607  C  CG  . LEU A 1 73  ? 7.142   -3.013  4.022   1.00 11.38 ? 633 LEU A CG  1 
ATOM   608  C  CD1 . LEU A 1 73  ? 7.210   -4.291  3.203   1.00 11.33 ? 633 LEU A CD1 1 
ATOM   609  C  CD2 . LEU A 1 73  ? 8.478   -2.718  4.681   1.00 11.75 ? 633 LEU A CD2 1 
ATOM   610  N  N   . ILE A 1 74  ? 5.679   0.586   1.591   1.00 7.56  ? 634 ILE A N   1 
ATOM   611  C  CA  . ILE A 1 74  ? 5.766   1.502   0.452   1.00 7.40  ? 634 ILE A CA  1 
ATOM   612  C  C   . ILE A 1 74  ? 6.203   2.893   0.934   1.00 7.15  ? 634 ILE A C   1 
ATOM   613  O  O   . ILE A 1 74  ? 7.138   3.514   0.402   1.00 7.43  ? 634 ILE A O   1 
ATOM   614  C  CB  . ILE A 1 74  ? 4.419   1.589   -0.297  1.00 7.33  ? 634 ILE A CB  1 
ATOM   615  C  CG1 . ILE A 1 74  ? 4.077   0.249   -0.945  1.00 7.60  ? 634 ILE A CG1 1 
ATOM   616  C  CG2 . ILE A 1 74  ? 4.475   2.698   -1.349  1.00 7.66  ? 634 ILE A CG2 1 
ATOM   617  C  CD1 . ILE A 1 74  ? 2.751   0.215   -1.668  1.00 7.74  ? 634 ILE A CD1 1 
ATOM   618  N  N   . ILE A 1 75  ? 5.506   3.388   1.944   1.00 7.03  ? 635 ILE A N   1 
ATOM   619  C  CA  . ILE A 1 75  ? 5.735   4.740   2.444   1.00 7.36  ? 635 ILE A CA  1 
ATOM   620  C  C   . ILE A 1 75  ? 7.101   4.841   3.087   1.00 7.50  ? 635 ILE A C   1 
ATOM   621  O  O   . ILE A 1 75  ? 7.883   5.750   2.839   1.00 7.47  ? 635 ILE A O   1 
ATOM   622  C  CB  . ILE A 1 75  ? 4.661   5.121   3.486   1.00 7.83  ? 635 ILE A CB  1 
ATOM   623  C  CG1 . ILE A 1 75  ? 3.247   5.083   2.877   1.00 8.32  ? 635 ILE A CG1 1 
ATOM   624  C  CG2 . ILE A 1 75  ? 4.974   6.475   4.106   1.00 7.80  ? 635 ILE A CG2 1 
ATOM   625  C  CD1 . ILE A 1 75  ? 3.078   5.880   1.610   1.00 8.71  ? 635 ILE A CD1 1 
ATOM   626  N  N   . ASP A 1 76  ? 7.372   3.915   4.004   1.00 7.27  ? 636 ASP A N   1 
ATOM   627  C  CA  . ASP A 1 76  ? 8.586   3.953   4.828   1.00 7.72  ? 636 ASP A CA  1 
ATOM   628  C  C   . ASP A 1 76  ? 9.840   3.738   3.987   1.00 7.33  ? 636 ASP A C   1 
ATOM   629  O  O   . ASP A 1 76  ? 10.861  4.401   4.212   1.00 7.70  ? 636 ASP A O   1 
ATOM   630  C  CB  . ASP A 1 76  ? 8.521   2.931   5.971   1.00 8.88  ? 636 ASP A CB  1 
ATOM   631  C  CG  . ASP A 1 76  ? 7.454   3.258   6.996   1.00 10.17 ? 636 ASP A CG  1 
ATOM   632  O  OD1 . ASP A 1 76  ? 6.953   4.397   7.047   1.00 12.14 ? 636 ASP A OD1 1 
ATOM   633  O  OD2 . ASP A 1 76  ? 7.092   2.335   7.766   1.00 11.81 ? 636 ASP A OD2 1 
ATOM   634  N  N   . ASN A 1 77  ? 9.787   2.840   3.012   1.00 7.06  ? 637 ASN A N   1 
ATOM   635  C  CA  . ASN A 1 77  ? 10.918  2.679   2.122   1.00 6.92  ? 637 ASN A CA  1 
ATOM   636  C  C   . ASN A 1 77  ? 11.222  3.980   1.381   1.00 6.87  ? 637 ASN A C   1 
ATOM   637  O  O   . ASN A 1 77  ? 12.390  4.382   1.229   1.00 6.89  ? 637 ASN A O   1 
ATOM   638  C  CB  . ASN A 1 77  ? 10.639  1.615   1.073   1.00 7.32  ? 637 ASN A CB  1 
ATOM   639  C  CG  . ASN A 1 77  ? 10.602  0.200   1.635   1.00 7.48  ? 637 ASN A CG  1 
ATOM   640  O  OD1 . ASN A 1 77  ? 11.058  -0.071  2.745   1.00 8.00  ? 637 ASN A OD1 1 
ATOM   641  N  ND2 . ASN A 1 77  ? 10.099  -0.719  0.830   1.00 7.38  ? 637 ASN A ND2 1 
ATOM   642  N  N   . CYS A 1 78  ? 10.184  4.649   0.895   1.00 6.67  ? 638 CYS A N   1 
ATOM   643  C  CA  . CYS A 1 78  ? 10.370  5.860   0.109   1.00 6.74  ? 638 CYS A CA  1 
ATOM   644  C  C   . CYS A 1 78  ? 10.941  6.990   0.963   1.00 6.62  ? 638 CYS A C   1 
ATOM   645  O  O   . CYS A 1 78  ? 11.848  7.710   0.534   1.00 6.77  ? 638 CYS A O   1 
ATOM   646  C  CB  . CYS A 1 78  ? 9.046   6.232   -0.539  1.00 6.81  ? 638 CYS A CB  1 
ATOM   647  S  SG  . CYS A 1 78  ? 9.162   7.611   -1.688  1.00 7.03  ? 638 CYS A SG  1 
ATOM   648  N  N   . MET A 1 79  ? 10.435  7.137   2.179   1.00 7.04  ? 639 MET A N   1 
ATOM   649  C  CA  . MET A 1 79  ? 10.919  8.179   3.092   1.00 7.72  ? 639 MET A CA  1 
ATOM   650  C  C   . MET A 1 79  ? 12.321  7.872   3.606   1.00 8.10  ? 639 MET A C   1 
ATOM   651  O  O   . MET A 1 79  ? 13.068  8.814   3.928   1.00 9.26  ? 639 MET A O   1 
ATOM   652  C  CB  . MET A 1 79  ? 9.937   8.394   4.239   1.00 8.32  ? 639 MET A CB  1 
ATOM   653  C  CG  . MET A 1 79  ? 8.629   8.988   3.755   1.00 8.89  ? 639 MET A CG  1 
ATOM   654  S  SD  . MET A 1 79  ? 7.356   9.184   5.001   1.00 10.92 ? 639 MET A SD  1 
ATOM   655  C  CE  . MET A 1 79  ? 8.052   10.504  5.968   1.00 11.07 ? 639 MET A CE  1 
ATOM   656  N  N   . LYS A 1 80  ? 12.706  6.597   3.671   1.00 7.89  ? 640 LYS A N   1 
ATOM   657  C  CA  . LYS A 1 80  ? 14.066  6.235   4.058   1.00 8.49  ? 640 LYS A CA  1 
ATOM   658  C  C   . LYS A 1 80  ? 15.041  6.495   2.918   1.00 8.19  ? 640 LYS A C   1 
ATOM   659  O  O   . LYS A 1 80  ? 16.134  7.040   3.137   1.00 9.00  ? 640 LYS A O   1 
ATOM   660  C  CB  . LYS A 1 80  ? 14.124  4.760   4.461   1.00 9.12  ? 640 LYS A CB  1 
ATOM   661  C  CG  . LYS A 1 80  ? 15.509  4.293   4.871   1.00 10.27 ? 640 LYS A CG  1 
ATOM   662  C  CD  . LYS A 1 80  ? 15.496  2.832   5.299   1.00 11.67 ? 640 LYS A CD  1 
ATOM   663  C  CE  . LYS A 1 80  ? 16.878  2.377   5.739   1.00 13.04 ? 640 LYS A CE  1 
ATOM   664  N  NZ  . LYS A 1 80  ? 16.909  0.938   6.104   1.00 14.54 ? 640 LYS A NZ  1 
ATOM   665  N  N   . TYR A 1 81  ? 14.690  6.067   1.713   1.00 7.49  ? 641 TYR A N   1 
ATOM   666  C  CA  . TYR A 1 81  ? 15.629  6.093   0.609   1.00 7.29  ? 641 TYR A CA  1 
ATOM   667  C  C   . TYR A 1 81  ? 15.891  7.506   0.082   1.00 6.91  ? 641 TYR A C   1 
ATOM   668  O  O   . TYR A 1 81  ? 17.023  7.832   -0.307  1.00 7.55  ? 641 TYR A O   1 
ATOM   669  C  CB  . TYR A 1 81  ? 15.143  5.176   -0.540  1.00 7.34  ? 641 TYR A CB  1 
ATOM   670  C  CG  . TYR A 1 81  ? 16.111  5.202   -1.685  1.00 7.32  ? 641 TYR A CG  1 
ATOM   671  C  CD1 . TYR A 1 81  ? 17.310  4.494   -1.608  1.00 7.43  ? 641 TYR A CD1 1 
ATOM   672  C  CD2 . TYR A 1 81  ? 15.887  6.003   -2.802  1.00 7.25  ? 641 TYR A CD2 1 
ATOM   673  C  CE1 . TYR A 1 81  ? 18.256  4.582   -2.613  1.00 7.31  ? 641 TYR A CE1 1 
ATOM   674  C  CE2 . TYR A 1 81  ? 16.816  6.089   -3.812  1.00 7.27  ? 641 TYR A CE2 1 
ATOM   675  C  CZ  . TYR A 1 81  ? 18.007  5.369   -3.725  1.00 7.10  ? 641 TYR A CZ  1 
ATOM   676  O  OH  . TYR A 1 81  ? 18.939  5.513   -4.720  1.00 7.58  ? 641 TYR A OH  1 
ATOM   677  N  N   . ASN A 1 82  ? 14.841  8.325   0.006   1.00 6.71  ? 642 ASN A N   1 
ATOM   678  C  CA  . ASN A 1 82  ? 14.913  9.622   -0.640  1.00 6.76  ? 642 ASN A CA  1 
ATOM   679  C  C   . ASN A 1 82  ? 15.111  10.739  0.366   1.00 6.96  ? 642 ASN A C   1 
ATOM   680  O  O   . ASN A 1 82  ? 14.578  10.700  1.475   1.00 7.84  ? 642 ASN A O   1 
ATOM   681  C  CB  . ASN A 1 82  ? 13.624  9.869   -1.417  1.00 6.71  ? 642 ASN A CB  1 
ATOM   682  C  CG  . ASN A 1 82  ? 13.438  8.883   -2.535  1.00 6.64  ? 642 ASN A CG  1 
ATOM   683  O  OD1 . ASN A 1 82  ? 14.069  8.990   -3.581  1.00 7.19  ? 642 ASN A OD1 1 
ATOM   684  N  ND2 . ASN A 1 82  ? 12.612  7.879   -2.302  1.00 6.57  ? 642 ASN A ND2 1 
ATOM   685  N  N   . ALA A 1 83  ? 15.861  11.757  -0.044  1.00 7.28  ? 643 ALA A N   1 
ATOM   686  C  CA  . ALA A 1 83  ? 16.003  12.962  0.762   1.00 7.58  ? 643 ALA A CA  1 
ATOM   687  C  C   . ALA A 1 83  ? 14.658  13.668  0.916   1.00 7.52  ? 643 ALA A C   1 
ATOM   688  O  O   . ALA A 1 83  ? 13.778  13.568  0.060   1.00 7.20  ? 643 ALA A O   1 
ATOM   689  C  CB  . ALA A 1 83  ? 17.039  13.896  0.159   1.00 7.90  ? 643 ALA A CB  1 
ATOM   690  N  N   . ARG A 1 84  ? 14.510  14.405  2.007   1.00 7.85  ? 644 ARG A N   1 
ATOM   691  C  CA  . ARG A 1 84  ? 13.263  15.112  2.281   1.00 8.63  ? 644 ARG A CA  1 
ATOM   692  C  C   . ARG A 1 84  ? 12.842  16.047  1.150   1.00 8.18  ? 644 ARG A C   1 
ATOM   693  O  O   . ARG A 1 84  ? 11.665  16.092  0.782   1.00 8.44  ? 644 ARG A O   1 
ATOM   694  C  CB  . ARG A 1 84  ? 13.418  15.904  3.574   1.00 10.35 ? 644 ARG A CB  1 
ATOM   695  C  CG  . ARG A 1 84  ? 12.135  16.439  4.163   1.00 13.56 ? 644 ARG A CG  1 
ATOM   696  C  CD  . ARG A 1 84  ? 12.421  17.125  5.487   1.00 16.26 ? 644 ARG A CD  1 
ATOM   697  N  NE  . ARG A 1 84  ? 12.801  16.158  6.509   1.00 19.57 ? 644 ARG A NE  1 
ATOM   698  C  CZ  . ARG A 1 84  ? 11.953  15.484  7.292   1.00 21.70 ? 644 ARG A CZ  1 
ATOM   699  N  NH1 . ARG A 1 84  ? 10.631  15.635  7.181   1.00 23.25 ? 644 ARG A NH1 1 
ATOM   700  N  NH2 . ARG A 1 84  ? 12.437  14.634  8.191   1.00 23.72 ? 644 ARG A NH2 1 
ATOM   701  N  N   . ASP A 1 85  ? 13.802  16.773  0.588   1.00 7.97  ? 645 ASP A N   1 
ATOM   702  C  CA  . ASP A 1 85  ? 13.495  17.741  -0.462  1.00 7.91  ? 645 ASP A CA  1 
ATOM   703  C  C   . ASP A 1 85  ? 13.528  17.066  -1.836  1.00 7.54  ? 645 ASP A C   1 
ATOM   704  O  O   . ASP A 1 85  ? 14.348  17.409  -2.687  1.00 7.68  ? 645 ASP A O   1 
ATOM   705  C  CB  . ASP A 1 85  ? 14.471  18.921  -0.407  1.00 8.27  ? 645 ASP A CB  1 
ATOM   706  C  CG  . ASP A 1 85  ? 14.153  19.994  -1.437  1.00 8.44  ? 645 ASP A CG  1 
ATOM   707  O  OD1 . ASP A 1 85  ? 12.958  20.195  -1.751  1.00 8.87  ? 645 ASP A OD1 1 
ATOM   708  O  OD2 . ASP A 1 85  ? 15.103  20.641  -1.925  1.00 9.09  ? 645 ASP A OD2 1 
ATOM   709  N  N   . THR A 1 86  ? 12.623  16.108  -2.053  1.00 7.14  ? 646 THR A N   1 
ATOM   710  C  CA  . THR A 1 86  ? 12.491  15.440  -3.334  1.00 7.11  ? 646 THR A CA  1 
ATOM   711  C  C   . THR A 1 86  ? 11.034  15.189  -3.642  1.00 6.88  ? 646 THR A C   1 
ATOM   712  O  O   . THR A 1 86  ? 10.203  15.065  -2.741  1.00 6.95  ? 646 THR A O   1 
ATOM   713  C  CB  . THR A 1 86  ? 13.236  14.087  -3.399  1.00 7.08  ? 646 THR A CB  1 
ATOM   714  O  OG1 . THR A 1 86  ? 12.691  13.157  -2.447  1.00 7.22  ? 646 THR A OG1 1 
ATOM   715  C  CG2 . THR A 1 86  ? 14.718  14.263  -3.200  1.00 7.39  ? 646 THR A CG2 1 
ATOM   716  N  N   . VAL A 1 87  ? 10.741  15.052  -4.926  1.00 7.22  ? 647 VAL A N   1 
ATOM   717  C  CA  . VAL A 1 87  ? 9.393   14.702  -5.362  1.00 7.45  ? 647 VAL A CA  1 
ATOM   718  C  C   . VAL A 1 87  ? 8.948   13.372  -4.749  1.00 6.76  ? 647 VAL A C   1 
ATOM   719  O  O   . VAL A 1 87  ? 7.788   13.228  -4.340  1.00 6.79  ? 647 VAL A O   1 
ATOM   720  C  CB  . VAL A 1 87  ? 9.265   14.695  -6.914  1.00 8.29  ? 647 VAL A CB  1 
ATOM   721  C  CG1 . VAL A 1 87  ? 10.164  13.675  -7.599  1.00 9.44  ? 647 VAL A CG1 1 
ATOM   722  C  CG2 . VAL A 1 87  ? 7.823   14.488  -7.334  1.00 8.59  ? 647 VAL A CG2 1 
ATOM   723  N  N   . PHE A 1 88  ? 9.859   12.409  -4.667  1.00 6.70  ? 648 PHE A N   1 
ATOM   724  C  CA  . PHE A 1 88  ? 9.512   11.102  -4.118  1.00 6.65  ? 648 PHE A CA  1 
ATOM   725  C  C   . PHE A 1 88  ? 9.100   11.196  -2.661  1.00 6.49  ? 648 PHE A C   1 
ATOM   726  O  O   . PHE A 1 88  ? 8.061   10.670  -2.272  1.00 6.62  ? 648 PHE A O   1 
ATOM   727  C  CB  . PHE A 1 88  ? 10.697  10.148  -4.239  1.00 7.23  ? 648 PHE A CB  1 
ATOM   728  C  CG  . PHE A 1 88  ? 11.023  9.770   -5.650  1.00 7.97  ? 648 PHE A CG  1 
ATOM   729  C  CD1 . PHE A 1 88  ? 10.198  8.918   -6.351  1.00 8.99  ? 648 PHE A CD1 1 
ATOM   730  C  CD2 . PHE A 1 88  ? 12.172  10.247  -6.264  1.00 9.11  ? 648 PHE A CD2 1 
ATOM   731  C  CE1 . PHE A 1 88  ? 10.495  8.564   -7.653  1.00 10.10 ? 648 PHE A CE1 1 
ATOM   732  C  CE2 . PHE A 1 88  ? 12.473  9.902   -7.565  1.00 9.90  ? 648 PHE A CE2 1 
ATOM   733  C  CZ  . PHE A 1 88  ? 11.639  9.062   -8.262  1.00 10.44 ? 648 PHE A CZ  1 
ATOM   734  N  N   . TYR A 1 89  ? 9.900   11.881  -1.857  1.00 6.61  ? 649 TYR A N   1 
ATOM   735  C  CA  . TYR A 1 89  ? 9.586   11.983  -0.435  1.00 6.90  ? 649 TYR A CA  1 
ATOM   736  C  C   . TYR A 1 89  ? 8.254   12.720  -0.231  1.00 6.94  ? 649 TYR A C   1 
ATOM   737  O  O   . TYR A 1 89  ? 7.402   12.288  0.553   1.00 7.13  ? 649 TYR A O   1 
ATOM   738  C  CB  . TYR A 1 89  ? 10.720  12.680  0.292   1.00 7.12  ? 649 TYR A CB  1 
ATOM   739  C  CG  . TYR A 1 89  ? 10.648  12.654  1.797   1.00 7.81  ? 649 TYR A CG  1 
ATOM   740  C  CD1 . TYR A 1 89  ? 9.806   13.502  2.496   1.00 8.49  ? 649 TYR A CD1 1 
ATOM   741  C  CD2 . TYR A 1 89  ? 11.480  11.815  2.538   1.00 8.21  ? 649 TYR A CD2 1 
ATOM   742  C  CE1 . TYR A 1 89  ? 9.780   13.500  3.888   1.00 9.25  ? 649 TYR A CE1 1 
ATOM   743  C  CE2 . TYR A 1 89  ? 11.458  11.814  3.927   1.00 9.03  ? 649 TYR A CE2 1 
ATOM   744  C  CZ  . TYR A 1 89  ? 10.608  12.665  4.591   1.00 9.50  ? 649 TYR A CZ  1 
ATOM   745  O  OH  . TYR A 1 89  ? 10.568  12.690  5.978   1.00 11.70 ? 649 TYR A OH  1 
ATOM   746  N  N   . ARG A 1 90  ? 8.059   13.808  -0.964  1.00 6.99  ? 650 ARG A N   1 
ATOM   747  C  CA  . ARG A 1 90  ? 6.809   14.551  -0.860  1.00 7.54  ? 650 ARG A CA  1 
ATOM   748  C  C   . ARG A 1 90  ? 5.612   13.689  -1.256  1.00 7.17  ? 650 ARG A C   1 
ATOM   749  O  O   . ARG A 1 90  ? 4.553   13.758  -0.616  1.00 7.37  ? 650 ARG A O   1 
ATOM   750  C  CB  . ARG A 1 90  ? 6.859   15.819  -1.702  1.00 8.52  ? 650 ARG A CB  1 
ATOM   751  C  CG  . ARG A 1 90  ? 7.796   16.829  -1.093  1.00 10.11 ? 650 ARG A CG  1 
ATOM   752  C  CD  . ARG A 1 90  ? 7.612   18.249  -1.599  1.00 12.41 ? 650 ARG A CD  1 
ATOM   753  N  NE  . ARG A 1 90  ? 8.520   19.092  -0.830  1.00 14.23 ? 650 ARG A NE  1 
ATOM   754  C  CZ  . ARG A 1 90  ? 9.758   19.427  -1.182  1.00 14.33 ? 650 ARG A CZ  1 
ATOM   755  N  NH1 . ARG A 1 90  ? 10.253  19.155  -2.375  1.00 14.90 ? 650 ARG A NH1 1 
ATOM   756  N  NH2 . ARG A 1 90  ? 10.487  20.098  -0.337  1.00 11.99 ? 650 ARG A NH2 1 
ATOM   757  N  N   . ALA A 1 91  ? 5.767   12.889  -2.307  1.00 6.77  ? 651 ALA A N   1 
ATOM   758  C  CA  . ALA A 1 91  ? 4.689   12.016  -2.732  1.00 6.96  ? 651 ALA A CA  1 
ATOM   759  C  C   . ALA A 1 91  ? 4.390   10.960  -1.671  1.00 6.99  ? 651 ALA A C   1 
ATOM   760  O  O   . ALA A 1 91  ? 3.231   10.619  -1.448  1.00 6.87  ? 651 ALA A O   1 
ATOM   761  C  CB  . ALA A 1 91  ? 5.025   11.365  -4.058  1.00 7.03  ? 651 ALA A CB  1 
ATOM   762  N  N   . ALA A 1 92  ? 5.423   10.437  -1.016  1.00 6.94  ? 652 ALA A N   1 
ATOM   763  C  CA  . ALA A 1 92  ? 5.209   9.448   0.041   1.00 7.09  ? 652 ALA A CA  1 
ATOM   764  C  C   . ALA A 1 92  ? 4.481   10.061  1.229   1.00 7.23  ? 652 ALA A C   1 
ATOM   765  O  O   . ALA A 1 92  ? 3.585   9.422   1.811   1.00 7.77  ? 652 ALA A O   1 
ATOM   766  C  CB  . ALA A 1 92  ? 6.527   8.848   0.508   1.00 7.45  ? 652 ALA A CB  1 
ATOM   767  N  N   . VAL A 1 93  ? 4.832   11.288  1.608   1.00 7.61  ? 653 VAL A N   1 
ATOM   768  C  CA  . VAL A 1 93  ? 4.130   11.947  2.709   1.00 8.27  ? 653 VAL A CA  1 
ATOM   769  C  C   . VAL A 1 93  ? 2.657   12.158  2.367   1.00 8.00  ? 653 VAL A C   1 
ATOM   770  O  O   . VAL A 1 93  ? 1.760   11.899  3.199   1.00 8.34  ? 653 VAL A O   1 
ATOM   771  C  CB  . VAL A 1 93  ? 4.823   13.274  3.092   1.00 8.90  ? 653 VAL A CB  1 
ATOM   772  C  CG1 . VAL A 1 93  ? 3.955   14.109  4.030   1.00 9.69  ? 653 VAL A CG1 1 
ATOM   773  C  CG2 . VAL A 1 93  ? 6.185   12.997  3.722   1.00 9.55  ? 653 VAL A CG2 1 
ATOM   774  N  N   . ARG A 1 94  ? 2.387   12.611  1.153   1.00 7.93  ? 654 ARG A N   1 
ATOM   775  C  CA  . ARG A 1 94  ? 1.011   12.830  0.741   1.00 8.54  ? 654 ARG A CA  1 
ATOM   776  C  C   . ARG A 1 94  ? 0.226   11.520  0.717   1.00 8.02  ? 654 ARG A C   1 
ATOM   777  O  O   . ARG A 1 94  ? -0.946  11.490  1.130   1.00 8.32  ? 654 ARG A O   1 
ATOM   778  C  CB  . ARG A 1 94  ? 0.982   13.503  -0.618  1.00 9.82  ? 654 ARG A CB  1 
ATOM   779  C  CG  . ARG A 1 94  ? -0.381  13.980  -1.049  1.00 11.99 ? 654 ARG A CG  1 
ATOM   780  C  CD  . ARG A 1 94  ? -0.381  14.463  -2.492  1.00 14.39 ? 654 ARG A CD  1 
ATOM   781  N  NE  . ARG A 1 94  ? 0.837   15.207  -2.845  1.00 16.83 ? 654 ARG A NE  1 
ATOM   782  C  CZ  . ARG A 1 94  ? 1.819   14.815  -3.675  1.00 17.62 ? 654 ARG A CZ  1 
ATOM   783  N  NH1 . ARG A 1 94  ? 1.788   13.661  -4.364  1.00 17.27 ? 654 ARG A NH1 1 
ATOM   784  N  NH2 . ARG A 1 94  ? 2.865   15.620  -3.837  1.00 20.05 ? 654 ARG A NH2 1 
ATOM   785  N  N   . LEU A 1 95  ? 0.838   10.445  0.226   1.00 7.67  ? 655 LEU A N   1 
ATOM   786  C  CA  . LEU A 1 95  ? 0.163   9.153   0.191   1.00 7.92  ? 655 LEU A CA  1 
ATOM   787  C  C   . LEU A 1 95  ? -0.023  8.583   1.601   1.00 8.13  ? 655 LEU A C   1 
ATOM   788  O  O   . LEU A 1 95  ? -1.071  7.984   1.897   1.00 8.35  ? 655 LEU A O   1 
ATOM   789  C  CB  . LEU A 1 95  ? 0.928   8.185   -0.714  1.00 8.15  ? 655 LEU A CB  1 
ATOM   790  C  CG  . LEU A 1 95  ? 0.304   6.795   -0.847  1.00 8.56  ? 655 LEU A CG  1 
ATOM   791  C  CD1 . LEU A 1 95  ? -1.119  6.860   -1.398  1.00 8.98  ? 655 LEU A CD1 1 
ATOM   792  C  CD2 . LEU A 1 95  ? 1.180   5.908   -1.712  1.00 9.13  ? 655 LEU A CD2 1 
ATOM   793  N  N   . ARG A 1 96  ? 0.963   8.761   2.465   1.00 8.51  ? 656 ARG A N   1 
ATOM   794  C  CA  . ARG A 1 96  ? 0.798   8.373   3.851   1.00 9.17  ? 656 ARG A CA  1 
ATOM   795  C  C   . ARG A 1 96  ? -0.445  9.038   4.448   1.00 8.78  ? 656 ARG A C   1 
ATOM   796  O  O   . ARG A 1 96  ? -1.240  8.398   5.147   1.00 9.71  ? 656 ARG A O   1 
ATOM   797  C  CB  . ARG A 1 96  ? 2.024   8.781   4.642   1.00 10.10 ? 656 ARG A CB  1 
ATOM   798  C  CG  . ARG A 1 96  ? 2.004   8.306   6.081   1.00 11.38 ? 656 ARG A CG  1 
ATOM   799  C  CD  . ARG A 1 96  ? 3.054   9.020   6.887   1.00 12.90 ? 656 ARG A CD  1 
ATOM   800  N  NE  . ARG A 1 96  ? 2.722   10.438  6.944   1.00 14.54 ? 656 ARG A NE  1 
ATOM   801  C  CZ  . ARG A 1 96  ? 3.524   11.392  7.387   1.00 15.45 ? 656 ARG A CZ  1 
ATOM   802  N  NH1 . ARG A 1 96  ? 4.747   11.106  7.819   1.00 16.12 ? 656 ARG A NH1 1 
ATOM   803  N  NH2 . ARG A 1 96  ? 3.092   12.645  7.396   1.00 16.13 ? 656 ARG A NH2 1 
ATOM   804  N  N   . ASP A 1 97  ? -0.585  10.330  4.198   1.00 8.36  ? 657 ASP A N   1 
ATOM   805  C  CA  . ASP A 1 97  ? -1.705  11.078  4.740   1.00 8.91  ? 657 ASP A CA  1 
ATOM   806  C  C   . ASP A 1 97  ? -3.030  10.629  4.110   1.00 8.36  ? 657 ASP A C   1 
ATOM   807  O  O   . ASP A 1 97  ? -3.972  10.211  4.821   1.00 8.93  ? 657 ASP A O   1 
ATOM   808  C  CB  . ASP A 1 97  ? -1.447  12.576  4.534   1.00 10.10 ? 657 ASP A CB  1 
ATOM   809  C  CG  . ASP A 1 97  ? -0.248  13.084  5.341   1.00 12.16 ? 657 ASP A CG  1 
ATOM   810  O  OD1 . ASP A 1 97  ? 0.287   12.355  6.193   1.00 14.05 ? 657 ASP A OD1 1 
ATOM   811  O  OD2 . ASP A 1 97  ? 0.169   14.237  5.109   1.00 14.77 ? 657 ASP A OD2 1 
ATOM   812  N  N   . GLN A 1 98  ? -3.110  10.662  2.787   1.00 7.99  ? 658 GLN A N   1 
ATOM   813  C  CA  . GLN A 1 98  ? -4.378  10.366  2.119   1.00 8.23  ? 658 GLN A CA  1 
ATOM   814  C  C   . GLN A 1 98  ? -4.742  8.900   2.202   1.00 7.70  ? 658 GLN A C   1 
ATOM   815  O  O   . GLN A 1 98  ? -5.908  8.545   2.416   1.00 7.81  ? 658 GLN A O   1 
ATOM   816  C  CB  . GLN A 1 98  ? -4.327  10.828  0.659   1.00 8.80  ? 658 GLN A CB  1 
ATOM   817  C  CG  . GLN A 1 98  ? -4.164  12.336  0.547   1.00 9.95  ? 658 GLN A CG  1 
ATOM   818  C  CD  . GLN A 1 98  ? -4.035  12.857  -0.870  1.00 11.38 ? 658 GLN A CD  1 
ATOM   819  O  OE1 . GLN A 1 98  ? -3.691  12.129  -1.802  1.00 12.23 ? 658 GLN A OE1 1 
ATOM   820  N  NE2 . GLN A 1 98  ? -4.254  14.161  -1.033  1.00 14.03 ? 658 GLN A NE2 1 
ATOM   821  N  N   . GLY A 1 99  ? -3.751  8.035   2.038   1.00 7.58  ? 659 GLY A N   1 
ATOM   822  C  CA  . GLY A 1 99  ? -3.959  6.592   2.192   1.00 7.71  ? 659 GLY A CA  1 
ATOM   823  C  C   . GLY A 1 99  ? -4.285  6.198   3.620   1.00 7.83  ? 659 GLY A C   1 
ATOM   824  O  O   . GLY A 1 99  ? -5.066  5.268   3.856   1.00 8.19  ? 659 GLY A O   1 
ATOM   825  N  N   . GLY A 1 100 ? -3.719  6.915   4.583   1.00 7.87  ? 660 GLY A N   1 
ATOM   826  C  CA  . GLY A 1 100 ? -4.041  6.647   5.979   1.00 8.02  ? 660 GLY A CA  1 
ATOM   827  C  C   . GLY A 1 100 ? -5.522  6.852   6.260   1.00 7.80  ? 660 GLY A C   1 
ATOM   828  O  O   . GLY A 1 100 ? -6.129  6.071   6.998   1.00 7.71  ? 660 GLY A O   1 
ATOM   829  N  N   . VAL A 1 101 ? -6.122  7.879   5.659   1.00 7.89  ? 661 VAL A N   1 
ATOM   830  C  CA  . VAL A 1 101 ? -7.555  8.119   5.841   1.00 8.09  ? 661 VAL A CA  1 
ATOM   831  C  C   . VAL A 1 101 ? -8.343  6.902   5.340   1.00 7.53  ? 661 VAL A C   1 
ATOM   832  O  O   . VAL A 1 101 ? -9.289  6.425   6.002   1.00 8.05  ? 661 VAL A O   1 
ATOM   833  C  CB  . VAL A 1 101 ? -7.991  9.392   5.087   1.00 8.70  ? 661 VAL A CB  1 
ATOM   834  C  CG1 . VAL A 1 101 ? -9.502  9.560   5.128   1.00 9.32  ? 661 VAL A CG1 1 
ATOM   835  C  CG2 . VAL A 1 101 ? -7.328  10.635  5.660   1.00 8.91  ? 661 VAL A CG2 1 
ATOM   836  N  N   . VAL A 1 102 ? -7.965  6.393   4.162   1.00 7.62  ? 662 VAL A N   1 
ATOM   837  C  CA  . VAL A 1 102 ? -8.625  5.238   3.565   1.00 7.88  ? 662 VAL A CA  1 
ATOM   838  C  C   . VAL A 1 102 ? -8.532  4.019   4.478   1.00 7.74  ? 662 VAL A C   1 
ATOM   839  O  O   . VAL A 1 102 ? -9.531  3.330   4.723   1.00 7.96  ? 662 VAL A O   1 
ATOM   840  C  CB  . VAL A 1 102 ? -8.019  4.932   2.180   1.00 8.52  ? 662 VAL A CB  1 
ATOM   841  C  CG1 . VAL A 1 102 ? -8.511  3.604   1.637   1.00 9.11  ? 662 VAL A CG1 1 
ATOM   842  C  CG2 . VAL A 1 102 ? -8.345  6.054   1.192   1.00 8.85  ? 662 VAL A CG2 1 
ATOM   843  N  N   . LEU A 1 103 ? -7.330  3.738   4.944   1.00 7.45  ? 663 LEU A N   1 
ATOM   844  C  CA  . LEU A 1 103 ? -7.113  2.560   5.775   1.00 7.49  ? 663 LEU A CA  1 
ATOM   845  C  C   . LEU A 1 103 ? -7.822  2.655   7.120   1.00 7.37  ? 663 LEU A C   1 
ATOM   846  O  O   . LEU A 1 103 ? -8.385  1.677   7.614   1.00 8.13  ? 663 LEU A O   1 
ATOM   847  C  CB  . LEU A 1 103 ? -5.621  2.312   5.986   1.00 8.26  ? 663 LEU A CB  1 
ATOM   848  C  CG  . LEU A 1 103 ? -4.916  1.803   4.730   1.00 9.43  ? 663 LEU A CG  1 
ATOM   849  C  CD1 . LEU A 1 103 ? -3.415  1.992   4.769   1.00 10.54 ? 663 LEU A CD1 1 
ATOM   850  C  CD2 . LEU A 1 103 ? -5.235  0.346   4.496   1.00 10.13 ? 663 LEU A CD2 1 
ATOM   851  N  N   . ARG A 1 104 ? -7.802  3.838   7.729   1.00 7.21  ? 664 ARG A N   1 
ATOM   852  C  CA  . ARG A 1 104 ? -8.496  4.020   9.006   1.00 7.72  ? 664 ARG A CA  1 
ATOM   853  C  C   . ARG A 1 104 ? -9.997  3.837   8.834   1.00 8.22  ? 664 ARG A C   1 
ATOM   854  O  O   . ARG A 1 104 ? -10.656 3.223   9.698   1.00 8.52  ? 664 ARG A O   1 
ATOM   855  C  CB  . ARG A 1 104 ? -8.176  5.369   9.638   1.00 7.89  ? 664 ARG A CB  1 
ATOM   856  C  CG  . ARG A 1 104 ? -6.748  5.448   10.135  1.00 8.33  ? 664 ARG A CG  1 
ATOM   857  C  CD  . ARG A 1 104 ? -6.467  6.752   10.848  1.00 8.72  ? 664 ARG A CD  1 
ATOM   858  N  NE  . ARG A 1 104 ? -6.494  7.945   10.009  1.00 8.94  ? 664 ARG A NE  1 
ATOM   859  C  CZ  . ARG A 1 104 ? -5.440  8.481   9.406   1.00 9.51  ? 664 ARG A CZ  1 
ATOM   860  N  NH1 . ARG A 1 104 ? -4.250  7.881   9.431   1.00 9.71  ? 664 ARG A NH1 1 
ATOM   861  N  NH2 . ARG A 1 104 ? -5.591  9.618   8.749   1.00 10.35 ? 664 ARG A NH2 1 
ATOM   862  N  N   . GLN A 1 105 ? -10.548 4.337   7.737   1.00 8.45  ? 665 GLN A N   1 
ATOM   863  C  CA  . GLN A 1 105 ? -11.968 4.165   7.460   1.00 9.69  ? 665 GLN A CA  1 
ATOM   864  C  C   . GLN A 1 105 ? -12.324 2.691   7.285   1.00 9.05  ? 665 GLN A C   1 
ATOM   865  O  O   . GLN A 1 105 ? -13.334 2.219   7.828   1.00 9.29  ? 665 GLN A O   1 
ATOM   866  C  CB  . GLN A 1 105 ? -12.363 4.969   6.213   1.00 11.38 ? 665 GLN A CB  1 
ATOM   867  C  CG  . GLN A 1 105 ? -13.846 4.859   5.849   1.00 14.03 ? 665 GLN A CG  1 
ATOM   868  C  CD  . GLN A 1 105 ? -14.296 5.771   4.721   1.00 17.82 ? 665 GLN A CD  1 
ATOM   869  O  OE1 . GLN A 1 105 ? -13.788 6.876   4.559   1.00 21.70 ? 665 GLN A OE1 1 
ATOM   870  N  NE2 . GLN A 1 105 ? -15.272 5.312   3.945   1.00 20.33 ? 665 GLN A NE2 1 
ATOM   871  N  N   . ALA A 1 106 ? -11.499 1.957   6.549   1.00 8.53  ? 666 ALA A N   1 
ATOM   872  C  CA  . ALA A 1 106 ? -11.772 0.537   6.355   1.00 8.76  ? 666 ALA A CA  1 
ATOM   873  C  C   . ALA A 1 106 ? -11.759 -0.218  7.691   1.00 8.77  ? 666 ALA A C   1 
ATOM   874  O  O   . ALA A 1 106 ? -12.648 -1.043  7.964   1.00 9.05  ? 666 ALA A O   1 
ATOM   875  C  CB  . ALA A 1 106 ? -10.771 -0.071  5.371   1.00 9.00  ? 666 ALA A CB  1 
ATOM   876  N  N   A ARG A 1 107 ? -10.761 0.063   8.524   0.50 8.66  ? 667 ARG A N   1 
ATOM   877  N  N   B ARG A 1 107 ? -10.761 0.058   8.525   0.50 8.68  ? 667 ARG A N   1 
ATOM   878  C  CA  A ARG A 1 107 ? -10.652 -0.589  9.825   0.50 9.27  ? 667 ARG A CA  1 
ATOM   879  C  CA  B ARG A 1 107 ? -10.672 -0.599  9.823   0.50 9.30  ? 667 ARG A CA  1 
ATOM   880  C  C   A ARG A 1 107 ? -11.868 -0.316  10.710  0.50 9.02  ? 667 ARG A C   1 
ATOM   881  C  C   B ARG A 1 107 ? -11.894 -0.319  10.695  0.50 9.02  ? 667 ARG A C   1 
ATOM   882  O  O   A ARG A 1 107 ? -12.407 -1.241  11.340  0.50 9.27  ? 667 ARG A O   1 
ATOM   883  O  O   B ARG A 1 107 ? -12.471 -1.242  11.294  0.50 9.22  ? 667 ARG A O   1 
ATOM   884  C  CB  A ARG A 1 107 ? -9.364  -0.152  10.524  0.50 10.15 ? 667 ARG A CB  1 
ATOM   885  C  CB  B ARG A 1 107 ? -9.391  -0.183  10.541  0.50 10.24 ? 667 ARG A CB  1 
ATOM   886  C  CG  A ARG A 1 107 ? -9.075  -0.844  11.850  0.50 11.40 ? 667 ARG A CG  1 
ATOM   887  C  CG  B ARG A 1 107 ? -9.295  -0.667  11.980  0.50 11.51 ? 667 ARG A CG  1 
ATOM   888  C  CD  A ARG A 1 107 ? -7.733  -0.396  12.418  0.50 12.55 ? 667 ARG A CD  1 
ATOM   889  C  CD  B ARG A 1 107 ? -7.850  -0.723  12.452  0.50 12.57 ? 667 ARG A CD  1 
ATOM   890  N  NE  A ARG A 1 107 ? -7.460  -0.981  13.730  0.50 13.57 ? 667 ARG A NE  1 
ATOM   891  N  NE  B ARG A 1 107 ? -7.054  -1.682  11.693  0.50 13.49 ? 667 ARG A NE  1 
ATOM   892  C  CZ  A ARG A 1 107 ? -6.303  -0.866  14.376  0.50 14.12 ? 667 ARG A CZ  1 
ATOM   893  C  CZ  B ARG A 1 107 ? -7.013  -2.983  11.947  0.50 14.10 ? 667 ARG A CZ  1 
ATOM   894  N  NH1 A ARG A 1 107 ? -5.297  -0.197  13.828  0.50 14.61 ? 667 ARG A NH1 1 
ATOM   895  N  NH1 B ARG A 1 107 ? -7.718  -3.482  12.952  0.50 14.59 ? 667 ARG A NH1 1 
ATOM   896  N  NH2 A ARG A 1 107 ? -6.144  -1.432  15.567  0.50 14.54 ? 667 ARG A NH2 1 
ATOM   897  N  NH2 B ARG A 1 107 ? -6.266  -3.790  11.203  0.50 14.20 ? 667 ARG A NH2 1 
ATOM   898  N  N   . ARG A 1 108 ? -12.305 0.941   10.740  1.00 8.83  ? 668 ARG A N   1 
ATOM   899  C  CA  . ARG A 1 108 ? -13.469 1.306   11.533  1.00 9.23  ? 668 ARG A CA  1 
ATOM   900  C  C   . ARG A 1 108 ? -14.758 0.689   10.998  1.00 9.65  ? 668 ARG A C   1 
ATOM   901  O  O   . ARG A 1 108 ? -15.618 0.262   11.787  1.00 10.45 ? 668 ARG A O   1 
ATOM   902  C  CB  . ARG A 1 108 ? -13.617 2.814   11.641  1.00 9.07  ? 668 ARG A CB  1 
ATOM   903  C  CG  . ARG A 1 108 ? -12.519 3.453   12.462  1.00 8.76  ? 668 ARG A CG  1 
ATOM   904  C  CD  . ARG A 1 108 ? -12.862 4.842   12.924  1.00 8.38  ? 668 ARG A CD  1 
ATOM   905  N  NE  . ARG A 1 108 ? -14.089 4.819   13.730  1.00 8.31  ? 668 ARG A NE  1 
ATOM   906  C  CZ  . ARG A 1 108 ? -14.848 5.874   14.016  1.00 8.09  ? 668 ARG A CZ  1 
ATOM   907  N  NH1 . ARG A 1 108 ? -14.498 7.107   13.667  1.00 8.27  ? 668 ARG A NH1 1 
ATOM   908  N  NH2 . ARG A 1 108 ? -15.974 5.676   14.689  1.00 8.32  ? 668 ARG A NH2 1 
ATOM   909  N  N   . GLU A 1 109 ? -14.890 0.588   9.677   1.00 10.14 ? 669 GLU A N   1 
ATOM   910  C  CA  . GLU A 1 109 ? -16.083 -0.039  9.094   1.00 11.64 ? 669 GLU A CA  1 
ATOM   911  C  C   . GLU A 1 109 ? -16.148 -1.518  9.449   1.00 11.26 ? 669 GLU A C   1 
ATOM   912  O  O   . GLU A 1 109 ? -17.213 -2.018  9.857   1.00 11.36 ? 669 GLU A O   1 
ATOM   913  C  CB  . GLU A 1 109 ? -16.115 0.166   7.581   1.00 13.46 ? 669 GLU A CB  1 
ATOM   914  C  CG  . GLU A 1 109 ? -17.460 -0.166  6.944   1.00 16.59 ? 669 GLU A CG  1 
ATOM   915  C  CD  . GLU A 1 109 ? -17.515 0.080   5.441   1.00 19.49 ? 669 GLU A CD  1 
ATOM   916  O  OE1 . GLU A 1 109 ? -16.563 0.652   4.872   1.00 23.19 ? 669 GLU A OE1 1 
ATOM   917  O  OE2 . GLU A 1 109 ? -18.535 -0.300  4.815   1.00 23.10 ? 669 GLU A OE2 1 
ATOM   918  N  N   . VAL A 1 110 ? -15.028 -2.218  9.344   1.00 10.82 ? 670 VAL A N   1 
ATOM   919  C  CA  . VAL A 1 110 ? -14.993 -3.626  9.741   1.00 11.90 ? 670 VAL A CA  1 
ATOM   920  C  C   . VAL A 1 110 ? -15.369 -3.776  11.215  1.00 11.92 ? 670 VAL A C   1 
ATOM   921  O  O   . VAL A 1 110 ? -16.172 -4.652  11.574  1.00 12.58 ? 670 VAL A O   1 
ATOM   922  C  CB  . VAL A 1 110 ? -13.615 -4.267  9.465   1.00 12.35 ? 670 VAL A CB  1 
ATOM   923  C  CG1 . VAL A 1 110 ? -13.507 -5.665  10.077  1.00 13.36 ? 670 VAL A CG1 1 
ATOM   924  C  CG2 . VAL A 1 110 ? -13.338 -4.339  7.964   1.00 12.34 ? 670 VAL A CG2 1 
ATOM   925  N  N   . ASP A 1 111 ? -14.826 -2.916  12.069  1.00 11.81 ? 671 ASP A N   1 
ATOM   926  C  CA  . ASP A 1 111 ? -15.151 -2.982  13.500  1.00 12.40 ? 671 ASP A CA  1 
ATOM   927  C  C   . ASP A 1 111 ? -16.601 -2.642  13.805  1.00 12.80 ? 671 ASP A C   1 
ATOM   928  O  O   . ASP A 1 111 ? -17.186 -3.233  14.722  1.00 14.45 ? 671 ASP A O   1 
ATOM   929  C  CB  . ASP A 1 111 ? -14.232 -2.067  14.309  1.00 12.41 ? 671 ASP A CB  1 
ATOM   930  C  CG  . ASP A 1 111 ? -12.818 -2.606  14.426  1.00 13.14 ? 671 ASP A CG  1 
ATOM   931  O  OD1 . ASP A 1 111 ? -12.583 -3.797  14.125  1.00 15.28 ? 671 ASP A OD1 1 
ATOM   932  O  OD2 . ASP A 1 111 ? -11.940 -1.845  14.862  1.00 13.52 ? 671 ASP A OD2 1 
ATOM   933  N  N   . SER A 1 112 ? -17.181 -1.715  13.054  1.00 13.21 ? 672 SER A N   1 
ATOM   934  C  CA  . SER A 1 112 ? -18.551 -1.237  13.300  1.00 14.25 ? 672 SER A CA  1 
ATOM   935  C  C   . SER A 1 112 ? -19.625 -2.204  12.801  1.00 14.58 ? 672 SER A C   1 
ATOM   936  O  O   . SER A 1 112 ? -20.591 -2.491  13.537  1.00 15.38 ? 672 SER A O   1 
ATOM   937  C  CB  . SER A 1 112 ? -18.756 0.132   12.661  1.00 14.93 ? 672 SER A CB  1 
ATOM   938  O  OG  . SER A 1 112 ? -20.108 0.534   12.738  1.00 17.23 ? 672 SER A OG  1 
ATOM   939  N  N   . ILE A 1 113 ? -19.472 -2.711  11.575  1.00 14.79 ? 673 ILE A N   1 
ATOM   940  C  CA  . ILE A 1 113 ? -20.508 -3.555  10.955  1.00 15.78 ? 673 ILE A CA  1 
ATOM   941  C  C   . ILE A 1 113 ? -20.074 -4.977  10.603  1.00 16.21 ? 673 ILE A C   1 
ATOM   942  O  O   . ILE A 1 113 ? -20.913 -5.762  10.146  1.00 17.07 ? 673 ILE A O   1 
ATOM   943  C  CB  . ILE A 1 113 ? -21.173 -2.851  9.735   1.00 16.60 ? 673 ILE A CB  1 
ATOM   944  C  CG1 . ILE A 1 113 ? -20.164 -2.521  8.618   1.00 16.70 ? 673 ILE A CG1 1 
ATOM   945  C  CG2 . ILE A 1 113 ? -21.882 -1.586  10.202  1.00 17.54 ? 673 ILE A CG2 1 
ATOM   946  C  CD1 . ILE A 1 113 ? -20.783 -1.926  7.364   1.00 16.73 ? 673 ILE A CD1 1 
ATOM   947  N  N   . GLY A 1 114 ? -18.815 -5.337  10.854  1.00 16.17 ? 674 GLY A N   1 
ATOM   948  C  CA  . GLY A 1 114 ? -18.293 -6.659  10.516  1.00 16.28 ? 674 GLY A CA  1 
ATOM   949  C  C   . GLY A 1 114 ? -17.745 -6.715  9.104   1.00 16.21 ? 674 GLY A C   1 
ATOM   950  O  O   . GLY A 1 114 ? -18.117 -5.919  8.245   1.00 15.95 ? 674 GLY A O   1 
ATOM   951  N  N   . LEU A 1 115 ? -16.873 -7.682  8.880   1.00 16.63 ? 675 LEU A N   1 
ATOM   952  C  CA  . LEU A 1 115 ? -16.154 -7.798  7.623   1.00 17.39 ? 675 LEU A CA  1 
ATOM   953  C  C   . LEU A 1 115 ? -17.076 -8.058  6.438   1.00 18.44 ? 675 LEU A C   1 
ATOM   954  O  O   . LEU A 1 115 ? -16.923 -7.433  5.383   1.00 18.03 ? 675 LEU A O   1 
ATOM   955  C  CB  . LEU A 1 115 ? -15.114 -8.907  7.727   1.00 17.69 ? 675 LEU A CB  1 
ATOM   956  C  CG  . LEU A 1 115 ? -14.211 -9.104  6.514   1.00 18.28 ? 675 LEU A CG  1 
ATOM   957  C  CD1 . LEU A 1 115 ? -13.472 -7.829  6.134   1.00 18.38 ? 675 LEU A CD1 1 
ATOM   958  C  CD2 . LEU A 1 115 ? -13.235 -10.231 6.804   1.00 19.08 ? 675 LEU A CD2 1 
ATOM   959  N  N   . GLU A 1 116 ? -18.021 -8.984  6.608   1.00 20.01 ? 676 GLU A N   1 
ATOM   960  C  CA  . GLU A 1 116 ? -18.970 -9.331  5.540   1.00 21.69 ? 676 GLU A CA  1 
ATOM   961  C  C   . GLU A 1 116 ? -19.721 -8.107  5.028   1.00 21.37 ? 676 GLU A C   1 
ATOM   962  O  O   . GLU A 1 116 ? -19.763 -7.840  3.823   1.00 21.61 ? 676 GLU A O   1 
ATOM   963  C  CB  . GLU A 1 116 ? -19.972 -10.387 6.021   1.00 24.30 ? 676 GLU A CB  1 
ATOM   964  C  CG  . GLU A 1 116 ? -19.390 -11.787 6.130   1.00 26.69 ? 676 GLU A CG  1 
ATOM   965  C  CD  . GLU A 1 116 ? -20.449 -12.851 6.372   1.00 28.97 ? 676 GLU A CD  1 
ATOM   966  O  OE1 . GLU A 1 116 ? -21.467 -12.867 5.642   1.00 30.92 ? 676 GLU A OE1 1 
ATOM   967  O  OE2 . GLU A 1 116 ? -20.259 -13.684 7.287   1.00 31.27 ? 676 GLU A OE2 1 
ATOM   968  N  N   . GLU A 1 117 ? -20.258 -7.339  5.966   1.00 21.06 ? 677 GLU A N   1 
ATOM   969  C  CA  . GLU A 1 117 ? -21.068 -6.176  5.647   1.00 21.25 ? 677 GLU A CA  1 
ATOM   970  C  C   . GLU A 1 117 ? -20.190 -5.042  5.103   1.00 20.01 ? 677 GLU A C   1 
ATOM   971  O  O   . GLU A 1 117 ? -20.572 -4.360  4.149   1.00 20.37 ? 677 GLU A O   1 
ATOM   972  C  CB  . GLU A 1 117 ? -21.855 -5.730  6.887   1.00 22.57 ? 677 GLU A CB  1 
ATOM   973  C  CG  . GLU A 1 117 ? -22.865 -6.762  7.414   1.00 24.27 ? 677 GLU A CG  1 
ATOM   974  C  CD  . GLU A 1 117 ? -22.267 -7.947  8.187   1.00 26.11 ? 677 GLU A CD  1 
ATOM   975  O  OE1 . GLU A 1 117 ? -21.045 -7.950  8.505   1.00 25.54 ? 677 GLU A OE1 1 
ATOM   976  O  OE2 . GLU A 1 117 ? -23.030 -8.902  8.475   1.00 28.90 ? 677 GLU A OE2 1 
ATOM   977  N  N   . ALA A 1 118 ? -19.006 -4.863  5.694   1.00 18.84 ? 678 ALA A N   1 
ATOM   978  C  CA  . ALA A 1 118 ? -18.045 -3.841  5.247   1.00 18.97 ? 678 ALA A CA  1 
ATOM   979  C  C   . ALA A 1 118 ? -17.526 -4.091  3.829   1.00 19.25 ? 678 ALA A C   1 
ATOM   980  O  O   . ALA A 1 118 ? -17.298 -3.142  3.071   1.00 19.66 ? 678 ALA A O   1 
ATOM   981  C  CB  . ALA A 1 118 ? -16.869 -3.758  6.213   1.00 18.71 ? 678 ALA A CB  1 
ATOM   982  N  N   . SER A 1 119 ? -17.337 -5.364  3.484   1.00 19.38 ? 679 SER A N   1 
ATOM   983  C  CA  . SER A 1 119 ? -16.846 -5.742  2.153   1.00 20.65 ? 679 SER A CA  1 
ATOM   984  C  C   . SER A 1 119 ? -17.899 -5.503  1.071   1.00 22.77 ? 679 SER A C   1 
ATOM   985  O  O   . SER A 1 119 ? -17.551 -5.210  -0.076  1.00 23.64 ? 679 SER A O   1 
ATOM   986  C  CB  . SER A 1 119 ? -16.403 -7.207  2.126   1.00 20.02 ? 679 SER A CB  1 
ATOM   987  O  OG  . SER A 1 119 ? -17.512 -8.090  2.158   1.00 19.91 ? 679 SER A OG  1 
ATOM   988  N  N   . GLY A 1 120 ? -19.175 -5.667  1.430   1.00 24.63 ? 680 GLY A N   1 
ATOM   989  C  CA  . GLY A 1 120 ? -20.288 -5.362  0.533   1.00 25.99 ? 680 GLY A CA  1 
ATOM   990  C  C   . GLY A 1 120 ? -20.503 -3.867  0.411   1.00 27.87 ? 680 GLY A C   1 
ATOM   991  O  O   . GLY A 1 120 ? -20.289 -3.120  1.371   1.00 30.99 ? 680 GLY A O   1 
HETATM 992  C  C1  . EDO B 2 .   ? -6.102  14.012  4.009   1.00 27.94 ? 701 EDO A C1  1 
HETATM 993  O  O1  . EDO B 2 .   ? -4.853  13.353  3.782   1.00 27.49 ? 701 EDO A O1  1 
HETATM 994  C  C2  . EDO B 2 .   ? -6.932  14.040  2.731   1.00 28.06 ? 701 EDO A C2  1 
HETATM 995  O  O2  . EDO B 2 .   ? -7.580  12.780  2.506   1.00 26.96 ? 701 EDO A O2  1 
HETATM 996  C  C1  . EDO C 2 .   ? -9.362  14.091  5.776   1.00 40.52 ? 702 EDO A C1  1 
HETATM 997  O  O1  . EDO C 2 .   ? -8.662  15.202  5.215   1.00 42.24 ? 702 EDO A O1  1 
HETATM 998  C  C2  . EDO C 2 .   ? -10.371 13.544  4.774   1.00 39.88 ? 702 EDO A C2  1 
HETATM 999  O  O2  . EDO C 2 .   ? -11.321 12.702  5.437   1.00 38.83 ? 702 EDO A O2  1 
HETATM 1000 C  C1  . EDO D 2 .   ? -1.166  3.083   7.615   1.00 29.29 ? 703 EDO A C1  1 
HETATM 1001 O  O1  . EDO D 2 .   ? -0.471  2.489   8.716   1.00 29.28 ? 703 EDO A O1  1 
HETATM 1002 C  C2  . EDO D 2 .   ? -2.163  4.104   8.123   1.00 29.46 ? 703 EDO A C2  1 
HETATM 1003 O  O2  . EDO D 2 .   ? -3.268  3.454   8.765   1.00 30.84 ? 703 EDO A O2  1 
HETATM 1004 C  C1  . EDO E 2 .   ? 18.991  21.669  -6.621  1.00 37.56 ? 704 EDO A C1  1 
HETATM 1005 O  O1  . EDO E 2 .   ? 18.919  21.184  -5.273  1.00 36.13 ? 704 EDO A O1  1 
HETATM 1006 C  C2  . EDO E 2 .   ? 20.297  22.416  -6.845  1.00 38.50 ? 704 EDO A C2  1 
HETATM 1007 O  O2  . EDO E 2 .   ? 21.262  21.516  -7.400  1.00 38.96 ? 704 EDO A O2  1 
HETATM 1008 C  CAZ . 5XE F 3 .   ? 10.397  4.982   -14.027 1.00 12.60 ? 705 5XE A CAZ 1 
HETATM 1009 C  CAT . 5XE F 3 .   ? 10.856  6.232   -13.528 1.00 11.87 ? 705 5XE A CAT 1 
HETATM 1010 C  CAU . 5XE F 3 .   ? 10.233  7.413   -13.971 1.00 11.68 ? 705 5XE A CAU 1 
HETATM 1011 C  CAV . 5XE F 3 .   ? 10.629  8.673   -13.505 1.00 11.93 ? 705 5XE A CAV 1 
HETATM 1012 BR BR  . 5XE F 3 .   ? 9.802   10.205  -14.127 1.00 13.56 ? 705 5XE A BR  1 
HETATM 1013 C  CAW . 5XE F 3 .   ? 11.666  8.749   -12.578 1.00 12.03 ? 705 5XE A CAW 1 
HETATM 1014 C  CAX . 5XE F 3 .   ? 12.304  7.595   -12.135 1.00 11.96 ? 705 5XE A CAX 1 
HETATM 1015 C  CAR . 5XE F 3 .   ? 11.920  6.337   -12.598 1.00 12.17 ? 705 5XE A CAR 1 
HETATM 1016 S  SAA . 5XE F 3 .   ? 12.791  4.971   -11.957 1.00 12.58 ? 705 5XE A SAA 1 
HETATM 1017 O  OAC . 5XE F 3 .   ? 13.153  4.089   -13.118 1.00 13.39 ? 705 5XE A OAC 1 
HETATM 1018 O  OAD . 5XE F 3 .   ? 13.990  5.439   -11.196 1.00 13.34 ? 705 5XE A OAD 1 
HETATM 1019 N  NAB . 5XE F 3 .   ? 11.782  4.190   -10.973 1.00 11.62 ? 705 5XE A NAB 1 
HETATM 1020 C  CAE . 5XE F 3 .   ? 11.369  4.574   -9.708  1.00 10.16 ? 705 5XE A CAE 1 
HETATM 1021 C  CAF . 5XE F 3 .   ? 12.185  5.021   -8.642  1.00 9.76  ? 705 5XE A CAF 1 
HETATM 1022 C  CAG . 5XE F 3 .   ? 11.641  5.290   -7.420  1.00 8.75  ? 705 5XE A CAG 1 
HETATM 1023 N  NAL . 5XE F 3 .   ? 12.201  5.701   -6.253  1.00 8.47  ? 705 5XE A NAL 1 
HETATM 1024 C  CAP . 5XE F 3 .   ? 13.628  6.040   -6.029  1.00 9.15  ? 705 5XE A CAP 1 
HETATM 1025 C  CAM . 5XE F 3 .   ? 11.234  5.737   -5.324  1.00 8.17  ? 705 5XE A CAM 1 
HETATM 1026 O  OAO . 5XE F 3 .   ? 11.373  6.015   -4.120  1.00 8.49  ? 705 5XE A OAO 1 
HETATM 1027 N  NAN . 5XE F 3 .   ? 10.073  5.396   -5.893  1.00 8.11  ? 705 5XE A NAN 1 
HETATM 1028 C  CAQ . 5XE F 3 .   ? 8.789   5.274   -5.183  1.00 8.31  ? 705 5XE A CAQ 1 
HETATM 1029 C  CAH . 5XE F 3 .   ? 10.303  5.096   -7.187  1.00 8.50  ? 705 5XE A CAH 1 
HETATM 1030 C  CAI . 5XE F 3 .   ? 9.470   4.648   -8.159  1.00 9.09  ? 705 5XE A CAI 1 
HETATM 1031 C  CAJ . 5XE F 3 .   ? 9.993   4.367   -9.433  1.00 10.07 ? 705 5XE A CAJ 1 
HETATM 1032 O  OAK . 5XE F 3 .   ? 9.231   3.934   -10.504 1.00 11.68 ? 705 5XE A OAK 1 
HETATM 1033 C  CAS . 5XE F 3 .   ? 7.916   3.442   -10.277 1.00 11.73 ? 705 5XE A CAS 1 
HETATM 1034 NI NI  . NI  G 4 .   ? 13.087  -7.708  9.119   0.50 93.20 ? 706 NI  A NI  1 
HETATM 1035 P  P   . PO4 H 5 .   ? -17.808 -19.065 -2.101  1.00 23.53 ? 707 PO4 A P   1 
HETATM 1036 O  O1  . PO4 H 5 .   ? -16.978 -17.798 -2.193  1.00 23.86 ? 707 PO4 A O1  1 
HETATM 1037 O  O2  . PO4 H 5 .   ? -18.773 -19.159 -3.260  1.00 25.15 ? 707 PO4 A O2  1 
HETATM 1038 O  O3  . PO4 H 5 .   ? -18.586 -19.009 -0.803  1.00 23.92 ? 707 PO4 A O3  1 
HETATM 1039 O  O4  . PO4 H 5 .   ? -16.902 -20.264 -2.071  1.00 23.31 ? 707 PO4 A O4  1 
HETATM 1040 O  O   . HOH I 6 .   ? -9.424  -2.822  -9.859  1.00 18.28 ? 801 HOH A O   1 
HETATM 1041 O  O   . HOH I 6 .   ? 11.672  18.731  -3.885  1.00 14.75 ? 802 HOH A O   1 
HETATM 1042 O  O   . HOH I 6 .   ? -7.650  -6.909  -7.888  1.00 20.07 ? 803 HOH A O   1 
HETATM 1043 O  O   . HOH I 6 .   ? -11.129 -1.980  -6.899  0.50 20.96 ? 804 HOH A O   1 
HETATM 1044 O  O   . HOH I 6 .   ? -1.517  0.139   -11.760 1.00 32.39 ? 805 HOH A O   1 
HETATM 1045 O  O   . HOH I 6 .   ? 3.343   2.632   -14.345 1.00 30.80 ? 806 HOH A O   1 
HETATM 1046 O  O   . HOH I 6 .   ? 10.933  3.849   -2.276  1.00 7.83  ? 807 HOH A O   1 
HETATM 1047 O  O   . HOH I 6 .   ? -11.458 3.206   -7.622  1.00 11.59 ? 808 HOH A O   1 
HETATM 1048 O  O   . HOH I 6 .   ? -5.957  -12.888 1.587   1.00 15.04 ? 809 HOH A O   1 
HETATM 1049 O  O   . HOH I 6 .   ? 8.618   13.863  7.306   1.00 30.88 ? 810 HOH A O   1 
HETATM 1050 O  O   . HOH I 6 .   ? 25.814  1.737   1.300   1.00 18.21 ? 811 HOH A O   1 
HETATM 1051 O  O   . HOH I 6 .   ? -3.414  5.360   10.599  1.00 21.80 ? 812 HOH A O   1 
HETATM 1052 O  O   . HOH I 6 .   ? -1.304  10.685  -2.185  1.00 11.50 ? 813 HOH A O   1 
HETATM 1053 O  O   . HOH I 6 .   ? 8.525   -3.470  -4.856  1.00 10.52 ? 814 HOH A O   1 
HETATM 1054 O  O   . HOH I 6 .   ? 18.381  -5.561  0.478   1.00 28.84 ? 815 HOH A O   1 
HETATM 1055 O  O   . HOH I 6 .   ? 21.172  -1.006  6.191   1.00 29.73 ? 816 HOH A O   1 
HETATM 1056 O  O   . HOH I 6 .   ? 17.575  19.773  -2.508  1.00 15.41 ? 817 HOH A O   1 
HETATM 1057 O  O   . HOH I 6 .   ? 13.131  2.304   -15.131 1.00 15.06 ? 818 HOH A O   1 
HETATM 1058 O  O   . HOH I 6 .   ? 25.679  1.527   -1.493  1.00 8.81  ? 819 HOH A O   1 
HETATM 1059 O  O   . HOH I 6 .   ? -9.321  -2.444  15.096  1.00 25.77 ? 820 HOH A O   1 
HETATM 1060 O  O   . HOH I 6 .   ? 7.757   -7.328  -6.833  1.00 16.97 ? 821 HOH A O   1 
HETATM 1061 O  O   . HOH I 6 .   ? 1.928   15.628  6.633   1.00 24.56 ? 822 HOH A O   1 
HETATM 1062 O  O   . HOH I 6 .   ? 12.201  13.099  -6.114  1.00 30.12 ? 823 HOH A O   1 
HETATM 1063 O  O   . HOH I 6 .   ? 11.777  10.789  7.489   1.00 33.31 ? 824 HOH A O   1 
HETATM 1064 O  O   . HOH I 6 .   ? 22.346  20.444  -9.644  1.00 23.69 ? 825 HOH A O   1 
HETATM 1065 O  O   . HOH I 6 .   ? 7.497   -0.281  7.173   1.00 14.67 ? 826 HOH A O   1 
HETATM 1066 O  O   . HOH I 6 .   ? 20.554  6.212   -11.125 1.00 13.37 ? 827 HOH A O   1 
HETATM 1067 O  O   . HOH I 6 .   ? 16.706  20.089  -6.415  1.00 16.78 ? 828 HOH A O   1 
HETATM 1068 O  O   . HOH I 6 .   ? 21.526  4.148   -7.471  1.00 10.84 ? 829 HOH A O   1 
HETATM 1069 O  O   . HOH I 6 .   ? 3.955   16.101  0.654   1.00 15.77 ? 830 HOH A O   1 
HETATM 1070 O  O   . HOH I 6 .   ? -7.952  10.239  1.572   1.00 14.72 ? 831 HOH A O   1 
HETATM 1071 O  O   . HOH I 6 .   ? -2.697  5.327   -9.645  1.00 14.72 ? 832 HOH A O   1 
HETATM 1072 O  O   . HOH I 6 .   ? 4.745   -6.168  5.240   1.00 14.87 ? 833 HOH A O   1 
HETATM 1073 O  O   . HOH I 6 .   ? 15.540  11.003  -4.728  1.00 7.89  ? 834 HOH A O   1 
HETATM 1074 O  O   . HOH I 6 .   ? 2.486   -7.824  5.387   1.00 12.69 ? 835 HOH A O   1 
HETATM 1075 O  O   . HOH I 6 .   ? 9.796   -0.006  -2.239  1.00 9.16  ? 836 HOH A O   1 
HETATM 1076 O  O   . HOH I 6 .   ? -7.392  -3.155  17.308  1.00 23.72 ? 837 HOH A O   1 
HETATM 1077 O  O   . HOH I 6 .   ? 18.886  8.246   -5.033  1.00 14.77 ? 838 HOH A O   1 
HETATM 1078 O  O   . HOH I 6 .   ? -8.171  -13.750 -6.097  1.00 24.66 ? 839 HOH A O   1 
HETATM 1079 O  O   . HOH I 6 .   ? 16.960  17.333  -3.549  1.00 10.03 ? 840 HOH A O   1 
HETATM 1080 O  O   . HOH I 6 .   ? -3.662  12.370  -4.543  1.00 22.56 ? 841 HOH A O   1 
HETATM 1081 O  O   . HOH I 6 .   ? 19.011  7.316   -6.798  1.00 19.58 ? 842 HOH A O   1 
HETATM 1082 O  O   . HOH I 6 .   ? -5.645  11.443  -6.411  1.00 23.58 ? 843 HOH A O   1 
HETATM 1083 O  O   . HOH I 6 .   ? 13.806  -2.471  -14.002 1.00 20.70 ? 844 HOH A O   1 
HETATM 1084 O  O   . HOH I 6 .   ? 5.526   -8.369  2.524   1.00 18.75 ? 845 HOH A O   1 
HETATM 1085 O  O   . HOH I 6 .   ? 15.252  0.725   8.298   1.00 31.64 ? 846 HOH A O   1 
HETATM 1086 O  O   . HOH I 6 .   ? -11.547 7.171   2.974   1.00 29.77 ? 847 HOH A O   1 
HETATM 1087 O  O   . HOH I 6 .   ? -0.262  -1.120  -9.937  1.00 16.67 ? 848 HOH A O   1 
HETATM 1088 O  O   . HOH I 6 .   ? 5.087   2.361   9.673   1.00 28.01 ? 849 HOH A O   1 
HETATM 1089 O  O   . HOH I 6 .   ? 1.213   10.968  -3.310  1.00 11.66 ? 850 HOH A O   1 
HETATM 1090 O  O   . HOH I 6 .   ? 7.299   2.379   -6.567  1.00 8.60  ? 851 HOH A O   1 
HETATM 1091 O  O   . HOH I 6 .   ? 2.084   9.855   -5.748  1.00 13.32 ? 852 HOH A O   1 
HETATM 1092 O  O   . HOH I 6 .   ? 19.438  7.424   -13.228 1.00 12.42 ? 853 HOH A O   1 
HETATM 1093 O  O   . HOH I 6 .   ? 22.511  -3.182  -8.491  1.00 21.19 ? 854 HOH A O   1 
HETATM 1094 O  O   . HOH I 6 .   ? 5.786   8.641   8.552   1.00 27.31 ? 855 HOH A O   1 
HETATM 1095 O  O   . HOH I 6 .   ? -6.103  -17.073 -5.399  1.00 20.07 ? 856 HOH A O   1 
HETATM 1096 O  O   . HOH I 6 .   ? 9.509   -7.158  0.030   1.00 22.80 ? 857 HOH A O   1 
HETATM 1097 O  O   . HOH I 6 .   ? 19.551  6.724   0.041   1.00 10.51 ? 858 HOH A O   1 
HETATM 1098 O  O   . HOH I 6 .   ? 6.833   1.848   -3.978  1.00 9.64  ? 859 HOH A O   1 
HETATM 1099 O  O   . HOH I 6 .   ? -1.662  -13.293 -7.833  1.00 15.13 ? 860 HOH A O   1 
HETATM 1100 O  O   . HOH I 6 .   ? 0.298   -14.131 5.563   1.00 25.06 ? 861 HOH A O   1 
HETATM 1101 O  O   . HOH I 6 .   ? -0.557  15.462  2.713   1.00 23.52 ? 862 HOH A O   1 
HETATM 1102 O  O   . HOH I 6 .   ? 11.380  0.923   5.333   1.00 18.06 ? 863 HOH A O   1 
HETATM 1103 O  O   . HOH I 6 .   ? 12.390  -2.357  3.639   1.00 10.23 ? 864 HOH A O   1 
HETATM 1104 O  O   . HOH I 6 .   ? 5.132   3.607   -12.441 1.00 25.26 ? 865 HOH A O   1 
HETATM 1105 O  O   . HOH I 6 .   ? 20.912  -2.512  -4.630  1.00 12.52 ? 866 HOH A O   1 
HETATM 1106 O  O   . HOH I 6 .   ? 16.553  5.169   -18.410 1.00 14.04 ? 867 HOH A O   1 
HETATM 1107 O  O   . HOH I 6 .   ? 5.579   -2.197  7.442   1.00 12.12 ? 868 HOH A O   1 
HETATM 1108 O  O   . HOH I 6 .   ? 9.404   16.933  2.217   1.00 14.72 ? 869 HOH A O   1 
HETATM 1109 O  O   . HOH I 6 .   ? -6.201  1.422   9.669   1.00 27.76 ? 870 HOH A O   1 
HETATM 1110 O  O   . HOH I 6 .   ? -6.671  -11.111 -0.415  1.00 15.68 ? 871 HOH A O   1 
HETATM 1111 O  O   . HOH I 6 .   ? 18.338  6.724   4.855   1.00 26.55 ? 872 HOH A O   1 
HETATM 1112 O  O   . HOH I 6 .   ? 8.431   2.776   -1.986  1.00 9.07  ? 873 HOH A O   1 
HETATM 1113 O  O   . HOH I 6 .   ? 24.595  4.018   -1.869  1.00 11.75 ? 874 HOH A O   1 
HETATM 1114 O  O   . HOH I 6 .   ? -0.833  3.639   -8.271  1.00 13.84 ? 875 HOH A O   1 
HETATM 1115 O  O   . HOH I 6 .   ? 12.614  16.168  -6.714  1.00 11.60 ? 876 HOH A O   1 
HETATM 1116 O  O   . HOH I 6 .   ? -13.664 1.237   -3.818  1.00 27.57 ? 877 HOH A O   1 
HETATM 1117 O  O   . HOH I 6 .   ? 0.421   -10.908 10.961  1.00 28.73 ? 878 HOH A O   1 
HETATM 1118 O  O   . HOH I 6 .   ? 21.353  -2.774  -11.371 1.00 29.55 ? 879 HOH A O   1 
HETATM 1119 O  O   . HOH I 6 .   ? -15.717 -8.819  11.195  1.00 28.88 ? 880 HOH A O   1 
HETATM 1120 O  O   . HOH I 6 .   ? 9.200   -1.897  -12.252 1.00 19.83 ? 881 HOH A O   1 
HETATM 1121 O  O   . HOH I 6 .   ? -0.070  -6.801  -10.080 1.00 21.85 ? 882 HOH A O   1 
HETATM 1122 O  O   . HOH I 6 .   ? -20.701 -17.454 -4.443  1.00 27.23 ? 883 HOH A O   1 
HETATM 1123 O  O   . HOH I 6 .   ? 9.100   17.006  5.217   1.00 32.91 ? 884 HOH A O   1 
HETATM 1124 O  O   . HOH I 6 .   ? 22.826  -4.759  -1.790  1.00 19.80 ? 885 HOH A O   1 
HETATM 1125 O  O   . HOH I 6 .   ? -16.532 7.419   16.868  1.00 12.99 ? 886 HOH A O   1 
HETATM 1126 O  O   . HOH I 6 .   ? 2.585   -10.390 6.472   1.00 21.41 ? 887 HOH A O   1 
HETATM 1127 O  O   . HOH I 6 .   ? 12.384  -2.515  -6.116  1.00 12.41 ? 888 HOH A O   1 
HETATM 1128 O  O   . HOH I 6 .   ? 19.099  2.723   -17.247 1.00 20.86 ? 889 HOH A O   1 
HETATM 1129 O  O   . HOH I 6 .   ? 22.059  -0.737  -13.754 1.00 28.44 ? 890 HOH A O   1 
HETATM 1130 O  O   . HOH I 6 .   ? 6.938   12.385  9.130   1.00 38.50 ? 891 HOH A O   1 
HETATM 1131 O  O   . HOH I 6 .   ? 3.355   -10.301 -4.338  1.00 16.97 ? 892 HOH A O   1 
HETATM 1132 O  O   . HOH I 6 .   ? 9.119   -7.190  -3.046  1.00 21.75 ? 893 HOH A O   1 
HETATM 1133 O  O   . HOH I 6 .   ? -8.370  -14.338 2.070   1.00 19.46 ? 894 HOH A O   1 
HETATM 1134 O  O   . HOH I 6 .   ? -1.884  -2.927  -8.279  1.00 21.96 ? 895 HOH A O   1 
HETATM 1135 O  O   . HOH I 6 .   ? 11.196  5.582   6.800   1.00 17.96 ? 896 HOH A O   1 
HETATM 1136 O  O   . HOH I 6 .   ? -9.587  6.917   -2.922  1.00 20.64 ? 897 HOH A O   1 
HETATM 1137 O  O   . HOH I 6 .   ? 1.963   4.641   6.328   1.00 22.21 ? 898 HOH A O   1 
HETATM 1138 O  O   . HOH I 6 .   ? -0.491  6.153   6.774   1.00 20.66 ? 899 HOH A O   1 
HETATM 1139 O  O   . HOH I 6 .   ? -6.223  -12.369 11.910  1.00 27.82 ? 900 HOH A O   1 
HETATM 1140 O  O   . HOH I 6 .   ? -9.015  -8.079  8.835   1.00 22.88 ? 901 HOH A O   1 
HETATM 1141 O  O   . HOH I 6 .   ? 8.412   6.880   7.198   1.00 21.91 ? 902 HOH A O   1 
HETATM 1142 O  O   . HOH I 6 .   ? -11.847 2.872   3.056   1.00 21.87 ? 903 HOH A O   1 
HETATM 1143 O  O   . HOH I 6 .   ? -23.709 -5.518  10.842  1.00 32.61 ? 904 HOH A O   1 
HETATM 1144 O  O   . HOH I 6 .   ? -2.116  9.060   7.872   1.00 18.82 ? 905 HOH A O   1 
HETATM 1145 O  O   . HOH I 6 .   ? -15.602 3.848   8.596   1.00 22.28 ? 906 HOH A O   1 
HETATM 1146 O  O   . HOH I 6 .   ? -11.530 6.543   -0.926  1.00 27.13 ? 907 HOH A O   1 
HETATM 1147 O  O   . HOH I 6 .   ? -17.310 -12.996 -1.234  1.00 36.66 ? 908 HOH A O   1 
HETATM 1148 O  O   . HOH I 6 .   ? 17.229  11.584  -2.612  1.00 7.83  ? 909 HOH A O   1 
HETATM 1149 O  O   . HOH I 6 .   ? 16.477  17.111  1.704   1.00 10.71 ? 910 HOH A O   1 
HETATM 1150 O  O   . HOH I 6 .   ? -4.079  11.699  7.359   1.00 19.55 ? 911 HOH A O   1 
HETATM 1151 O  O   . HOH I 6 .   ? 4.795   -5.774  -11.470 1.00 35.88 ? 912 HOH A O   1 
HETATM 1152 O  O   . HOH I 6 .   ? 4.854   -6.983  -8.881  1.00 27.54 ? 913 HOH A O   1 
HETATM 1153 O  O   . HOH I 6 .   ? 14.906  -1.533  4.808   1.00 17.69 ? 914 HOH A O   1 
HETATM 1154 O  O   . HOH I 6 .   ? 2.878   -7.908  -1.397  1.00 19.68 ? 915 HOH A O   1 
HETATM 1155 O  O   . HOH I 6 .   ? -6.477  -18.404 -2.994  1.00 19.43 ? 916 HOH A O   1 
HETATM 1156 O  O   . HOH I 6 .   ? 16.818  14.557  3.824   1.00 18.76 ? 917 HOH A O   1 
HETATM 1157 O  O   . HOH I 6 .   ? 4.223   5.268   7.717   1.00 26.82 ? 918 HOH A O   1 
HETATM 1158 O  O   . HOH I 6 .   ? 10.017  -1.225  -5.021  1.00 10.31 ? 919 HOH A O   1 
HETATM 1159 O  O   . HOH I 6 .   ? -9.850  9.384   -4.604  1.00 33.70 ? 920 HOH A O   1 
HETATM 1160 O  O   . HOH I 6 .   ? 4.205   -9.041  0.627   1.00 28.94 ? 921 HOH A O   1 
HETATM 1161 O  O   . HOH I 6 .   ? 16.166  -6.654  -0.659  1.00 34.57 ? 922 HOH A O   1 
HETATM 1162 O  O   . HOH I 6 .   ? -6.259  -6.909  11.033  1.00 16.09 ? 923 HOH A O   1 
HETATM 1163 O  O   . HOH I 6 .   ? -9.211  -11.534 8.417   1.00 26.99 ? 924 HOH A O   1 
HETATM 1164 O  O   . HOH I 6 .   ? -15.610 -6.880  13.474  1.00 29.47 ? 925 HOH A O   1 
HETATM 1165 O  O   . HOH I 6 .   ? 10.575  1.626   -11.920 1.00 15.72 ? 926 HOH A O   1 
HETATM 1166 O  O   . HOH I 6 .   ? -11.823 -22.985 -1.765  1.00 26.73 ? 927 HOH A O   1 
HETATM 1167 O  O   . HOH I 6 .   ? 0.542   9.919   -14.483 1.00 28.63 ? 928 HOH A O   1 
HETATM 1168 O  O   . HOH I 6 .   ? -0.948  12.983  -5.421  1.00 29.90 ? 929 HOH A O   1 
HETATM 1169 O  O   . HOH I 6 .   ? -9.003  2.908   12.204  1.00 18.62 ? 930 HOH A O   1 
HETATM 1170 O  O   . HOH I 6 .   ? 5.917   -5.242  10.074  1.00 40.84 ? 931 HOH A O   1 
HETATM 1171 O  O   . HOH I 6 .   ? -3.554  -15.533 3.840   1.00 27.02 ? 932 HOH A O   1 
HETATM 1172 O  O   . HOH I 6 .   ? 0.712   0.792   -16.699 1.00 26.00 ? 933 HOH A O   1 
HETATM 1173 O  O   . HOH I 6 .   ? -12.486 -13.188 5.128   1.00 20.16 ? 934 HOH A O   1 
HETATM 1174 O  O   . HOH I 6 .   ? -18.252 -10.647 9.218   1.00 29.95 ? 935 HOH A O   1 
HETATM 1175 O  O   . HOH I 6 .   ? 8.427   18.965  -4.900  1.00 16.02 ? 936 HOH A O   1 
HETATM 1176 O  O   . HOH I 6 .   ? 4.093   -1.555  9.765   1.00 24.91 ? 937 HOH A O   1 
HETATM 1177 O  O   . HOH I 6 .   ? 1.982   -13.897 0.939   1.00 31.27 ? 938 HOH A O   1 
HETATM 1178 O  O   . HOH I 6 .   ? 16.893  3.444   2.120   1.00 33.15 ? 939 HOH A O   1 
HETATM 1179 O  O   . HOH I 6 .   ? 16.162  23.711  -2.509  1.00 31.29 ? 940 HOH A O   1 
HETATM 1180 O  O   . HOH I 6 .   ? 24.774  5.827   0.032   1.00 24.16 ? 941 HOH A O   1 
HETATM 1181 O  O   . HOH I 6 .   ? 5.300   -10.550 4.603   1.00 31.91 ? 942 HOH A O   1 
HETATM 1182 O  O   . HOH I 6 .   ? 2.179   -12.984 -4.138  1.00 27.27 ? 943 HOH A O   1 
HETATM 1183 O  O   . HOH I 6 .   ? 0.716   -1.691  11.159  1.00 43.13 ? 944 HOH A O   1 
HETATM 1184 O  O   . HOH I 6 .   ? -1.272  -3.983  -10.815 1.00 27.64 ? 945 HOH A O   1 
HETATM 1185 O  O   . HOH I 6 .   ? -13.598 0.446   2.777   1.00 41.70 ? 946 HOH A O   1 
HETATM 1186 O  O   . HOH I 6 .   ? 20.793  3.186   5.822   1.00 27.38 ? 947 HOH A O   1 
HETATM 1187 O  O   . HOH I 6 .   ? 8.425   -7.718  5.097   1.00 32.59 ? 948 HOH A O   1 
HETATM 1188 O  O   . HOH I 6 .   ? -9.671  -14.673 4.720   1.00 30.90 ? 949 HOH A O   1 
HETATM 1189 O  O   . HOH I 6 .   ? -2.712  11.635  9.946   1.00 36.43 ? 950 HOH A O   1 
HETATM 1190 O  O   . HOH I 6 .   ? 8.257   -8.091  2.226   1.00 24.78 ? 951 HOH A O   1 
HETATM 1191 O  O   . HOH I 6 .   ? 24.181  3.536   -7.566  1.00 15.56 ? 952 HOH A O   1 
HETATM 1192 O  O   . HOH I 6 .   ? 3.261   -13.923 5.528   1.00 31.33 ? 953 HOH A O   1 
HETATM 1193 O  O   . HOH I 6 .   ? 12.340  2.782   7.285   1.00 35.32 ? 954 HOH A O   1 
HETATM 1194 O  O   . HOH I 6 .   ? -4.060  -3.122  18.273  1.00 30.60 ? 955 HOH A O   1 
HETATM 1195 O  O   . HOH I 6 .   ? 4.489   19.057  -3.520  1.00 25.66 ? 956 HOH A O   1 
HETATM 1196 O  O   . HOH I 6 .   ? 1.586   -5.756  -12.600 1.00 41.26 ? 957 HOH A O   1 
HETATM 1197 O  O   . HOH I 6 .   ? 1.191   3.484   -17.741 1.00 25.27 ? 958 HOH A O   1 
HETATM 1198 O  O   . HOH I 6 .   ? -4.554  -7.722  13.497  1.00 33.44 ? 959 HOH A O   1 
HETATM 1199 O  O   . HOH I 6 .   ? -13.183 -0.860  -5.682  0.50 12.95 ? 960 HOH A O   1 
HETATM 1200 O  O   . HOH I 6 .   ? 6.400   -4.857  7.121   1.00 21.44 ? 961 HOH A O   1 
HETATM 1201 O  O   . HOH I 6 .   ? 9.301   -5.466  6.821   1.00 33.49 ? 962 HOH A O   1 
HETATM 1202 O  O   . HOH I 6 .   ? 19.235  4.357   3.780   1.00 21.07 ? 963 HOH A O   1 
HETATM 1203 O  O   . HOH I 6 .   ? 3.341   -0.577  -16.513 1.00 24.41 ? 964 HOH A O   1 
HETATM 1204 O  O   . HOH I 6 .   ? 11.198  -1.619  -14.299 1.00 20.05 ? 965 HOH A O   1 
HETATM 1205 O  O   . HOH I 6 .   ? -2.067  -18.712 -5.544  1.00 37.65 ? 966 HOH A O   1 
HETATM 1206 O  O   . HOH I 6 .   ? -10.597 9.570   1.849   1.00 22.32 ? 967 HOH A O   1 
HETATM 1207 O  O   . HOH I 6 .   ? 9.652   -5.906  -5.411  1.00 15.22 ? 968 HOH A O   1 
HETATM 1208 O  O   . HOH I 6 .   ? 13.485  -4.197  7.792   1.00 33.07 ? 969 HOH A O   1 
HETATM 1209 O  O   . HOH I 6 .   ? -5.251  3.974   13.178  1.00 26.82 ? 970 HOH A O   1 
HETATM 1210 O  O   . HOH I 6 .   ? -2.186  -20.394 -1.550  1.00 28.30 ? 971 HOH A O   1 
HETATM 1211 O  O   . HOH I 6 .   ? 10.656  1.034   -14.817 1.00 26.71 ? 972 HOH A O   1 
HETATM 1212 O  O   . HOH I 6 .   ? 1.859   -15.800 12.851  1.00 24.35 ? 973 HOH A O   1 
HETATM 1213 O  O   . HOH I 6 .   ? 21.815  19.623  -2.316  1.00 31.36 ? 974 HOH A O   1 
HETATM 1214 O  O   . HOH I 6 .   ? 7.113   15.987  2.984   1.00 28.55 ? 975 HOH A O   1 
HETATM 1215 O  O   . HOH I 6 .   ? 10.158  -0.829  7.209   1.00 16.40 ? 976 HOH A O   1 
HETATM 1216 O  O   . HOH I 6 .   ? 4.803   -10.008 -1.844  1.00 24.51 ? 977 HOH A O   1 
HETATM 1217 O  O   . HOH I 6 .   ? 7.594   -9.881  -5.571  1.00 22.94 ? 978 HOH A O   1 
HETATM 1218 O  O   . HOH I 6 .   ? 20.952  -5.235  -5.464  1.00 18.97 ? 979 HOH A O   1 
HETATM 1219 O  O   . HOH I 6 .   ? 14.393  12.911  -6.691  0.50 10.75 ? 980 HOH A O   1 
HETATM 1220 O  O   . HOH I 6 .   ? 11.346  -3.171  6.175   1.00 21.51 ? 981 HOH A O   1 
HETATM 1221 O  O   . HOH I 6 .   ? 5.901   -1.730  -16.420 1.00 23.18 ? 982 HOH A O   1 
HETATM 1222 O  O   . HOH I 6 .   ? 12.165  -5.186  -6.238  1.00 17.38 ? 983 HOH A O   1 
HETATM 1223 O  O   . HOH I 6 .   ? -8.923  -7.834  11.857  1.00 36.81 ? 984 HOH A O   1 
HETATM 1224 O  O   . HOH I 6 .   ? 5.001   -10.588 -6.727  1.00 37.03 ? 985 HOH A O   1 
HETATM 1225 O  O   . HOH I 6 .   ? -20.954 0.325   17.383  1.00 18.29 ? 986 HOH A O   1 
HETATM 1226 O  O   . HOH I 6 .   ? 11.662  -5.899  -9.058  1.00 28.81 ? 987 HOH A O   1 
HETATM 1227 O  O   . HOH I 6 .   ? 18.886  15.942  -2.360  0.50 12.34 ? 988 HOH A O   1 
HETATM 1228 O  O   . HOH I 6 .   ? 7.397   -9.427  -2.585  1.00 24.05 ? 989 HOH A O   1 
HETATM 1229 O  O   . HOH I 6 .   ? 20.037  -7.327  -3.573  1.00 29.43 ? 990 HOH A O   1 
# 
